data_5NEO
# 
_entry.id   5NEO 
# 
_audit_conform.dict_name       mmcif_pdbx.dic 
_audit_conform.dict_version    5.391 
_audit_conform.dict_location   http://mmcif.pdb.org/dictionaries/ascii/mmcif_pdbx.dic 
# 
loop_
_database_2.database_id 
_database_2.database_code 
_database_2.pdbx_database_accession 
_database_2.pdbx_DOI 
PDB   5NEO         pdb_00005neo 10.2210/pdb5neo/pdb 
WWPDB D_1200003984 ?            ?                   
# 
loop_
_pdbx_audit_revision_history.ordinal 
_pdbx_audit_revision_history.data_content_type 
_pdbx_audit_revision_history.major_revision 
_pdbx_audit_revision_history.minor_revision 
_pdbx_audit_revision_history.revision_date 
1 'Structure model' 1 0 2017-05-31 
2 'Structure model' 1 1 2017-07-05 
3 'Structure model' 1 2 2017-08-30 
4 'Structure model' 2 0 2019-03-20 
5 'Structure model' 2 1 2019-07-10 
6 'Structure model' 2 2 2024-05-08 
# 
_pdbx_audit_revision_details.ordinal             1 
_pdbx_audit_revision_details.revision_ordinal    1 
_pdbx_audit_revision_details.data_content_type   'Structure model' 
_pdbx_audit_revision_details.provider            repository 
_pdbx_audit_revision_details.type                'Initial release' 
_pdbx_audit_revision_details.description         ? 
_pdbx_audit_revision_details.details             ? 
# 
loop_
_pdbx_audit_revision_group.ordinal 
_pdbx_audit_revision_group.revision_ordinal 
_pdbx_audit_revision_group.data_content_type 
_pdbx_audit_revision_group.group 
1 2 'Structure model' 'Database references'        
2 3 'Structure model' 'Author supporting evidence' 
3 4 'Structure model' 'Atomic model'               
4 4 'Structure model' 'Data collection'            
5 4 'Structure model' 'Derived calculations'       
6 4 'Structure model' 'Structure summary'          
7 5 'Structure model' 'Data collection'            
8 6 'Structure model' 'Data collection'            
9 6 'Structure model' 'Database references'        
# 
loop_
_pdbx_audit_revision_category.ordinal 
_pdbx_audit_revision_category.revision_ordinal 
_pdbx_audit_revision_category.data_content_type 
_pdbx_audit_revision_category.category 
1  2 'Structure model' citation                  
2  3 'Structure model' pdbx_audit_support        
3  4 'Structure model' atom_site                 
4  4 'Structure model' diffrn_source             
5  4 'Structure model' pdbx_struct_assembly      
6  4 'Structure model' pdbx_struct_assembly_gen  
7  4 'Structure model' pdbx_struct_assembly_prop 
8  4 'Structure model' pdbx_struct_oper_list     
9  4 'Structure model' struct_keywords           
10 5 'Structure model' diffrn_source             
11 6 'Structure model' chem_comp_atom            
12 6 'Structure model' chem_comp_bond            
13 6 'Structure model' database_2                
# 
loop_
_pdbx_audit_revision_item.ordinal 
_pdbx_audit_revision_item.revision_ordinal 
_pdbx_audit_revision_item.data_content_type 
_pdbx_audit_revision_item.item 
1  2 'Structure model' '_citation.country'                        
2  2 'Structure model' '_citation.journal_volume'                 
3  2 'Structure model' '_citation.page_first'                     
4  2 'Structure model' '_citation.page_last'                      
5  3 'Structure model' '_pdbx_audit_support.funding_organization' 
6  4 'Structure model' '_atom_site.occupancy'                     
7  4 'Structure model' '_diffrn_source.pdbx_synchrotron_site'     
8  4 'Structure model' '_pdbx_struct_assembly.details'            
9  4 'Structure model' '_pdbx_struct_assembly.method_details'     
10 4 'Structure model' '_pdbx_struct_assembly.oligomeric_count'   
11 4 'Structure model' '_pdbx_struct_assembly.oligomeric_details' 
12 4 'Structure model' '_struct_keywords.text'                    
13 5 'Structure model' '_diffrn_source.pdbx_synchrotron_site'     
14 6 'Structure model' '_database_2.pdbx_DOI'                     
15 6 'Structure model' '_database_2.pdbx_database_accession'      
# 
_pdbx_database_status.status_code                     REL 
_pdbx_database_status.status_code_sf                  REL 
_pdbx_database_status.status_code_mr                  ? 
_pdbx_database_status.entry_id                        5NEO 
_pdbx_database_status.recvd_initial_deposition_date   2017-03-11 
_pdbx_database_status.SG_entry                        N 
_pdbx_database_status.deposit_site                    PDBE 
_pdbx_database_status.process_site                    PDBE 
_pdbx_database_status.status_code_cs                  ? 
_pdbx_database_status.methods_development_category    ? 
_pdbx_database_status.pdb_format_compatible           Y 
_pdbx_database_status.status_code_nmr_data            ? 
# 
loop_
_audit_author.name 
_audit_author.pdbx_ordinal 
_audit_author.identifier_ORCID 
'Huang, L.'      1 ? 
'Wang, J.'       2 ? 
'Lilley, D.M.J.' 3 ? 
# 
_citation.abstract                  ? 
_citation.abstract_id_CAS           ? 
_citation.book_id_ISBN              ? 
_citation.book_publisher            ? 
_citation.book_publisher_city       ? 
_citation.book_title                ? 
_citation.coordinate_linkage        ? 
_citation.country                   US 
_citation.database_id_Medline       ? 
_citation.details                   ? 
_citation.id                        primary 
_citation.journal_abbrev            'Cell Chem Biol' 
_citation.journal_id_ASTM           ? 
_citation.journal_id_CSD            ? 
_citation.journal_id_ISSN           2451-9456 
_citation.journal_full              ? 
_citation.journal_issue             ? 
_citation.journal_volume            24 
_citation.language                  ? 
_citation.page_first                695 
_citation.page_last                 702.e2 
_citation.title                     'The Structure of the Guanidine-II Riboswitch.' 
_citation.year                      2017 
_citation.database_id_CSD           ? 
_citation.pdbx_database_id_DOI      10.1016/j.chembiol.2017.05.014 
_citation.pdbx_database_id_PubMed   28529131 
_citation.unpublished_flag          ? 
# 
loop_
_citation_author.citation_id 
_citation_author.name 
_citation_author.ordinal 
_citation_author.identifier_ORCID 
primary 'Huang, L.'      1 ? 
primary 'Wang, J.'       2 ? 
primary 'Lilley, D.M.J.' 3 ? 
# 
loop_
_entity.id 
_entity.type 
_entity.src_method 
_entity.pdbx_description 
_entity.formula_weight 
_entity.pdbx_number_of_molecules 
_entity.pdbx_ec 
_entity.pdbx_mutation 
_entity.pdbx_fragment 
_entity.details 
1 polymer     syn 
;RNA (5'-R(*GP*GP*UP*GP*GP*GP*GP*AP*CP*GP*AP*CP*CP*CP*CP*AP*(CBV)P*C)-3')
;
5880.434 1  ? ? ? ? 
2 non-polymer syn 'SULFATE ION'                                                              96.063   1  ? ? ? ? 
3 non-polymer syn 'SODIUM ION'                                                               22.990   2  ? ? ? ? 
4 non-polymer syn 'AMMONIUM ION'                                                             18.038   1  ? ? ? ? 
5 water       nat water                                                                      18.015   25 ? ? ? ? 
# 
_entity_poly.entity_id                      1 
_entity_poly.type                           polyribonucleotide 
_entity_poly.nstd_linkage                   no 
_entity_poly.nstd_monomer                   yes 
_entity_poly.pdbx_seq_one_letter_code       'GGUGGGGACGACCCCA(CBV)C' 
_entity_poly.pdbx_seq_one_letter_code_can   GGUGGGGACGACCCCACC 
_entity_poly.pdbx_strand_id                 A 
_entity_poly.pdbx_target_identifier         ? 
# 
loop_
_pdbx_entity_nonpoly.entity_id 
_pdbx_entity_nonpoly.name 
_pdbx_entity_nonpoly.comp_id 
2 'SULFATE ION'  SO4 
3 'SODIUM ION'   NA  
4 'AMMONIUM ION' NH4 
5 water          HOH 
# 
loop_
_entity_poly_seq.entity_id 
_entity_poly_seq.num 
_entity_poly_seq.mon_id 
_entity_poly_seq.hetero 
1 1  G   n 
1 2  G   n 
1 3  U   n 
1 4  G   n 
1 5  G   n 
1 6  G   n 
1 7  G   n 
1 8  A   n 
1 9  C   n 
1 10 G   n 
1 11 A   n 
1 12 C   n 
1 13 C   n 
1 14 C   n 
1 15 C   n 
1 16 A   n 
1 17 CBV n 
1 18 C   n 
# 
_pdbx_entity_src_syn.entity_id              1 
_pdbx_entity_src_syn.pdbx_src_id            1 
_pdbx_entity_src_syn.pdbx_alt_source_flag   sample 
_pdbx_entity_src_syn.pdbx_beg_seq_num       1 
_pdbx_entity_src_syn.pdbx_end_seq_num       18 
_pdbx_entity_src_syn.organism_scientific    'Gloeobacter violaceus' 
_pdbx_entity_src_syn.organism_common_name   ? 
_pdbx_entity_src_syn.ncbi_taxonomy_id       33072 
_pdbx_entity_src_syn.details                ? 
# 
loop_
_chem_comp.id 
_chem_comp.type 
_chem_comp.mon_nstd_flag 
_chem_comp.name 
_chem_comp.pdbx_synonyms 
_chem_comp.formula 
_chem_comp.formula_weight 
A   'RNA linking' y "ADENOSINE-5'-MONOPHOSPHATE"                ? 'C10 H14 N5 O7 P'   347.221 
C   'RNA linking' y "CYTIDINE-5'-MONOPHOSPHATE"                 ? 'C9 H14 N3 O8 P'    323.197 
CBV 'RNA linking' n 
;5-BROMOCYTIDINE 5'-(DIHYDROGEN PHOSPHATE)
;
? 'C9 H13 Br N3 O8 P' 402.093 
G   'RNA linking' y "GUANOSINE-5'-MONOPHOSPHATE"                ? 'C10 H14 N5 O8 P'   363.221 
HOH non-polymer   . WATER                                       ? 'H2 O'              18.015  
NA  non-polymer   . 'SODIUM ION'                                ? 'Na 1'              22.990  
NH4 non-polymer   . 'AMMONIUM ION'                              ? 'H4 N 1'            18.038  
SO4 non-polymer   . 'SULFATE ION'                               ? 'O4 S -2'           96.063  
U   'RNA linking' y "URIDINE-5'-MONOPHOSPHATE"                  ? 'C9 H13 N2 O9 P'    324.181 
# 
loop_
_pdbx_poly_seq_scheme.asym_id 
_pdbx_poly_seq_scheme.entity_id 
_pdbx_poly_seq_scheme.seq_id 
_pdbx_poly_seq_scheme.mon_id 
_pdbx_poly_seq_scheme.ndb_seq_num 
_pdbx_poly_seq_scheme.pdb_seq_num 
_pdbx_poly_seq_scheme.auth_seq_num 
_pdbx_poly_seq_scheme.pdb_mon_id 
_pdbx_poly_seq_scheme.auth_mon_id 
_pdbx_poly_seq_scheme.pdb_strand_id 
_pdbx_poly_seq_scheme.pdb_ins_code 
_pdbx_poly_seq_scheme.hetero 
A 1 1  G   1  1  1  G   G   A . n 
A 1 2  G   2  2  2  G   G   A . n 
A 1 3  U   3  3  3  U   U   A . n 
A 1 4  G   4  4  4  G   G   A . n 
A 1 5  G   5  5  5  G   G   A . n 
A 1 6  G   6  6  6  G   G   A . n 
A 1 7  G   7  7  7  G   G   A . n 
A 1 8  A   8  8  8  A   A   A . n 
A 1 9  C   9  9  9  C   C   A . n 
A 1 10 G   10 10 10 G   G   A . n 
A 1 11 A   11 11 11 A   A   A . n 
A 1 12 C   12 12 12 C   C   A . n 
A 1 13 C   13 13 13 C   C   A . n 
A 1 14 C   14 14 14 C   C   A . n 
A 1 15 C   15 15 15 C   C   A . n 
A 1 16 A   16 16 16 A   A   A . n 
A 1 17 CBV 17 17 17 CBV CBV A . n 
A 1 18 C   18 18 18 C   C   A . n 
# 
loop_
_pdbx_nonpoly_scheme.asym_id 
_pdbx_nonpoly_scheme.entity_id 
_pdbx_nonpoly_scheme.mon_id 
_pdbx_nonpoly_scheme.ndb_seq_num 
_pdbx_nonpoly_scheme.pdb_seq_num 
_pdbx_nonpoly_scheme.auth_seq_num 
_pdbx_nonpoly_scheme.pdb_mon_id 
_pdbx_nonpoly_scheme.auth_mon_id 
_pdbx_nonpoly_scheme.pdb_strand_id 
_pdbx_nonpoly_scheme.pdb_ins_code 
B 2 SO4 1  101 2  SO4 SO4 A . 
C 3 NA  1  102 1  NA  NA  A . 
D 3 NA  1  103 3  NA  NA  A . 
E 4 NH4 1  104 1  NH4 NH4 A . 
F 5 HOH 1  201 21 HOH HOH A . 
F 5 HOH 2  202 14 HOH HOH A . 
F 5 HOH 3  203 15 HOH HOH A . 
F 5 HOH 4  204 19 HOH HOH A . 
F 5 HOH 5  205 20 HOH HOH A . 
F 5 HOH 6  206 6  HOH HOH A . 
F 5 HOH 7  207 8  HOH HOH A . 
F 5 HOH 8  208 23 HOH HOH A . 
F 5 HOH 9  209 18 HOH HOH A . 
F 5 HOH 10 210 10 HOH HOH A . 
F 5 HOH 11 211 25 HOH HOH A . 
F 5 HOH 12 212 5  HOH HOH A . 
F 5 HOH 13 213 7  HOH HOH A . 
F 5 HOH 14 214 9  HOH HOH A . 
F 5 HOH 15 215 11 HOH HOH A . 
F 5 HOH 16 216 2  HOH HOH A . 
F 5 HOH 17 217 4  HOH HOH A . 
F 5 HOH 18 218 1  HOH HOH A . 
F 5 HOH 19 219 17 HOH HOH A . 
F 5 HOH 20 220 24 HOH HOH A . 
F 5 HOH 21 221 12 HOH HOH A . 
F 5 HOH 22 222 16 HOH HOH A . 
F 5 HOH 23 223 3  HOH HOH A . 
F 5 HOH 24 224 13 HOH HOH A . 
F 5 HOH 25 225 22 HOH HOH A . 
# 
loop_
_software.citation_id 
_software.classification 
_software.compiler_name 
_software.compiler_version 
_software.contact_author 
_software.contact_author_email 
_software.date 
_software.description 
_software.dependencies 
_software.hardware 
_software.language 
_software.location 
_software.mods 
_software.name 
_software.os 
_software.os_version 
_software.type 
_software.version 
_software.pdbx_ordinal 
? refinement       ? ? ? ? ? ? ? ? ? ? ? PHENIX ? ? ? '(dev_2219: ???)' 1 
? 'data reduction' ? ? ? ? ? ? ? ? ? ? ? xia2   ? ? ? .                 2 
? 'data scaling'   ? ? ? ? ? ? ? ? ? ? ? xia2   ? ? ? .                 3 
? phasing          ? ? ? ? ? ? ? ? ? ? ? PHENIX ? ? ? .                 4 
# 
_cell.angle_alpha                  90.00 
_cell.angle_alpha_esd              ? 
_cell.angle_beta                   90.00 
_cell.angle_beta_esd               ? 
_cell.angle_gamma                  120.00 
_cell.angle_gamma_esd              ? 
_cell.entry_id                     5NEO 
_cell.details                      ? 
_cell.formula_units_Z              ? 
_cell.length_a                     55.302 
_cell.length_a_esd                 ? 
_cell.length_b                     55.302 
_cell.length_b_esd                 ? 
_cell.length_c                     130.164 
_cell.length_c_esd                 ? 
_cell.volume                       ? 
_cell.volume_esd                   ? 
_cell.Z_PDB                        18 
_cell.reciprocal_angle_alpha       ? 
_cell.reciprocal_angle_beta        ? 
_cell.reciprocal_angle_gamma       ? 
_cell.reciprocal_angle_alpha_esd   ? 
_cell.reciprocal_angle_beta_esd    ? 
_cell.reciprocal_angle_gamma_esd   ? 
_cell.reciprocal_length_a          ? 
_cell.reciprocal_length_b          ? 
_cell.reciprocal_length_c          ? 
_cell.reciprocal_length_a_esd      ? 
_cell.reciprocal_length_b_esd      ? 
_cell.reciprocal_length_c_esd      ? 
_cell.pdbx_unique_axis             ? 
# 
_symmetry.entry_id                         5NEO 
_symmetry.cell_setting                     ? 
_symmetry.Int_Tables_number                155 
_symmetry.space_group_name_Hall            ? 
_symmetry.space_group_name_H-M             'H 3 2' 
_symmetry.pdbx_full_space_group_name_H-M   ? 
# 
_exptl.absorpt_coefficient_mu     ? 
_exptl.absorpt_correction_T_max   ? 
_exptl.absorpt_correction_T_min   ? 
_exptl.absorpt_correction_type    ? 
_exptl.absorpt_process_details    ? 
_exptl.entry_id                   5NEO 
_exptl.crystals_number            1 
_exptl.details                    ? 
_exptl.method                     'X-RAY DIFFRACTION' 
_exptl.method_details             ? 
# 
_exptl_crystal.colour                      ? 
_exptl_crystal.density_diffrn              ? 
_exptl_crystal.density_Matthews            3.26 
_exptl_crystal.density_method              ? 
_exptl_crystal.density_percent_sol         62.24 
_exptl_crystal.description                 ? 
_exptl_crystal.F_000                       ? 
_exptl_crystal.id                          1 
_exptl_crystal.preparation                 ? 
_exptl_crystal.size_max                    ? 
_exptl_crystal.size_mid                    ? 
_exptl_crystal.size_min                    ? 
_exptl_crystal.size_rad                    ? 
_exptl_crystal.colour_lustre               ? 
_exptl_crystal.colour_modifier             ? 
_exptl_crystal.colour_primary              ? 
_exptl_crystal.density_meas                ? 
_exptl_crystal.density_meas_esd            ? 
_exptl_crystal.density_meas_gt             ? 
_exptl_crystal.density_meas_lt             ? 
_exptl_crystal.density_meas_temp           ? 
_exptl_crystal.density_meas_temp_esd       ? 
_exptl_crystal.density_meas_temp_gt        ? 
_exptl_crystal.density_meas_temp_lt        ? 
_exptl_crystal.pdbx_crystal_image_url      ? 
_exptl_crystal.pdbx_crystal_image_format   ? 
_exptl_crystal.pdbx_mosaicity              ? 
_exptl_crystal.pdbx_mosaicity_esd          ? 
# 
_exptl_crystal_grow.apparatus       ? 
_exptl_crystal_grow.atmosphere      ? 
_exptl_crystal_grow.crystal_id      1 
_exptl_crystal_grow.details         ? 
_exptl_crystal_grow.method          'VAPOR DIFFUSION, HANGING DROP' 
_exptl_crystal_grow.method_ref      ? 
_exptl_crystal_grow.pH              5.6 
_exptl_crystal_grow.pressure        ? 
_exptl_crystal_grow.pressure_esd    ? 
_exptl_crystal_grow.seeding         ? 
_exptl_crystal_grow.seeding_ref     ? 
_exptl_crystal_grow.temp            293 
_exptl_crystal_grow.temp_details    ? 
_exptl_crystal_grow.temp_esd        ? 
_exptl_crystal_grow.time            ? 
_exptl_crystal_grow.pdbx_details    
;0.01 M Magnesium Acetate, 
0.05 M MES pH 5.6,  
2.5 M Ammonium Sulfate
;
_exptl_crystal_grow.pdbx_pH_range   ? 
# 
_diffrn.ambient_environment    ? 
_diffrn.ambient_temp           100 
_diffrn.ambient_temp_details   ? 
_diffrn.ambient_temp_esd       ? 
_diffrn.crystal_id             1 
_diffrn.crystal_support        ? 
_diffrn.crystal_treatment      ? 
_diffrn.details                ? 
_diffrn.id                     1 
_diffrn.ambient_pressure       ? 
_diffrn.ambient_pressure_esd   ? 
_diffrn.ambient_pressure_gt    ? 
_diffrn.ambient_pressure_lt    ? 
_diffrn.ambient_temp_gt        ? 
_diffrn.ambient_temp_lt        ? 
# 
_diffrn_detector.details                      ? 
_diffrn_detector.detector                     PIXEL 
_diffrn_detector.diffrn_id                    1 
_diffrn_detector.type                         'DECTRIS PILATUS 6M-F' 
_diffrn_detector.area_resol_mean              ? 
_diffrn_detector.dtime                        ? 
_diffrn_detector.pdbx_frames_total            ? 
_diffrn_detector.pdbx_collection_time_total   ? 
_diffrn_detector.pdbx_collection_date         2017-02-20 
# 
_diffrn_radiation.collimation                      ? 
_diffrn_radiation.diffrn_id                        1 
_diffrn_radiation.filter_edge                      ? 
_diffrn_radiation.inhomogeneity                    ? 
_diffrn_radiation.monochromator                    ? 
_diffrn_radiation.polarisn_norm                    ? 
_diffrn_radiation.polarisn_ratio                   ? 
_diffrn_radiation.probe                            ? 
_diffrn_radiation.type                             ? 
_diffrn_radiation.xray_symbol                      ? 
_diffrn_radiation.wavelength_id                    1 
_diffrn_radiation.pdbx_monochromatic_or_laue_m_l   M 
_diffrn_radiation.pdbx_wavelength_list             ? 
_diffrn_radiation.pdbx_wavelength                  ? 
_diffrn_radiation.pdbx_diffrn_protocol             'SINGLE WAVELENGTH' 
_diffrn_radiation.pdbx_analyzer                    ? 
_diffrn_radiation.pdbx_scattering_type             x-ray 
# 
_diffrn_radiation_wavelength.id           1 
_diffrn_radiation_wavelength.wavelength   0.92011 
_diffrn_radiation_wavelength.wt           1.0 
# 
_diffrn_source.current                     ? 
_diffrn_source.details                     ? 
_diffrn_source.diffrn_id                   1 
_diffrn_source.power                       ? 
_diffrn_source.size                        ? 
_diffrn_source.source                      SYNCHROTRON 
_diffrn_source.target                      ? 
_diffrn_source.type                        'DIAMOND BEAMLINE I04' 
_diffrn_source.voltage                     ? 
_diffrn_source.take-off_angle              ? 
_diffrn_source.pdbx_wavelength_list        0.92011 
_diffrn_source.pdbx_wavelength             ? 
_diffrn_source.pdbx_synchrotron_beamline   I04 
_diffrn_source.pdbx_synchrotron_site       Diamond 
# 
_reflns.B_iso_Wilson_estimate            ? 
_reflns.entry_id                         5NEO 
_reflns.data_reduction_details           ? 
_reflns.data_reduction_method            ? 
_reflns.d_resolution_high                1.69 
_reflns.d_resolution_low                 38.6 
_reflns.details                          ? 
_reflns.limit_h_max                      ? 
_reflns.limit_h_min                      ? 
_reflns.limit_k_max                      ? 
_reflns.limit_k_min                      ? 
_reflns.limit_l_max                      ? 
_reflns.limit_l_min                      ? 
_reflns.number_all                       ? 
_reflns.number_obs                       16551 
_reflns.observed_criterion               ? 
_reflns.observed_criterion_F_max         ? 
_reflns.observed_criterion_F_min         ? 
_reflns.observed_criterion_I_max         ? 
_reflns.observed_criterion_I_min         ? 
_reflns.observed_criterion_sigma_F       ? 
_reflns.observed_criterion_sigma_I       1.6 
_reflns.percent_possible_obs             99.9 
_reflns.R_free_details                   ? 
_reflns.Rmerge_F_all                     ? 
_reflns.Rmerge_F_obs                     ? 
_reflns.Friedel_coverage                 ? 
_reflns.number_gt                        ? 
_reflns.threshold_expression             ? 
_reflns.pdbx_redundancy                  19.04 
_reflns.pdbx_Rmerge_I_obs                0.066 
_reflns.pdbx_Rmerge_I_all                ? 
_reflns.pdbx_Rsym_value                  ? 
_reflns.pdbx_netI_over_av_sigmaI         ? 
_reflns.pdbx_netI_over_sigmaI            17.1 
_reflns.pdbx_res_netI_over_av_sigmaI_2   ? 
_reflns.pdbx_res_netI_over_sigmaI_2      ? 
_reflns.pdbx_chi_squared                 ? 
_reflns.pdbx_scaling_rejects             ? 
_reflns.pdbx_d_res_high_opt              ? 
_reflns.pdbx_d_res_low_opt               ? 
_reflns.pdbx_d_res_opt_method            ? 
_reflns.phase_calculation_details        ? 
_reflns.pdbx_Rrim_I_all                  ? 
_reflns.pdbx_Rpim_I_all                  0.016 
_reflns.pdbx_d_opt                       ? 
_reflns.pdbx_number_measured_all         ? 
_reflns.pdbx_diffrn_id                   1 
_reflns.pdbx_ordinal                     1 
_reflns.pdbx_CC_half                     0.95 
_reflns.pdbx_R_split                     ? 
# 
_reflns_shell.d_res_high                  1.69 
_reflns_shell.d_res_low                   1.72 
_reflns_shell.meanI_over_sigI_all         ? 
_reflns_shell.meanI_over_sigI_obs         1.6 
_reflns_shell.number_measured_all         ? 
_reflns_shell.number_measured_obs         ? 
_reflns_shell.number_possible             ? 
_reflns_shell.number_unique_all           ? 
_reflns_shell.number_unique_obs           422 
_reflns_shell.percent_possible_all        99.8 
_reflns_shell.percent_possible_obs        ? 
_reflns_shell.Rmerge_F_all                ? 
_reflns_shell.Rmerge_F_obs                ? 
_reflns_shell.Rmerge_I_all                ? 
_reflns_shell.Rmerge_I_obs                1.5 
_reflns_shell.meanI_over_sigI_gt          ? 
_reflns_shell.meanI_over_uI_all           ? 
_reflns_shell.meanI_over_uI_gt            ? 
_reflns_shell.number_measured_gt          ? 
_reflns_shell.number_unique_gt            ? 
_reflns_shell.percent_possible_gt         ? 
_reflns_shell.Rmerge_F_gt                 ? 
_reflns_shell.Rmerge_I_gt                 ? 
_reflns_shell.pdbx_redundancy             18.5 
_reflns_shell.pdbx_Rsym_value             ? 
_reflns_shell.pdbx_chi_squared            ? 
_reflns_shell.pdbx_netI_over_sigmaI_all   ? 
_reflns_shell.pdbx_netI_over_sigmaI_obs   ? 
_reflns_shell.pdbx_Rrim_I_all             ? 
_reflns_shell.pdbx_Rpim_I_all             0.432 
_reflns_shell.pdbx_rejects                ? 
_reflns_shell.pdbx_ordinal                1 
_reflns_shell.pdbx_diffrn_id              1 
_reflns_shell.pdbx_CC_half                0.956 
_reflns_shell.pdbx_R_split                ? 
# 
_refine.aniso_B[1][1]                            ? 
_refine.aniso_B[1][2]                            ? 
_refine.aniso_B[1][3]                            ? 
_refine.aniso_B[2][2]                            ? 
_refine.aniso_B[2][3]                            ? 
_refine.aniso_B[3][3]                            ? 
_refine.B_iso_max                                ? 
_refine.B_iso_mean                               ? 
_refine.B_iso_min                                ? 
_refine.correlation_coeff_Fo_to_Fc               ? 
_refine.correlation_coeff_Fo_to_Fc_free          ? 
_refine.details                                  ? 
_refine.diff_density_max                         ? 
_refine.diff_density_max_esd                     ? 
_refine.diff_density_min                         ? 
_refine.diff_density_min_esd                     ? 
_refine.diff_density_rms                         ? 
_refine.diff_density_rms_esd                     ? 
_refine.entry_id                                 5NEO 
_refine.pdbx_refine_id                           'X-RAY DIFFRACTION' 
_refine.ls_abs_structure_details                 ? 
_refine.ls_abs_structure_Flack                   ? 
_refine.ls_abs_structure_Flack_esd               ? 
_refine.ls_abs_structure_Rogers                  ? 
_refine.ls_abs_structure_Rogers_esd              ? 
_refine.ls_d_res_high                            1.690 
_refine.ls_d_res_low                             27.651 
_refine.ls_extinction_coef                       ? 
_refine.ls_extinction_coef_esd                   ? 
_refine.ls_extinction_expression                 ? 
_refine.ls_extinction_method                     ? 
_refine.ls_goodness_of_fit_all                   ? 
_refine.ls_goodness_of_fit_all_esd               ? 
_refine.ls_goodness_of_fit_obs                   ? 
_refine.ls_goodness_of_fit_obs_esd               ? 
_refine.ls_hydrogen_treatment                    ? 
_refine.ls_matrix_type                           ? 
_refine.ls_number_constraints                    ? 
_refine.ls_number_parameters                     ? 
_refine.ls_number_reflns_all                     ? 
_refine.ls_number_reflns_obs                     16551 
_refine.ls_number_reflns_R_free                  871 
_refine.ls_number_reflns_R_work                  ? 
_refine.ls_number_restraints                     ? 
_refine.ls_percent_reflns_obs                    99.42 
_refine.ls_percent_reflns_R_free                 5.26 
_refine.ls_R_factor_all                          ? 
_refine.ls_R_factor_obs                          0.2166 
_refine.ls_R_factor_R_free                       0.2303 
_refine.ls_R_factor_R_free_error                 ? 
_refine.ls_R_factor_R_free_error_details         ? 
_refine.ls_R_factor_R_work                       0.2156 
_refine.ls_R_Fsqd_factor_obs                     ? 
_refine.ls_R_I_factor_obs                        ? 
_refine.ls_redundancy_reflns_all                 ? 
_refine.ls_redundancy_reflns_obs                 ? 
_refine.ls_restrained_S_all                      ? 
_refine.ls_restrained_S_obs                      ? 
_refine.ls_shift_over_esd_max                    ? 
_refine.ls_shift_over_esd_mean                   ? 
_refine.ls_structure_factor_coef                 ? 
_refine.ls_weighting_details                     ? 
_refine.ls_weighting_scheme                      ? 
_refine.ls_wR_factor_all                         ? 
_refine.ls_wR_factor_obs                         ? 
_refine.ls_wR_factor_R_free                      ? 
_refine.ls_wR_factor_R_work                      ? 
_refine.occupancy_max                            ? 
_refine.occupancy_min                            ? 
_refine.solvent_model_details                    ? 
_refine.solvent_model_param_bsol                 ? 
_refine.solvent_model_param_ksol                 ? 
_refine.ls_R_factor_gt                           ? 
_refine.ls_goodness_of_fit_gt                    ? 
_refine.ls_goodness_of_fit_ref                   ? 
_refine.ls_shift_over_su_max                     ? 
_refine.ls_shift_over_su_max_lt                  ? 
_refine.ls_shift_over_su_mean                    ? 
_refine.ls_shift_over_su_mean_lt                 ? 
_refine.pdbx_ls_sigma_I                          ? 
_refine.pdbx_ls_sigma_F                          1.33 
_refine.pdbx_ls_sigma_Fsqd                       ? 
_refine.pdbx_data_cutoff_high_absF               ? 
_refine.pdbx_data_cutoff_high_rms_absF           ? 
_refine.pdbx_data_cutoff_low_absF                ? 
_refine.pdbx_isotropic_thermal_model             ? 
_refine.pdbx_ls_cross_valid_method               'FREE R-VALUE' 
_refine.pdbx_method_to_determine_struct          SAD 
_refine.pdbx_starting_model                      ? 
_refine.pdbx_stereochemistry_target_values       ? 
_refine.pdbx_R_Free_selection_details            ? 
_refine.pdbx_stereochem_target_val_spec_case     ? 
_refine.pdbx_overall_ESU_R                       ? 
_refine.pdbx_overall_ESU_R_Free                  ? 
_refine.pdbx_solvent_vdw_probe_radii             1.11 
_refine.pdbx_solvent_ion_probe_radii             ? 
_refine.pdbx_solvent_shrinkage_radii             0.90 
_refine.pdbx_real_space_R                        ? 
_refine.pdbx_density_correlation                 ? 
_refine.pdbx_pd_number_of_powder_patterns        ? 
_refine.pdbx_pd_number_of_points                 ? 
_refine.pdbx_pd_meas_number_of_points            ? 
_refine.pdbx_pd_proc_ls_prof_R_factor            ? 
_refine.pdbx_pd_proc_ls_prof_wR_factor           ? 
_refine.pdbx_pd_Marquardt_correlation_coeff      ? 
_refine.pdbx_pd_Fsqrd_R_factor                   ? 
_refine.pdbx_pd_ls_matrix_band_width             ? 
_refine.pdbx_overall_phase_error                 29.90 
_refine.pdbx_overall_SU_R_free_Cruickshank_DPI   ? 
_refine.pdbx_overall_SU_R_free_Blow_DPI          ? 
_refine.pdbx_overall_SU_R_Blow_DPI               ? 
_refine.pdbx_TLS_residual_ADP_flag               ? 
_refine.pdbx_diffrn_id                           1 
_refine.overall_SU_B                             ? 
_refine.overall_SU_ML                            0.23 
_refine.overall_SU_R_Cruickshank_DPI             ? 
_refine.overall_SU_R_free                        ? 
_refine.overall_FOM_free_R_set                   ? 
_refine.overall_FOM_work_R_set                   ? 
_refine.pdbx_average_fsc_overall                 ? 
_refine.pdbx_average_fsc_work                    ? 
_refine.pdbx_average_fsc_free                    ? 
# 
_refine_hist.pdbx_refine_id                   'X-RAY DIFFRACTION' 
_refine_hist.cycle_id                         LAST 
_refine_hist.pdbx_number_atoms_protein        0 
_refine_hist.pdbx_number_atoms_nucleic_acid   386 
_refine_hist.pdbx_number_atoms_ligand         8 
_refine_hist.number_atoms_solvent             25 
_refine_hist.number_atoms_total               419 
_refine_hist.d_res_high                       1.690 
_refine_hist.d_res_low                        27.651 
# 
loop_
_refine_ls_restr.pdbx_refine_id 
_refine_ls_restr.criterion 
_refine_ls_restr.dev_ideal 
_refine_ls_restr.dev_ideal_target 
_refine_ls_restr.number 
_refine_ls_restr.rejects 
_refine_ls_restr.type 
_refine_ls_restr.weight 
_refine_ls_restr.pdbx_restraint_function 
'X-RAY DIFFRACTION' ? 0.004  ? 435 ? f_bond_d           ? ? 
'X-RAY DIFFRACTION' ? 0.890  ? 679 ? f_angle_d          ? ? 
'X-RAY DIFFRACTION' ? 10.595 ? 204 ? f_dihedral_angle_d ? ? 
'X-RAY DIFFRACTION' ? 0.032  ? 88  ? f_chiral_restr     ? ? 
'X-RAY DIFFRACTION' ? 0.005  ? 18  ? f_plane_restr      ? ? 
# 
loop_
_refine_ls_shell.pdbx_refine_id 
_refine_ls_shell.d_res_high 
_refine_ls_shell.d_res_low 
_refine_ls_shell.number_reflns_all 
_refine_ls_shell.number_reflns_obs 
_refine_ls_shell.number_reflns_R_free 
_refine_ls_shell.number_reflns_R_work 
_refine_ls_shell.percent_reflns_obs 
_refine_ls_shell.percent_reflns_R_free 
_refine_ls_shell.R_factor_all 
_refine_ls_shell.R_factor_obs 
_refine_ls_shell.R_factor_R_free 
_refine_ls_shell.R_factor_R_free_error 
_refine_ls_shell.R_factor_R_work 
_refine_ls_shell.redundancy_reflns_all 
_refine_ls_shell.redundancy_reflns_obs 
_refine_ls_shell.wR_factor_all 
_refine_ls_shell.wR_factor_obs 
_refine_ls_shell.wR_factor_R_free 
_refine_ls_shell.wR_factor_R_work 
_refine_ls_shell.pdbx_total_number_of_bins_used 
_refine_ls_shell.pdbx_phase_error 
_refine_ls_shell.pdbx_fsc_work 
_refine_ls_shell.pdbx_fsc_free 
'X-RAY DIFFRACTION' 1.6903 1.7961  . . 95  2657 99.00  . . . 0.2760 . 0.3388 . . . . . . . . . . 
'X-RAY DIFFRACTION' 1.7961 1.9348  . . 167 2581 99.00  . . . 0.3622 . 0.3213 . . . . . . . . . . 
'X-RAY DIFFRACTION' 1.9348 2.1294  . . 157 2608 100.00 . . . 0.3027 . 0.2814 . . . . . . . . . . 
'X-RAY DIFFRACTION' 2.1294 2.4374  . . 177 2589 100.00 . . . 0.2449 . 0.2392 . . . . . . . . . . 
'X-RAY DIFFRACTION' 2.4374 3.0702  . . 140 2627 100.00 . . . 0.2732 . 0.2413 . . . . . . . . . . 
'X-RAY DIFFRACTION' 3.0702 27.6548 . . 135 2618 99.00  . . . 0.1813 . 0.1718 . . . . . . . . . . 
# 
_struct.entry_id                     5NEO 
_struct.title                        'The structure of the G. violaceus guanidine II riboswitch P1 stem-loop' 
_struct.pdbx_model_details           ? 
_struct.pdbx_formula_weight          ? 
_struct.pdbx_formula_weight_method   ? 
_struct.pdbx_model_type_details      ? 
_struct.pdbx_CASP_flag               N 
# 
_struct_keywords.entry_id        5NEO 
_struct_keywords.text            'guanidine II riboswitch, stem-loop, tetra loop, dimer, RNA' 
_struct_keywords.pdbx_keywords   RNA 
# 
loop_
_struct_asym.id 
_struct_asym.pdbx_blank_PDB_chainid_flag 
_struct_asym.pdbx_modified 
_struct_asym.entity_id 
_struct_asym.details 
A N N 1 ? 
B N N 2 ? 
C N N 3 ? 
D N N 3 ? 
E N N 4 ? 
F N N 5 ? 
# 
_struct_ref.id                         1 
_struct_ref.db_name                    PDB 
_struct_ref.db_code                    5NEO 
_struct_ref.pdbx_db_accession          5NEO 
_struct_ref.pdbx_db_isoform            ? 
_struct_ref.entity_id                  1 
_struct_ref.pdbx_seq_one_letter_code   ? 
_struct_ref.pdbx_align_begin           1 
# 
_struct_ref_seq.align_id                      1 
_struct_ref_seq.ref_id                        1 
_struct_ref_seq.pdbx_PDB_id_code              5NEO 
_struct_ref_seq.pdbx_strand_id                A 
_struct_ref_seq.seq_align_beg                 1 
_struct_ref_seq.pdbx_seq_align_beg_ins_code   ? 
_struct_ref_seq.seq_align_end                 18 
_struct_ref_seq.pdbx_seq_align_end_ins_code   ? 
_struct_ref_seq.pdbx_db_accession             5NEO 
_struct_ref_seq.db_align_beg                  1 
_struct_ref_seq.pdbx_db_align_beg_ins_code    ? 
_struct_ref_seq.db_align_end                  18 
_struct_ref_seq.pdbx_db_align_end_ins_code    ? 
_struct_ref_seq.pdbx_auth_seq_align_beg       1 
_struct_ref_seq.pdbx_auth_seq_align_end       18 
# 
_pdbx_struct_assembly.id                   1 
_pdbx_struct_assembly.details              author_defined_assembly 
_pdbx_struct_assembly.method_details       ? 
_pdbx_struct_assembly.oligomeric_details   dimeric 
_pdbx_struct_assembly.oligomeric_count     2 
# 
loop_
_pdbx_struct_assembly_gen.assembly_id 
_pdbx_struct_assembly_gen.oper_expression 
_pdbx_struct_assembly_gen.asym_id_list 
1 1 A,B,C,D,E,F 
1 2 A,B,C,D,E,F 
# 
_pdbx_struct_assembly_auth_evidence.id                     1 
_pdbx_struct_assembly_auth_evidence.assembly_id            1 
_pdbx_struct_assembly_auth_evidence.experimental_support   none 
_pdbx_struct_assembly_auth_evidence.details                ? 
# 
loop_
_pdbx_struct_oper_list.id 
_pdbx_struct_oper_list.type 
_pdbx_struct_oper_list.name 
_pdbx_struct_oper_list.symmetry_operation 
_pdbx_struct_oper_list.matrix[1][1] 
_pdbx_struct_oper_list.matrix[1][2] 
_pdbx_struct_oper_list.matrix[1][3] 
_pdbx_struct_oper_list.vector[1] 
_pdbx_struct_oper_list.matrix[2][1] 
_pdbx_struct_oper_list.matrix[2][2] 
_pdbx_struct_oper_list.matrix[2][3] 
_pdbx_struct_oper_list.vector[2] 
_pdbx_struct_oper_list.matrix[3][1] 
_pdbx_struct_oper_list.matrix[3][2] 
_pdbx_struct_oper_list.matrix[3][3] 
_pdbx_struct_oper_list.vector[3] 
1 'identity operation'         1_555  x,y,z                  1.0000000000  0.0000000000 0.0000000000 0.0000000000  0.0000000000 1.0000000000  0.0000000000 0.0000000000   0.0000000000 0.0000000000 1.0000000000 0.0000000000 
2 'crystal symmetry operation' 18_655 -x+4/3,-x+y+2/3,-z+2/3 -0.9969940538 0.0194649868 0.0749931395 -4.3380034782 0.0194649868 -0.8739545939 0.4856176295 -25.3443068560 0.0749931395 0.4856176295 0.8709486477 6.7521696726 
# 
loop_
_struct_conn.id 
_struct_conn.conn_type_id 
_struct_conn.pdbx_leaving_atom_flag 
_struct_conn.pdbx_PDB_id 
_struct_conn.ptnr1_label_asym_id 
_struct_conn.ptnr1_label_comp_id 
_struct_conn.ptnr1_label_seq_id 
_struct_conn.ptnr1_label_atom_id 
_struct_conn.pdbx_ptnr1_label_alt_id 
_struct_conn.pdbx_ptnr1_PDB_ins_code 
_struct_conn.pdbx_ptnr1_standard_comp_id 
_struct_conn.ptnr1_symmetry 
_struct_conn.ptnr2_label_asym_id 
_struct_conn.ptnr2_label_comp_id 
_struct_conn.ptnr2_label_seq_id 
_struct_conn.ptnr2_label_atom_id 
_struct_conn.pdbx_ptnr2_label_alt_id 
_struct_conn.pdbx_ptnr2_PDB_ins_code 
_struct_conn.ptnr1_auth_asym_id 
_struct_conn.ptnr1_auth_comp_id 
_struct_conn.ptnr1_auth_seq_id 
_struct_conn.ptnr2_auth_asym_id 
_struct_conn.ptnr2_auth_comp_id 
_struct_conn.ptnr2_auth_seq_id 
_struct_conn.ptnr2_symmetry 
_struct_conn.pdbx_ptnr3_label_atom_id 
_struct_conn.pdbx_ptnr3_label_seq_id 
_struct_conn.pdbx_ptnr3_label_comp_id 
_struct_conn.pdbx_ptnr3_label_asym_id 
_struct_conn.pdbx_ptnr3_label_alt_id 
_struct_conn.pdbx_ptnr3_PDB_ins_code 
_struct_conn.details 
_struct_conn.pdbx_dist_value 
_struct_conn.pdbx_value_order 
_struct_conn.pdbx_role 
covale1  covale both ? A A   16 "O3'" ? ? ? 1_555 A CBV 17 P  ? ? A A   16 A CBV 17 1_555 ? ? ? ? ? ? ?            1.614 ? ? 
covale2  covale one  ? A CBV 17 "O3'" ? ? ? 1_555 A C   18 P  ? ? A CBV 17 A C   18 1_555 ? ? ? ? ? ? ?            1.603 ? ? 
hydrog1  hydrog ?    ? A G   1  N1    ? ? ? 1_555 A C   18 N3 ? ? A G   1  A C   18 1_555 ? ? ? ? ? ? WATSON-CRICK ?     ? ? 
hydrog2  hydrog ?    ? A G   1  N2    ? ? ? 1_555 A C   18 O2 ? ? A G   1  A C   18 1_555 ? ? ? ? ? ? WATSON-CRICK ?     ? ? 
hydrog3  hydrog ?    ? A G   1  O6    ? ? ? 1_555 A C   18 N4 ? ? A G   1  A C   18 1_555 ? ? ? ? ? ? WATSON-CRICK ?     ? ? 
hydrog4  hydrog ?    ? A G   2  N1    ? ? ? 1_555 A CBV 17 N3 ? ? A G   2  A CBV 17 1_555 ? ? ? ? ? ? WATSON-CRICK ?     ? ? 
hydrog5  hydrog ?    ? A G   2  N2    ? ? ? 1_555 A CBV 17 O2 ? ? A G   2  A CBV 17 1_555 ? ? ? ? ? ? WATSON-CRICK ?     ? ? 
hydrog6  hydrog ?    ? A G   2  O6    ? ? ? 1_555 A CBV 17 N4 ? ? A G   2  A CBV 17 1_555 ? ? ? ? ? ? WATSON-CRICK ?     ? ? 
hydrog7  hydrog ?    ? A U   3  N3    ? ? ? 1_555 A A   16 N1 ? ? A U   3  A A   16 1_555 ? ? ? ? ? ? WATSON-CRICK ?     ? ? 
hydrog8  hydrog ?    ? A U   3  O4    ? ? ? 1_555 A A   16 N6 ? ? A U   3  A A   16 1_555 ? ? ? ? ? ? WATSON-CRICK ?     ? ? 
hydrog9  hydrog ?    ? A G   4  N1    ? ? ? 1_555 A C   15 N3 ? ? A G   4  A C   15 1_555 ? ? ? ? ? ? WATSON-CRICK ?     ? ? 
hydrog10 hydrog ?    ? A G   4  N2    ? ? ? 1_555 A C   15 O2 ? ? A G   4  A C   15 1_555 ? ? ? ? ? ? WATSON-CRICK ?     ? ? 
hydrog11 hydrog ?    ? A G   4  O6    ? ? ? 1_555 A C   15 N4 ? ? A G   4  A C   15 1_555 ? ? ? ? ? ? WATSON-CRICK ?     ? ? 
hydrog12 hydrog ?    ? A G   5  N1    ? ? ? 1_555 A C   14 N3 ? ? A G   5  A C   14 1_555 ? ? ? ? ? ? WATSON-CRICK ?     ? ? 
hydrog13 hydrog ?    ? A G   5  N2    ? ? ? 1_555 A C   14 O2 ? ? A G   5  A C   14 1_555 ? ? ? ? ? ? WATSON-CRICK ?     ? ? 
hydrog14 hydrog ?    ? A G   5  O6    ? ? ? 1_555 A C   14 N4 ? ? A G   5  A C   14 1_555 ? ? ? ? ? ? WATSON-CRICK ?     ? ? 
hydrog15 hydrog ?    ? A G   6  N1    ? ? ? 1_555 A C   13 N3 ? ? A G   6  A C   13 1_555 ? ? ? ? ? ? WATSON-CRICK ?     ? ? 
hydrog16 hydrog ?    ? A G   6  N2    ? ? ? 1_555 A C   13 O2 ? ? A G   6  A C   13 1_555 ? ? ? ? ? ? WATSON-CRICK ?     ? ? 
hydrog17 hydrog ?    ? A G   6  O6    ? ? ? 1_555 A C   13 N4 ? ? A G   6  A C   13 1_555 ? ? ? ? ? ? WATSON-CRICK ?     ? ? 
hydrog18 hydrog ?    ? A G   7  N1    ? ? ? 1_555 A C   12 N3 ? ? A G   7  A C   12 1_555 ? ? ? ? ? ? WATSON-CRICK ?     ? ? 
hydrog19 hydrog ?    ? A G   7  N2    ? ? ? 1_555 A C   12 O2 ? ? A G   7  A C   12 1_555 ? ? ? ? ? ? WATSON-CRICK ?     ? ? 
hydrog20 hydrog ?    ? A G   7  O6    ? ? ? 1_555 A C   12 N4 ? ? A G   7  A C   12 1_555 ? ? ? ? ? ? WATSON-CRICK ?     ? ? 
# 
loop_
_struct_conn_type.id 
_struct_conn_type.criteria 
_struct_conn_type.reference 
covale ? ? 
hydrog ? ? 
# 
loop_
_struct_site.id 
_struct_site.pdbx_evidence_code 
_struct_site.pdbx_auth_asym_id 
_struct_site.pdbx_auth_comp_id 
_struct_site.pdbx_auth_seq_id 
_struct_site.pdbx_auth_ins_code 
_struct_site.pdbx_num_residues 
_struct_site.details 
AC1 Software A SO4 101 ? 3 'binding site for residue SO4 A 101' 
AC2 Software A NA  102 ? 1 'binding site for residue NA A 102'  
AC3 Software A NA  103 ? 1 'binding site for residue NA A 103'  
AC4 Software A NH4 104 ? 6 'binding site for residue NH4 A 104' 
# 
loop_
_struct_site_gen.id 
_struct_site_gen.site_id 
_struct_site_gen.pdbx_num_res 
_struct_site_gen.label_comp_id 
_struct_site_gen.label_asym_id 
_struct_site_gen.label_seq_id 
_struct_site_gen.pdbx_auth_ins_code 
_struct_site_gen.auth_comp_id 
_struct_site_gen.auth_asym_id 
_struct_site_gen.auth_seq_id 
_struct_site_gen.label_atom_id 
_struct_site_gen.label_alt_id 
_struct_site_gen.symmetry 
_struct_site_gen.details 
1  AC1 3 G   A 2  ? G   A 2   . ? 1_555 ? 
2  AC1 3 U   A 3  ? U   A 3   . ? 1_555 ? 
3  AC1 3 C   A 18 ? C   A 18  . ? 1_555 ? 
4  AC2 1 CBV A 17 ? CBV A 17  . ? 1_555 ? 
5  AC3 1 G   A 1  ? G   A 1   . ? 1_555 ? 
6  AC4 6 G   A 7  ? G   A 7   . ? 1_555 ? 
7  AC4 6 C   A 9  ? C   A 9   . ? 1_555 ? 
8  AC4 6 G   A 10 ? G   A 10  . ? 1_555 ? 
9  AC4 6 HOH F .  ? HOH A 203 . ? 1_555 ? 
10 AC4 6 HOH F .  ? HOH A 208 . ? 1_555 ? 
11 AC4 6 HOH F .  ? HOH A 211 . ? 1_555 ? 
# 
loop_
_pdbx_validate_close_contact.id 
_pdbx_validate_close_contact.PDB_model_num 
_pdbx_validate_close_contact.auth_atom_id_1 
_pdbx_validate_close_contact.auth_asym_id_1 
_pdbx_validate_close_contact.auth_comp_id_1 
_pdbx_validate_close_contact.auth_seq_id_1 
_pdbx_validate_close_contact.PDB_ins_code_1 
_pdbx_validate_close_contact.label_alt_id_1 
_pdbx_validate_close_contact.auth_atom_id_2 
_pdbx_validate_close_contact.auth_asym_id_2 
_pdbx_validate_close_contact.auth_comp_id_2 
_pdbx_validate_close_contact.auth_seq_id_2 
_pdbx_validate_close_contact.PDB_ins_code_2 
_pdbx_validate_close_contact.label_alt_id_2 
_pdbx_validate_close_contact.dist 
1 1 "O3'"  A A   16 ? ? O2P A CBV 17  ? ? 0.37 
2 1 "HO3'" A CBV 17 ? ? P   A C   18  ? ? 0.84 
3 1 "C3'"  A A   16 ? ? O2P A CBV 17  ? ? 1.79 
4 1 N6     A A   11 ? ? O   A HOH 201 ? ? 2.10 
# 
loop_
_pdbx_struct_special_symmetry.id 
_pdbx_struct_special_symmetry.PDB_model_num 
_pdbx_struct_special_symmetry.auth_asym_id 
_pdbx_struct_special_symmetry.auth_comp_id 
_pdbx_struct_special_symmetry.auth_seq_id 
_pdbx_struct_special_symmetry.PDB_ins_code 
_pdbx_struct_special_symmetry.label_asym_id 
_pdbx_struct_special_symmetry.label_comp_id 
_pdbx_struct_special_symmetry.label_seq_id 
1 1 A HOH 212 ? F HOH . 
2 1 A HOH 213 ? F HOH . 
3 1 A HOH 217 ? F HOH . 
4 1 A HOH 218 ? F HOH . 
# 
loop_
_pdbx_refine_tls.pdbx_refine_id 
_pdbx_refine_tls.id 
_pdbx_refine_tls.details 
_pdbx_refine_tls.method 
_pdbx_refine_tls.origin_x 
_pdbx_refine_tls.origin_y 
_pdbx_refine_tls.origin_z 
_pdbx_refine_tls.T[1][1] 
_pdbx_refine_tls.T[2][2] 
_pdbx_refine_tls.T[3][3] 
_pdbx_refine_tls.T[1][2] 
_pdbx_refine_tls.T[1][3] 
_pdbx_refine_tls.T[2][3] 
_pdbx_refine_tls.L[1][1] 
_pdbx_refine_tls.L[2][2] 
_pdbx_refine_tls.L[3][3] 
_pdbx_refine_tls.L[1][2] 
_pdbx_refine_tls.L[1][3] 
_pdbx_refine_tls.L[2][3] 
_pdbx_refine_tls.S[1][1] 
_pdbx_refine_tls.S[1][2] 
_pdbx_refine_tls.S[1][3] 
_pdbx_refine_tls.S[2][1] 
_pdbx_refine_tls.S[2][2] 
_pdbx_refine_tls.S[2][3] 
_pdbx_refine_tls.S[3][1] 
_pdbx_refine_tls.S[3][2] 
_pdbx_refine_tls.S[3][3] 
'X-RAY DIFFRACTION' 1 ? refined -0.0854 6.9142  1.1678  0.2923 0.4003 0.2985 -0.0421 0.0106  0.0167  6.2950 5.4347  6.5919 0.1198 4.6587  4.2563  0.1411 -0.9113 -0.3110 0.1497 -0.4222 0.2535  0.1633 -0.7980 0.2756 
'X-RAY DIFFRACTION' 2 ? refined -5.9532 -7.7941 0.4201  0.5117 0.3828 0.4887 -0.1034 0.0550  -0.0138 3.4390 0.8228  4.7017 0.4189 -0.5538 -1.9471 0.1151 -0.4237 0.1948  0.1655 -0.1790 0.2471  0.6196 0.0309  0.1935 
'X-RAY DIFFRACTION' 3 ? refined 3.8194  0.4967  -0.9915 0.2998 0.3828 0.3167 -0.0421 -0.0454 0.0368  1.8825 13.5313 2.6448 0.0818 1.3409  -2.1240 0.2116 -0.4499 -0.1450 0.7490 -0.1911 -0.1891 0.0090 -0.1750 0.0105  
# 
loop_
_pdbx_refine_tls_group.pdbx_refine_id 
_pdbx_refine_tls_group.id 
_pdbx_refine_tls_group.refine_tls_id 
_pdbx_refine_tls_group.beg_auth_asym_id 
_pdbx_refine_tls_group.beg_auth_seq_id 
_pdbx_refine_tls_group.beg_label_asym_id 
_pdbx_refine_tls_group.beg_label_seq_id 
_pdbx_refine_tls_group.end_auth_asym_id 
_pdbx_refine_tls_group.end_auth_seq_id 
_pdbx_refine_tls_group.end_label_asym_id 
_pdbx_refine_tls_group.end_label_seq_id 
_pdbx_refine_tls_group.selection 
_pdbx_refine_tls_group.selection_details 
'X-RAY DIFFRACTION' 1 1 ? ? ? ? ? ? ? ? ? 
;chain 'A' and (resid 1 through 5 )
;
'X-RAY DIFFRACTION' 2 2 ? ? ? ? ? ? ? ? ? 
;chain 'A' and (resid 6 through 10 )
;
'X-RAY DIFFRACTION' 3 3 ? ? ? ? ? ? ? ? ? 
;chain 'A' and (resid 11 through 18 )
;
# 
loop_
_chem_comp_atom.comp_id 
_chem_comp_atom.atom_id 
_chem_comp_atom.type_symbol 
_chem_comp_atom.pdbx_aromatic_flag 
_chem_comp_atom.pdbx_stereo_config 
_chem_comp_atom.pdbx_ordinal 
A   OP3    O  N N 1   
A   P      P  N N 2   
A   OP1    O  N N 3   
A   OP2    O  N N 4   
A   "O5'"  O  N N 5   
A   "C5'"  C  N N 6   
A   "C4'"  C  N R 7   
A   "O4'"  O  N N 8   
A   "C3'"  C  N S 9   
A   "O3'"  O  N N 10  
A   "C2'"  C  N R 11  
A   "O2'"  O  N N 12  
A   "C1'"  C  N R 13  
A   N9     N  Y N 14  
A   C8     C  Y N 15  
A   N7     N  Y N 16  
A   C5     C  Y N 17  
A   C6     C  Y N 18  
A   N6     N  N N 19  
A   N1     N  Y N 20  
A   C2     C  Y N 21  
A   N3     N  Y N 22  
A   C4     C  Y N 23  
A   HOP3   H  N N 24  
A   HOP2   H  N N 25  
A   "H5'"  H  N N 26  
A   "H5''" H  N N 27  
A   "H4'"  H  N N 28  
A   "H3'"  H  N N 29  
A   "HO3'" H  N N 30  
A   "H2'"  H  N N 31  
A   "HO2'" H  N N 32  
A   "H1'"  H  N N 33  
A   H8     H  N N 34  
A   H61    H  N N 35  
A   H62    H  N N 36  
A   H2     H  N N 37  
C   OP3    O  N N 38  
C   P      P  N N 39  
C   OP1    O  N N 40  
C   OP2    O  N N 41  
C   "O5'"  O  N N 42  
C   "C5'"  C  N N 43  
C   "C4'"  C  N R 44  
C   "O4'"  O  N N 45  
C   "C3'"  C  N S 46  
C   "O3'"  O  N N 47  
C   "C2'"  C  N R 48  
C   "O2'"  O  N N 49  
C   "C1'"  C  N R 50  
C   N1     N  N N 51  
C   C2     C  N N 52  
C   O2     O  N N 53  
C   N3     N  N N 54  
C   C4     C  N N 55  
C   N4     N  N N 56  
C   C5     C  N N 57  
C   C6     C  N N 58  
C   HOP3   H  N N 59  
C   HOP2   H  N N 60  
C   "H5'"  H  N N 61  
C   "H5''" H  N N 62  
C   "H4'"  H  N N 63  
C   "H3'"  H  N N 64  
C   "HO3'" H  N N 65  
C   "H2'"  H  N N 66  
C   "HO2'" H  N N 67  
C   "H1'"  H  N N 68  
C   H41    H  N N 69  
C   H42    H  N N 70  
C   H5     H  N N 71  
C   H6     H  N N 72  
CBV O3P    O  N N 73  
CBV P      P  N N 74  
CBV O1P    O  N N 75  
CBV O2P    O  N N 76  
CBV "O5'"  O  N N 77  
CBV "C5'"  C  N N 78  
CBV "C4'"  C  N R 79  
CBV "O4'"  O  N N 80  
CBV "C3'"  C  N S 81  
CBV "O3'"  O  N N 82  
CBV "C2'"  C  N R 83  
CBV "O2'"  O  N N 84  
CBV "C1'"  C  N R 85  
CBV N1     N  N N 86  
CBV C2     C  N N 87  
CBV O2     O  N N 88  
CBV N3     N  N N 89  
CBV C4     C  N N 90  
CBV N4     N  N N 91  
CBV C5     C  N N 92  
CBV C6     C  N N 93  
CBV BR     BR N N 94  
CBV HO3P   H  N N 95  
CBV HO1P   H  N N 96  
CBV "H5'1" H  N N 97  
CBV "H5'2" H  N N 98  
CBV "H4'"  H  N N 99  
CBV "H3'"  H  N N 100 
CBV "HO3'" H  N N 101 
CBV "H2'"  H  N N 102 
CBV "HO2'" H  N N 103 
CBV "H1'"  H  N N 104 
CBV HN41   H  N N 105 
CBV HN42   H  N N 106 
CBV H6     H  N N 107 
G   OP3    O  N N 108 
G   P      P  N N 109 
G   OP1    O  N N 110 
G   OP2    O  N N 111 
G   "O5'"  O  N N 112 
G   "C5'"  C  N N 113 
G   "C4'"  C  N R 114 
G   "O4'"  O  N N 115 
G   "C3'"  C  N S 116 
G   "O3'"  O  N N 117 
G   "C2'"  C  N R 118 
G   "O2'"  O  N N 119 
G   "C1'"  C  N R 120 
G   N9     N  Y N 121 
G   C8     C  Y N 122 
G   N7     N  Y N 123 
G   C5     C  Y N 124 
G   C6     C  N N 125 
G   O6     O  N N 126 
G   N1     N  N N 127 
G   C2     C  N N 128 
G   N2     N  N N 129 
G   N3     N  N N 130 
G   C4     C  Y N 131 
G   HOP3   H  N N 132 
G   HOP2   H  N N 133 
G   "H5'"  H  N N 134 
G   "H5''" H  N N 135 
G   "H4'"  H  N N 136 
G   "H3'"  H  N N 137 
G   "HO3'" H  N N 138 
G   "H2'"  H  N N 139 
G   "HO2'" H  N N 140 
G   "H1'"  H  N N 141 
G   H8     H  N N 142 
G   H1     H  N N 143 
G   H21    H  N N 144 
G   H22    H  N N 145 
HOH O      O  N N 146 
HOH H1     H  N N 147 
HOH H2     H  N N 148 
NA  NA     NA N N 149 
NH4 N      N  N N 150 
NH4 HN1    H  N N 151 
NH4 HN2    H  N N 152 
NH4 HN3    H  N N 153 
NH4 HN4    H  N N 154 
SO4 S      S  N N 155 
SO4 O1     O  N N 156 
SO4 O2     O  N N 157 
SO4 O3     O  N N 158 
SO4 O4     O  N N 159 
U   OP3    O  N N 160 
U   P      P  N N 161 
U   OP1    O  N N 162 
U   OP2    O  N N 163 
U   "O5'"  O  N N 164 
U   "C5'"  C  N N 165 
U   "C4'"  C  N R 166 
U   "O4'"  O  N N 167 
U   "C3'"  C  N S 168 
U   "O3'"  O  N N 169 
U   "C2'"  C  N R 170 
U   "O2'"  O  N N 171 
U   "C1'"  C  N R 172 
U   N1     N  N N 173 
U   C2     C  N N 174 
U   O2     O  N N 175 
U   N3     N  N N 176 
U   C4     C  N N 177 
U   O4     O  N N 178 
U   C5     C  N N 179 
U   C6     C  N N 180 
U   HOP3   H  N N 181 
U   HOP2   H  N N 182 
U   "H5'"  H  N N 183 
U   "H5''" H  N N 184 
U   "H4'"  H  N N 185 
U   "H3'"  H  N N 186 
U   "HO3'" H  N N 187 
U   "H2'"  H  N N 188 
U   "HO2'" H  N N 189 
U   "H1'"  H  N N 190 
U   H3     H  N N 191 
U   H5     H  N N 192 
U   H6     H  N N 193 
# 
loop_
_chem_comp_bond.comp_id 
_chem_comp_bond.atom_id_1 
_chem_comp_bond.atom_id_2 
_chem_comp_bond.value_order 
_chem_comp_bond.pdbx_aromatic_flag 
_chem_comp_bond.pdbx_stereo_config 
_chem_comp_bond.pdbx_ordinal 
A   OP3   P      sing N N 1   
A   OP3   HOP3   sing N N 2   
A   P     OP1    doub N N 3   
A   P     OP2    sing N N 4   
A   P     "O5'"  sing N N 5   
A   OP2   HOP2   sing N N 6   
A   "O5'" "C5'"  sing N N 7   
A   "C5'" "C4'"  sing N N 8   
A   "C5'" "H5'"  sing N N 9   
A   "C5'" "H5''" sing N N 10  
A   "C4'" "O4'"  sing N N 11  
A   "C4'" "C3'"  sing N N 12  
A   "C4'" "H4'"  sing N N 13  
A   "O4'" "C1'"  sing N N 14  
A   "C3'" "O3'"  sing N N 15  
A   "C3'" "C2'"  sing N N 16  
A   "C3'" "H3'"  sing N N 17  
A   "O3'" "HO3'" sing N N 18  
A   "C2'" "O2'"  sing N N 19  
A   "C2'" "C1'"  sing N N 20  
A   "C2'" "H2'"  sing N N 21  
A   "O2'" "HO2'" sing N N 22  
A   "C1'" N9     sing N N 23  
A   "C1'" "H1'"  sing N N 24  
A   N9    C8     sing Y N 25  
A   N9    C4     sing Y N 26  
A   C8    N7     doub Y N 27  
A   C8    H8     sing N N 28  
A   N7    C5     sing Y N 29  
A   C5    C6     sing Y N 30  
A   C5    C4     doub Y N 31  
A   C6    N6     sing N N 32  
A   C6    N1     doub Y N 33  
A   N6    H61    sing N N 34  
A   N6    H62    sing N N 35  
A   N1    C2     sing Y N 36  
A   C2    N3     doub Y N 37  
A   C2    H2     sing N N 38  
A   N3    C4     sing Y N 39  
C   OP3   P      sing N N 40  
C   OP3   HOP3   sing N N 41  
C   P     OP1    doub N N 42  
C   P     OP2    sing N N 43  
C   P     "O5'"  sing N N 44  
C   OP2   HOP2   sing N N 45  
C   "O5'" "C5'"  sing N N 46  
C   "C5'" "C4'"  sing N N 47  
C   "C5'" "H5'"  sing N N 48  
C   "C5'" "H5''" sing N N 49  
C   "C4'" "O4'"  sing N N 50  
C   "C4'" "C3'"  sing N N 51  
C   "C4'" "H4'"  sing N N 52  
C   "O4'" "C1'"  sing N N 53  
C   "C3'" "O3'"  sing N N 54  
C   "C3'" "C2'"  sing N N 55  
C   "C3'" "H3'"  sing N N 56  
C   "O3'" "HO3'" sing N N 57  
C   "C2'" "O2'"  sing N N 58  
C   "C2'" "C1'"  sing N N 59  
C   "C2'" "H2'"  sing N N 60  
C   "O2'" "HO2'" sing N N 61  
C   "C1'" N1     sing N N 62  
C   "C1'" "H1'"  sing N N 63  
C   N1    C2     sing N N 64  
C   N1    C6     sing N N 65  
C   C2    O2     doub N N 66  
C   C2    N3     sing N N 67  
C   N3    C4     doub N N 68  
C   C4    N4     sing N N 69  
C   C4    C5     sing N N 70  
C   N4    H41    sing N N 71  
C   N4    H42    sing N N 72  
C   C5    C6     doub N N 73  
C   C5    H5     sing N N 74  
C   C6    H6     sing N N 75  
CBV O3P   P      sing N N 76  
CBV O3P   HO3P   sing N N 77  
CBV P     O1P    sing N N 78  
CBV P     O2P    doub N N 79  
CBV P     "O5'"  sing N N 80  
CBV O1P   HO1P   sing N N 81  
CBV "O5'" "C5'"  sing N N 82  
CBV "C5'" "C4'"  sing N N 83  
CBV "C5'" "H5'1" sing N N 84  
CBV "C5'" "H5'2" sing N N 85  
CBV "C4'" "O4'"  sing N N 86  
CBV "C4'" "C3'"  sing N N 87  
CBV "C4'" "H4'"  sing N N 88  
CBV "O4'" "C1'"  sing N N 89  
CBV "C3'" "O3'"  sing N N 90  
CBV "C3'" "C2'"  sing N N 91  
CBV "C3'" "H3'"  sing N N 92  
CBV "O3'" "HO3'" sing N N 93  
CBV "C2'" "O2'"  sing N N 94  
CBV "C2'" "C1'"  sing N N 95  
CBV "C2'" "H2'"  sing N N 96  
CBV "O2'" "HO2'" sing N N 97  
CBV "C1'" N1     sing N N 98  
CBV "C1'" "H1'"  sing N N 99  
CBV N1    C2     sing N N 100 
CBV N1    C6     sing N N 101 
CBV C2    O2     doub N N 102 
CBV C2    N3     sing N N 103 
CBV N3    C4     doub N N 104 
CBV C4    N4     sing N N 105 
CBV C4    C5     sing N N 106 
CBV N4    HN41   sing N N 107 
CBV N4    HN42   sing N N 108 
CBV C5    C6     doub N N 109 
CBV C5    BR     sing N N 110 
CBV C6    H6     sing N N 111 
G   OP3   P      sing N N 112 
G   OP3   HOP3   sing N N 113 
G   P     OP1    doub N N 114 
G   P     OP2    sing N N 115 
G   P     "O5'"  sing N N 116 
G   OP2   HOP2   sing N N 117 
G   "O5'" "C5'"  sing N N 118 
G   "C5'" "C4'"  sing N N 119 
G   "C5'" "H5'"  sing N N 120 
G   "C5'" "H5''" sing N N 121 
G   "C4'" "O4'"  sing N N 122 
G   "C4'" "C3'"  sing N N 123 
G   "C4'" "H4'"  sing N N 124 
G   "O4'" "C1'"  sing N N 125 
G   "C3'" "O3'"  sing N N 126 
G   "C3'" "C2'"  sing N N 127 
G   "C3'" "H3'"  sing N N 128 
G   "O3'" "HO3'" sing N N 129 
G   "C2'" "O2'"  sing N N 130 
G   "C2'" "C1'"  sing N N 131 
G   "C2'" "H2'"  sing N N 132 
G   "O2'" "HO2'" sing N N 133 
G   "C1'" N9     sing N N 134 
G   "C1'" "H1'"  sing N N 135 
G   N9    C8     sing Y N 136 
G   N9    C4     sing Y N 137 
G   C8    N7     doub Y N 138 
G   C8    H8     sing N N 139 
G   N7    C5     sing Y N 140 
G   C5    C6     sing N N 141 
G   C5    C4     doub Y N 142 
G   C6    O6     doub N N 143 
G   C6    N1     sing N N 144 
G   N1    C2     sing N N 145 
G   N1    H1     sing N N 146 
G   C2    N2     sing N N 147 
G   C2    N3     doub N N 148 
G   N2    H21    sing N N 149 
G   N2    H22    sing N N 150 
G   N3    C4     sing N N 151 
HOH O     H1     sing N N 152 
HOH O     H2     sing N N 153 
NH4 N     HN1    sing N N 154 
NH4 N     HN2    sing N N 155 
NH4 N     HN3    sing N N 156 
NH4 N     HN4    sing N N 157 
SO4 S     O1     doub N N 158 
SO4 S     O2     doub N N 159 
SO4 S     O3     sing N N 160 
SO4 S     O4     sing N N 161 
U   OP3   P      sing N N 162 
U   OP3   HOP3   sing N N 163 
U   P     OP1    doub N N 164 
U   P     OP2    sing N N 165 
U   P     "O5'"  sing N N 166 
U   OP2   HOP2   sing N N 167 
U   "O5'" "C5'"  sing N N 168 
U   "C5'" "C4'"  sing N N 169 
U   "C5'" "H5'"  sing N N 170 
U   "C5'" "H5''" sing N N 171 
U   "C4'" "O4'"  sing N N 172 
U   "C4'" "C3'"  sing N N 173 
U   "C4'" "H4'"  sing N N 174 
U   "O4'" "C1'"  sing N N 175 
U   "C3'" "O3'"  sing N N 176 
U   "C3'" "C2'"  sing N N 177 
U   "C3'" "H3'"  sing N N 178 
U   "O3'" "HO3'" sing N N 179 
U   "C2'" "O2'"  sing N N 180 
U   "C2'" "C1'"  sing N N 181 
U   "C2'" "H2'"  sing N N 182 
U   "O2'" "HO2'" sing N N 183 
U   "C1'" N1     sing N N 184 
U   "C1'" "H1'"  sing N N 185 
U   N1    C2     sing N N 186 
U   N1    C6     sing N N 187 
U   C2    O2     doub N N 188 
U   C2    N3     sing N N 189 
U   N3    C4     sing N N 190 
U   N3    H3     sing N N 191 
U   C4    O4     doub N N 192 
U   C4    C5     sing N N 193 
U   C5    C6     doub N N 194 
U   C5    H5     sing N N 195 
U   C6    H6     sing N N 196 
# 
loop_
_ndb_struct_conf_na.entry_id 
_ndb_struct_conf_na.feature 
5NEO 'a-form double helix'  
5NEO 'hairpin loop'         
5NEO 'mismatched base pair' 
# 
loop_
_ndb_struct_na_base_pair.model_number 
_ndb_struct_na_base_pair.i_label_asym_id 
_ndb_struct_na_base_pair.i_label_comp_id 
_ndb_struct_na_base_pair.i_label_seq_id 
_ndb_struct_na_base_pair.i_symmetry 
_ndb_struct_na_base_pair.j_label_asym_id 
_ndb_struct_na_base_pair.j_label_comp_id 
_ndb_struct_na_base_pair.j_label_seq_id 
_ndb_struct_na_base_pair.j_symmetry 
_ndb_struct_na_base_pair.shear 
_ndb_struct_na_base_pair.stretch 
_ndb_struct_na_base_pair.stagger 
_ndb_struct_na_base_pair.buckle 
_ndb_struct_na_base_pair.propeller 
_ndb_struct_na_base_pair.opening 
_ndb_struct_na_base_pair.pair_number 
_ndb_struct_na_base_pair.pair_name 
_ndb_struct_na_base_pair.i_auth_asym_id 
_ndb_struct_na_base_pair.i_auth_seq_id 
_ndb_struct_na_base_pair.i_PDB_ins_code 
_ndb_struct_na_base_pair.j_auth_asym_id 
_ndb_struct_na_base_pair.j_auth_seq_id 
_ndb_struct_na_base_pair.j_PDB_ins_code 
_ndb_struct_na_base_pair.hbond_type_28 
_ndb_struct_na_base_pair.hbond_type_12 
1 A G 1 1_555 A C   18 1_555 -0.161 -0.088 -0.057 -3.818 -2.497  -0.342 1 A_G1:C18_A   A 1 ? A 18 ? 19 1 
1 A G 2 1_555 A CBV 17 1_555 -0.214 -0.093 -0.012 -3.926 -13.937 2.168  2 A_G2:CBV17_A A 2 ? A 17 ? 19 1 
1 A U 3 1_555 A A   16 1_555 0.013  -0.163 0.178  -0.880 -13.797 3.723  3 A_U3:A16_A   A 3 ? A 16 ? 20 1 
1 A G 4 1_555 A C   15 1_555 -0.244 -0.130 -0.238 -5.272 -9.461  1.342  4 A_G4:C15_A   A 4 ? A 15 ? 19 1 
1 A G 5 1_555 A C   14 1_555 -0.034 -0.019 -0.234 -7.794 -10.839 -1.151 5 A_G5:C14_A   A 5 ? A 14 ? 19 1 
1 A G 6 1_555 A C   13 1_555 -0.224 -0.090 -0.196 -6.300 -5.819  0.484  6 A_G6:C13_A   A 6 ? A 13 ? 19 1 
1 A G 7 1_555 A C   12 1_555 0.047  -0.121 -0.224 1.831  3.442   -1.251 7 A_G7:C12_A   A 7 ? A 12 ? 19 1 
# 
loop_
_ndb_struct_na_base_pair_step.model_number 
_ndb_struct_na_base_pair_step.i_label_asym_id_1 
_ndb_struct_na_base_pair_step.i_label_comp_id_1 
_ndb_struct_na_base_pair_step.i_label_seq_id_1 
_ndb_struct_na_base_pair_step.i_symmetry_1 
_ndb_struct_na_base_pair_step.j_label_asym_id_1 
_ndb_struct_na_base_pair_step.j_label_comp_id_1 
_ndb_struct_na_base_pair_step.j_label_seq_id_1 
_ndb_struct_na_base_pair_step.j_symmetry_1 
_ndb_struct_na_base_pair_step.i_label_asym_id_2 
_ndb_struct_na_base_pair_step.i_label_comp_id_2 
_ndb_struct_na_base_pair_step.i_label_seq_id_2 
_ndb_struct_na_base_pair_step.i_symmetry_2 
_ndb_struct_na_base_pair_step.j_label_asym_id_2 
_ndb_struct_na_base_pair_step.j_label_comp_id_2 
_ndb_struct_na_base_pair_step.j_label_seq_id_2 
_ndb_struct_na_base_pair_step.j_symmetry_2 
_ndb_struct_na_base_pair_step.shift 
_ndb_struct_na_base_pair_step.slide 
_ndb_struct_na_base_pair_step.rise 
_ndb_struct_na_base_pair_step.tilt 
_ndb_struct_na_base_pair_step.roll 
_ndb_struct_na_base_pair_step.twist 
_ndb_struct_na_base_pair_step.x_displacement 
_ndb_struct_na_base_pair_step.y_displacement 
_ndb_struct_na_base_pair_step.helical_rise 
_ndb_struct_na_base_pair_step.inclination 
_ndb_struct_na_base_pair_step.tip 
_ndb_struct_na_base_pair_step.helical_twist 
_ndb_struct_na_base_pair_step.step_number 
_ndb_struct_na_base_pair_step.step_name 
_ndb_struct_na_base_pair_step.i_auth_asym_id_1 
_ndb_struct_na_base_pair_step.i_auth_seq_id_1 
_ndb_struct_na_base_pair_step.i_PDB_ins_code_1 
_ndb_struct_na_base_pair_step.j_auth_asym_id_1 
_ndb_struct_na_base_pair_step.j_auth_seq_id_1 
_ndb_struct_na_base_pair_step.j_PDB_ins_code_1 
_ndb_struct_na_base_pair_step.i_auth_asym_id_2 
_ndb_struct_na_base_pair_step.i_auth_seq_id_2 
_ndb_struct_na_base_pair_step.i_PDB_ins_code_2 
_ndb_struct_na_base_pair_step.j_auth_asym_id_2 
_ndb_struct_na_base_pair_step.j_auth_seq_id_2 
_ndb_struct_na_base_pair_step.j_PDB_ins_code_2 
1 A G 1 1_555 A C   18 1_555 A G 2 1_555 A CBV 17 1_555 0.244  -1.910 3.300 1.356  3.173  29.841 -4.324 -0.198 3.093 6.136  -2.622 
30.035 1 AA_G1G2:CBV17C18_AA A 1 ? A 18 ? A 2 ? A 17 ? 
1 A G 2 1_555 A CBV 17 1_555 A U 3 1_555 A A   16 1_555 0.218  -1.635 3.175 -1.633 3.135  33.436 -3.312 -0.630 3.000 5.429  2.829  
33.617 2 AA_G2U3:A16CBV17_AA A 2 ? A 17 ? A 3 ? A 16 ? 
1 A U 3 1_555 A A   16 1_555 A G 4 1_555 A C   15 1_555 -0.428 -1.566 3.313 2.453  11.773 31.294 -4.517 1.117  2.535 20.884 -4.352 
33.471 3 AA_U3G4:C15A16_AA   A 3 ? A 16 ? A 4 ? A 15 ? 
1 A G 4 1_555 A C   15 1_555 A G 5 1_555 A C   14 1_555 0.305  -1.922 3.325 1.207  10.599 28.447 -5.628 -0.360 2.476 20.672 -2.355 
30.342 4 AA_G4G5:C14C15_AA   A 4 ? A 15 ? A 5 ? A 14 ? 
1 A G 5 1_555 A C   14 1_555 A G 6 1_555 A C   13 1_555 0.341  -1.828 3.286 1.147  5.038  30.188 -4.419 -0.428 2.960 9.585  -2.182 
30.617 5 AA_G5G6:C13C14_AA   A 5 ? A 14 ? A 6 ? A 13 ? 
1 A G 6 1_555 A C   13 1_555 A G 7 1_555 A C   12 1_555 0.248  -2.211 3.209 1.482  -0.999 28.512 -4.254 -0.167 3.291 -2.025 -3.005 
28.567 6 AA_G6G7:C12C13_AA   A 6 ? A 13 ? A 7 ? A 12 ? 
# 
_pdbx_audit_support.funding_organization   'Cancer Research UK' 
_pdbx_audit_support.country                'United Kingdom' 
_pdbx_audit_support.grant_number           ? 
_pdbx_audit_support.ordinal                1 
# 
_atom_sites.entry_id                    5NEO 
_atom_sites.fract_transf_matrix[1][1]   0.01255890 
_atom_sites.fract_transf_matrix[1][2]   -0.01626073 
_atom_sites.fract_transf_matrix[1][3]   0.00371687 
_atom_sites.fract_transf_matrix[2][1]   0.00557859 
_atom_sites.fract_transf_matrix[2][2]   -0.01267005 
_atom_sites.fract_transf_matrix[2][3]   -0.01563086 
_atom_sites.fract_transf_matrix[3][1]   0.00613053 
_atom_sites.fract_transf_matrix[3][2]   0.00441668 
_atom_sites.fract_transf_matrix[3][3]   -0.00139211 
_atom_sites.fract_transf_vector[1]      0.475292 
_atom_sites.fract_transf_vector[2]      0.575041 
_atom_sites.fract_transf_vector[3]      0.407316 
# 
loop_
_atom_type.symbol 
BR 
C  
H  
N  
NA 
O  
P  
S  
# 
loop_
_atom_site.group_PDB 
_atom_site.id 
_atom_site.type_symbol 
_atom_site.label_atom_id 
_atom_site.label_alt_id 
_atom_site.label_comp_id 
_atom_site.label_asym_id 
_atom_site.label_entity_id 
_atom_site.label_seq_id 
_atom_site.pdbx_PDB_ins_code 
_atom_site.Cartn_x 
_atom_site.Cartn_y 
_atom_site.Cartn_z 
_atom_site.occupancy 
_atom_site.B_iso_or_equiv 
_atom_site.pdbx_formal_charge 
_atom_site.auth_seq_id 
_atom_site.auth_comp_id 
_atom_site.auth_asym_id 
_atom_site.auth_atom_id 
_atom_site.pdbx_PDB_model_num 
ATOM   1   O  "O5'"  . G   A 1 1  ? 7.495   5.655   8.759   1.00 42.20  ? 1   G   A "O5'"  1 
ATOM   2   C  "C5'"  . G   A 1 1  ? 7.309   6.422   9.939   1.00 44.64  ? 1   G   A "C5'"  1 
ATOM   3   C  "C4'"  . G   A 1 1  ? 6.757   7.785   9.616   1.00 41.45  ? 1   G   A "C4'"  1 
ATOM   4   O  "O4'"  . G   A 1 1  ? 7.746   8.543   8.865   1.00 37.21  ? 1   G   A "O4'"  1 
ATOM   5   C  "C3'"  . G   A 1 1  ? 5.522   7.805   8.723   1.00 42.35  ? 1   G   A "C3'"  1 
ATOM   6   O  "O3'"  . G   A 1 1  ? 4.315   7.566   9.426   1.00 40.39  ? 1   G   A "O3'"  1 
ATOM   7   C  "C2'"  . G   A 1 1  ? 5.606   9.182   8.087   1.00 36.58  ? 1   G   A "C2'"  1 
ATOM   8   O  "O2'"  . G   A 1 1  ? 5.197   10.191  8.999   1.00 38.04  ? 1   G   A "O2'"  1 
ATOM   9   C  "C1'"  . G   A 1 1  ? 7.109   9.306   7.863   1.00 33.38  ? 1   G   A "C1'"  1 
ATOM   10  N  N9     . G   A 1 1  ? 7.495   8.765   6.550   1.00 31.73  ? 1   G   A N9     1 
ATOM   11  C  C8     . G   A 1 1  ? 8.188   7.607   6.308   1.00 36.64  ? 1   G   A C8     1 
ATOM   12  N  N7     . G   A 1 1  ? 8.371   7.374   5.037   1.00 31.47  ? 1   G   A N7     1 
ATOM   13  C  C5     . G   A 1 1  ? 7.759   8.443   4.401   1.00 32.42  ? 1   G   A C5     1 
ATOM   14  C  C6     . G   A 1 1  ? 7.629   8.750   3.024   1.00 36.37  ? 1   G   A C6     1 
ATOM   15  O  O6     . G   A 1 1  ? 8.033   8.128   2.039   1.00 32.13  ? 1   G   A O6     1 
ATOM   16  N  N1     . G   A 1 1  ? 6.935   9.931   2.830   1.00 32.74  ? 1   G   A N1     1 
ATOM   17  C  C2     . G   A 1 1  ? 6.428   10.724  3.817   1.00 34.27  ? 1   G   A C2     1 
ATOM   18  N  N2     . G   A 1 1  ? 5.792   11.830  3.403   1.00 37.57  ? 1   G   A N2     1 
ATOM   19  N  N3     . G   A 1 1  ? 6.540   10.459  5.107   1.00 33.68  ? 1   G   A N3     1 
ATOM   20  C  C4     . G   A 1 1  ? 7.214   9.312   5.325   1.00 35.12  ? 1   G   A C4     1 
ATOM   21  H  "H5'"  . G   A 1 1  ? 8.161   6.523   10.391  1.00 53.57  ? 1   G   A "H5'"  1 
ATOM   22  H  "H5''" . G   A 1 1  ? 6.690   5.959   10.525  1.00 53.57  ? 1   G   A "H5''" 1 
ATOM   23  H  "H4'"  . G   A 1 1  ? 6.559   8.253   10.443  1.00 49.74  ? 1   G   A "H4'"  1 
ATOM   24  H  "H3'"  . G   A 1 1  ? 5.623   7.132   8.032   1.00 50.82  ? 1   G   A "H3'"  1 
ATOM   25  H  "H2'"  . G   A 1 1  ? 5.114   9.224   7.253   1.00 43.89  ? 1   G   A "H2'"  1 
ATOM   26  H  "HO2'" . G   A 1 1  ? 5.255   10.940  8.621   1.00 45.65  ? 1   G   A "HO2'" 1 
ATOM   27  H  "H1'"  . G   A 1 1  ? 7.379   10.235  7.932   1.00 40.06  ? 1   G   A "H1'"  1 
ATOM   28  H  H8     . G   A 1 1  ? 8.494   7.043   6.981   1.00 43.96  ? 1   G   A H8     1 
ATOM   29  H  H1     . G   A 1 1  ? 6.815   10.188  2.017   1.00 39.29  ? 1   G   A H1     1 
ATOM   30  H  H21    . G   A 1 1  ? 5.723   11.996  2.562   1.00 45.08  ? 1   G   A H21    1 
ATOM   31  H  H22    . G   A 1 1  ? 5.454   12.372  3.978   1.00 45.08  ? 1   G   A H22    1 
ATOM   32  H  "HO5'" . G   A 1 1  ? 8.039   5.016   8.755   1.00 50.64  ? 1   G   A "HO5'" 1 
ATOM   33  P  P      . G   A 1 2  ? 3.092   6.815   8.699   1.00 46.77  ? 2   G   A P      1 
ATOM   34  O  OP1    . G   A 1 2  ? 2.070   6.577   9.751   1.00 44.52  ? 2   G   A OP1    1 
ATOM   35  O  OP2    . G   A 1 2  ? 3.608   5.677   7.897   1.00 44.70  ? 2   G   A OP2    1 
ATOM   36  O  "O5'"  . G   A 1 2  ? 2.526   7.888   7.674   1.00 42.27  ? 2   G   A "O5'"  1 
ATOM   37  C  "C5'"  . G   A 1 2  ? 2.071   9.151   8.127   1.00 48.16  ? 2   G   A "C5'"  1 
ATOM   38  C  "C4'"  . G   A 1 2  ? 1.816   10.087  6.976   1.00 38.62  ? 2   G   A "C4'"  1 
ATOM   39  O  "O4'"  . G   A 1 2  ? 3.045   10.312  6.237   1.00 35.88  ? 2   G   A "O4'"  1 
ATOM   40  C  "C3'"  . G   A 1 2  ? 0.840   9.602   5.917   1.00 31.80  ? 2   G   A "C3'"  1 
ATOM   41  O  "O3'"  . G   A 1 2  ? -0.512  9.761   6.296   1.00 36.21  ? 2   G   A "O3'"  1 
ATOM   42  C  "C2'"  . G   A 1 2  ? 1.235   10.439  4.714   1.00 45.39  ? 2   G   A "C2'"  1 
ATOM   43  O  "O2'"  . G   A 1 2  ? 0.737   11.762  4.833   1.00 36.52  ? 2   G   A "O2'"  1 
ATOM   44  C  "C1'"  . G   A 1 2  ? 2.753   10.470  4.866   1.00 31.59  ? 2   G   A "C1'"  1 
ATOM   45  N  N9     . G   A 1 2  ? 3.385   9.368   4.121   1.00 34.39  ? 2   G   A N9     1 
ATOM   46  C  C8     . G   A 1 2  ? 3.918   8.203   4.608   1.00 36.67  ? 2   G   A C8     1 
ATOM   47  N  N7     . G   A 1 2  ? 4.388   7.424   3.671   1.00 31.48  ? 2   G   A N7     1 
ATOM   48  C  C5     . G   A 1 2  ? 4.140   8.123   2.503   1.00 35.79  ? 2   G   A C5     1 
ATOM   49  C  C6     . G   A 1 2  ? 4.425   7.786   1.160   1.00 39.55  ? 2   G   A C6     1 
ATOM   50  O  O6     . G   A 1 2  ? 4.974   6.777   0.698   1.00 38.79  ? 2   G   A O6     1 
ATOM   51  N  N1     . G   A 1 2  ? 3.995   8.787   0.310   1.00 34.93  ? 2   G   A N1     1 
ATOM   52  C  C2     . G   A 1 2  ? 3.374   9.951   0.665   1.00 36.90  ? 2   G   A C2     1 
ATOM   53  N  N2     . G   A 1 2  ? 3.051   10.769  -0.342  1.00 38.63  ? 2   G   A N2     1 
ATOM   54  N  N3     . G   A 1 2  ? 3.104   10.285  1.912   1.00 35.79  ? 2   G   A N3     1 
ATOM   55  C  C4     . G   A 1 2  ? 3.517   9.321   2.763   1.00 37.68  ? 2   G   A C4     1 
ATOM   56  H  "H5'"  . G   A 1 2  ? 2.742   9.540   8.710   1.00 57.79  ? 2   G   A "H5'"  1 
ATOM   57  H  "H5''" . G   A 1 2  ? 1.248   9.031   8.626   1.00 57.79  ? 2   G   A "H5''" 1 
ATOM   58  H  "H4'"  . G   A 1 2  ? 1.502   10.935  7.327   1.00 46.34  ? 2   G   A "H4'"  1 
ATOM   59  H  "H3'"  . G   A 1 2  ? 1.012   8.666   5.728   1.00 38.16  ? 2   G   A "H3'"  1 
ATOM   60  H  "H2'"  . G   A 1 2  ? 0.966   10.022  3.881   1.00 54.46  ? 2   G   A "H2'"  1 
ATOM   61  H  "HO2'" . G   A 1 2  ? 0.970   12.203  4.157   1.00 43.82  ? 2   G   A "HO2'" 1 
ATOM   62  H  "H1'"  . G   A 1 2  ? 3.098   11.320  4.551   1.00 37.90  ? 2   G   A "H1'"  1 
ATOM   63  H  H8     . G   A 1 2  ? 3.948   7.992   5.513   1.00 44.00  ? 2   G   A H8     1 
ATOM   64  H  H1     . G   A 1 2  ? 4.129   8.661   -0.531  1.00 41.92  ? 2   G   A H1     1 
ATOM   65  H  H21    . G   A 1 2  ? 3.230   10.546  -1.153  1.00 46.36  ? 2   G   A H21    1 
ATOM   66  H  H22    . G   A 1 2  ? 2.663   11.519  -0.179  1.00 46.36  ? 2   G   A H22    1 
ATOM   67  P  P      . U   A 1 3  ? -1.638  8.764   5.736   1.00 37.73  ? 3   U   A P      1 
ATOM   68  O  OP1    . U   A 1 3  ? -2.879  9.125   6.463   1.00 39.00  ? 3   U   A OP1    1 
ATOM   69  O  OP2    . U   A 1 3  ? -1.137  7.366   5.783   1.00 43.03  ? 3   U   A OP2    1 
ATOM   70  O  "O5'"  . U   A 1 3  ? -1.764  9.170   4.207   1.00 34.04  ? 3   U   A "O5'"  1 
ATOM   71  C  "C5'"  . U   A 1 3  ? -2.092  10.498  3.842   1.00 42.14  ? 3   U   A "C5'"  1 
ATOM   72  C  "C4'"  . U   A 1 3  ? -2.004  10.693  2.354   1.00 36.25  ? 3   U   A "C4'"  1 
ATOM   73  O  "O4'"  . U   A 1 3  ? -0.630  10.542  1.913   1.00 34.25  ? 3   U   A "O4'"  1 
ATOM   74  C  "C3'"  . U   A 1 3  ? -2.770  9.692   1.506   1.00 34.91  ? 3   U   A "C3'"  1 
ATOM   75  O  "O3'"  . U   A 1 3  ? -4.150  9.974   1.417   1.00 36.66  ? 3   U   A "O3'"  1 
ATOM   76  C  "C2'"  . U   A 1 3  ? -2.053  9.774   0.169   1.00 38.05  ? 3   U   A "C2'"  1 
ATOM   77  O  "O2'"  . U   A 1 3  ? -2.474  10.915  -0.566  1.00 34.27  ? 3   U   A "O2'"  1 
ATOM   78  C  "C1'"  . U   A 1 3  ? -0.606  9.964   0.622   1.00 33.13  ? 3   U   A "C1'"  1 
ATOM   79  N  N1     . U   A 1 3  ? 0.118   8.678   0.698   1.00 34.77  ? 3   U   A N1     1 
ATOM   80  C  C2     . U   A 1 3  ? 0.597   8.160   -0.486  1.00 29.17  ? 3   U   A C2     1 
ATOM   81  O  O2     . U   A 1 3  ? 0.418   8.715   -1.554  1.00 38.65  ? 3   U   A O2     1 
ATOM   82  N  N3     . U   A 1 3  ? 1.266   6.968   -0.360  1.00 29.84  ? 3   U   A N3     1 
ATOM   83  C  C4     . U   A 1 3  ? 1.510   6.270   0.800   1.00 36.24  ? 3   U   A C4     1 
ATOM   84  O  O4     . U   A 1 3  ? 2.134   5.209   0.749   1.00 33.62  ? 3   U   A O4     1 
ATOM   85  C  C5     . U   A 1 3  ? 0.985   6.877   1.989   1.00 34.37  ? 3   U   A C5     1 
ATOM   86  C  C6     . U   A 1 3  ? 0.320   8.034   1.891   1.00 32.18  ? 3   U   A C6     1 
ATOM   87  H  "H5'"  . U   A 1 3  ? -1.478  11.109  4.279   1.00 50.56  ? 3   U   A "H5'"  1 
ATOM   88  H  "H5''" . U   A 1 3  ? -2.996  10.694  4.135   1.00 50.56  ? 3   U   A "H5''" 1 
ATOM   89  H  "H4'"  . U   A 1 3  ? -2.308  11.588  2.136   1.00 43.50  ? 3   U   A "H4'"  1 
ATOM   90  H  "H3'"  . U   A 1 3  ? -2.649  8.803   1.876   1.00 41.89  ? 3   U   A "H3'"  1 
ATOM   91  H  "H2'"  . U   A 1 3  ? -2.160  8.958   -0.342  1.00 45.67  ? 3   U   A "H2'"  1 
ATOM   92  H  "HO2'" . U   A 1 3  ? -1.840  11.466  -0.605  1.00 41.12  ? 3   U   A "HO2'" 1 
ATOM   93  H  "H1'"  . U   A 1 3  ? -0.149  10.559  0.007   1.00 39.76  ? 3   U   A "H1'"  1 
ATOM   94  H  H3     . U   A 1 3  ? 1.572   6.623   -1.085  1.00 35.80  ? 3   U   A H3     1 
ATOM   95  H  H5     . U   A 1 3  ? 1.102   6.470   2.817   1.00 41.25  ? 3   U   A H5     1 
ATOM   96  H  H6     . U   A 1 3  ? -0.011  8.423   2.668   1.00 38.62  ? 3   U   A H6     1 
ATOM   97  P  P      . G   A 1 4  ? -5.189  8.773   1.197   1.00 39.74  ? 4   G   A P      1 
ATOM   98  O  OP1    . G   A 1 4  ? -6.542  9.372   1.275   1.00 45.70  ? 4   G   A OP1    1 
ATOM   99  O  OP2    . G   A 1 4  ? -4.812  7.630   2.068   1.00 47.64  ? 4   G   A OP2    1 
ATOM   100 O  "O5'"  . G   A 1 4  ? -4.946  8.331   -0.309  1.00 35.17  ? 4   G   A "O5'"  1 
ATOM   101 C  "C5'"  . G   A 1 4  ? -5.437  9.125   -1.375  1.00 54.10  ? 4   G   A "C5'"  1 
ATOM   102 C  "C4'"  . G   A 1 4  ? -5.126  8.523   -2.721  1.00 45.00  ? 4   G   A "C4'"  1 
ATOM   103 O  "O4'"  . G   A 1 4  ? -3.689  8.461   -2.919  1.00 38.85  ? 4   G   A "O4'"  1 
ATOM   104 C  "C3'"  . G   A 1 4  ? -5.576  7.088   -2.957  1.00 32.74  ? 4   G   A "C3'"  1 
ATOM   105 O  "O3'"  . G   A 1 4  ? -6.955  6.951   -3.241  1.00 45.01  ? 4   G   A "O3'"  1 
ATOM   106 C  "C2'"  . G   A 1 4  ? -4.689  6.676   -4.114  1.00 32.11  ? 4   G   A "C2'"  1 
ATOM   107 O  "O2'"  . G   A 1 4  ? -5.149  7.258   -5.324  1.00 39.60  ? 4   G   A "O2'"  1 
ATOM   108 C  "C1'"  . G   A 1 4  ? -3.370  7.340   -3.719  1.00 37.97  ? 4   G   A "C1'"  1 
ATOM   109 N  N9     . G   A 1 4  ? -2.532  6.421   -2.931  1.00 31.86  ? 4   G   A N9     1 
ATOM   110 C  C8     . G   A 1 4  ? -2.452  6.353   -1.564  1.00 37.42  ? 4   G   A C8     1 
ATOM   111 N  N7     . G   A 1 4  ? -1.636  5.427   -1.144  1.00 34.26  ? 4   G   A N7     1 
ATOM   112 C  C5     . G   A 1 4  ? -1.152  4.844   -2.309  1.00 32.14  ? 4   G   A C5     1 
ATOM   113 C  C6     . G   A 1 4  ? -0.229  3.785   -2.483  1.00 43.05  ? 4   G   A C6     1 
ATOM   114 O  O6     . G   A 1 4  ? 0.357   3.137   -1.611  1.00 37.20  ? 4   G   A O6     1 
ATOM   115 N  N1     . G   A 1 4  ? -0.017  3.503   -3.830  1.00 34.75  ? 4   G   A N1     1 
ATOM   116 C  C2     . G   A 1 4  ? -0.617  4.165   -4.874  1.00 37.66  ? 4   G   A C2     1 
ATOM   117 N  N2     . G   A 1 4  ? -0.286  3.749   -6.104  1.00 42.01  ? 4   G   A N2     1 
ATOM   118 N  N3     . G   A 1 4  ? -1.482  5.158   -4.727  1.00 37.35  ? 4   G   A N3     1 
ATOM   119 C  C4     . G   A 1 4  ? -1.701  5.443   -3.424  1.00 38.48  ? 4   G   A C4     1 
ATOM   120 H  "H5'"  . G   A 1 4  ? -5.032  10.005  -1.324  1.00 64.92  ? 4   G   A "H5'"  1 
ATOM   121 H  "H5''" . G   A 1 4  ? -6.398  9.215   -1.285  1.00 64.92  ? 4   G   A "H5''" 1 
ATOM   122 H  "H4'"  . G   A 1 4  ? -5.512  9.087   -3.409  1.00 54.00  ? 4   G   A "H4'"  1 
ATOM   123 H  "H3'"  . G   A 1 4  ? -5.355  6.553   -2.180  1.00 39.28  ? 4   G   A "H3'"  1 
ATOM   124 H  "H2'"  . G   A 1 4  ? -4.603  5.712   -4.180  1.00 38.53  ? 4   G   A "H2'"  1 
ATOM   125 H  "HO2'" . G   A 1 4  ? -5.988  7.302   -5.304  1.00 47.52  ? 4   G   A "HO2'" 1 
ATOM   126 H  "H1'"  . G   A 1 4  ? -2.892  7.624   -4.514  1.00 45.57  ? 4   G   A "H1'"  1 
ATOM   127 H  H8     . G   A 1 4  ? -2.927  6.913   -0.995  1.00 44.91  ? 4   G   A H8     1 
ATOM   128 H  H1     . G   A 1 4  ? 0.533   2.870   -4.022  1.00 41.70  ? 4   G   A H1     1 
ATOM   129 H  H21    . G   A 1 4  ? 0.276   3.104   -6.205  1.00 50.41  ? 4   G   A H21    1 
ATOM   130 H  H22    . G   A 1 4  ? -0.635  4.126   -6.795  1.00 50.41  ? 4   G   A H22    1 
ATOM   131 P  P      . G   A 1 5  ? -7.700  5.572   -2.885  1.00 47.57  ? 5   G   A P      1 
ATOM   132 O  OP1    . G   A 1 5  ? -9.120  5.701   -3.299  1.00 58.15  ? 5   G   A OP1    1 
ATOM   133 O  OP2    . G   A 1 5  ? -7.363  5.241   -1.478  1.00 40.90  ? 5   G   A OP2    1 
ATOM   134 O  "O5'"  . G   A 1 5  ? -6.977  4.466   -3.785  1.00 40.88  ? 5   G   A "O5'"  1 
ATOM   135 C  "C5'"  . G   A 1 5  ? -7.235  4.377   -5.177  1.00 49.60  ? 5   G   A "C5'"  1 
ATOM   136 C  "C4'"  . G   A 1 5  ? -6.356  3.367   -5.882  1.00 45.17  ? 5   G   A "C4'"  1 
ATOM   137 O  "O4'"  . G   A 1 5  ? -4.951  3.626   -5.618  1.00 42.36  ? 5   G   A "O4'"  1 
ATOM   138 C  "C3'"  . G   A 1 5  ? -6.506  1.898   -5.515  1.00 36.32  ? 5   G   A "C3'"  1 
ATOM   139 O  "O3'"  . G   A 1 5  ? -7.677  1.279   -6.018  1.00 35.64  ? 5   G   A "O3'"  1 
ATOM   140 C  "C2'"  . G   A 1 5  ? -5.223  1.314   -6.085  1.00 32.70  ? 5   G   A "C2'"  1 
ATOM   141 O  "O2'"  . G   A 1 5  ? -5.299  1.183   -7.500  1.00 38.12  ? 5   G   A "O2'"  1 
ATOM   142 C  "C1'"  . G   A 1 5  ? -4.223  2.416   -5.735  1.00 37.36  ? 5   G   A "C1'"  1 
ATOM   143 N  N9     . G   A 1 5  ? -3.566  2.104   -4.454  1.00 36.12  ? 5   G   A N9     1 
ATOM   144 C  C8     . G   A 1 5  ? -3.824  2.613   -3.206  1.00 40.52  ? 5   G   A C8     1 
ATOM   145 N  N7     . G   A 1 5  ? -3.078  2.074   -2.277  1.00 43.94  ? 5   G   A N7     1 
ATOM   146 C  C5     . G   A 1 5  ? -2.302  1.140   -2.950  1.00 33.48  ? 5   G   A C5     1 
ATOM   147 C  C6     . G   A 1 5  ? -1.305  0.245   -2.482  1.00 41.48  ? 5   G   A C6     1 
ATOM   148 O  O6     . G   A 1 5  ? -0.896  0.089   -1.330  1.00 41.39  ? 5   G   A O6     1 
ATOM   149 N  N1     . G   A 1 5  ? -0.769  -0.527  -3.507  1.00 35.41  ? 5   G   A N1     1 
ATOM   150 C  C2     . G   A 1 5  ? -1.138  -0.451  -4.824  1.00 36.74  ? 5   G   A C2     1 
ATOM   151 N  N2     . G   A 1 5  ? -0.507  -1.290  -5.662  1.00 41.11  ? 5   G   A N2     1 
ATOM   152 N  N3     . G   A 1 5  ? -2.063  0.380   -5.275  1.00 34.57  ? 5   G   A N3     1 
ATOM   153 C  C4     . G   A 1 5  ? -2.598  1.141   -4.292  1.00 36.21  ? 5   G   A C4     1 
ATOM   154 H  "H5'"  . G   A 1 5  ? -7.090  5.248   -5.577  1.00 59.52  ? 5   G   A "H5'"  1 
ATOM   155 H  "H5''" . G   A 1 5  ? -8.163  4.125   -5.305  1.00 59.52  ? 5   G   A "H5''" 1 
ATOM   156 H  "H4'"  . G   A 1 5  ? -6.506  3.455   -6.836  1.00 54.20  ? 5   G   A "H4'"  1 
ATOM   157 H  "H3'"  . G   A 1 5  ? -6.492  1.811   -4.548  1.00 43.58  ? 5   G   A "H3'"  1 
ATOM   158 H  "H2'"  . G   A 1 5  ? -4.992  0.475   -5.657  1.00 39.24  ? 5   G   A "H2'"  1 
ATOM   159 H  "HO2'" . G   A 1 5  ? -5.520  1.923   -7.831  1.00 45.74  ? 5   G   A "HO2'" 1 
ATOM   160 H  "H1'"  . G   A 1 5  ? -3.559  2.496   -6.437  1.00 44.84  ? 5   G   A "H1'"  1 
ATOM   161 H  H8     . G   A 1 5  ? -4.448  3.283   -3.042  1.00 48.62  ? 5   G   A H8     1 
ATOM   162 H  H1     . G   A 1 5  ? -0.159  -1.094  -3.298  1.00 42.49  ? 5   G   A H1     1 
ATOM   163 H  H21    . G   A 1 5  ? 0.094   -1.827  -5.361  1.00 49.33  ? 5   G   A H21    1 
ATOM   164 H  H22    . G   A 1 5  ? -0.703  -1.289  -6.499  1.00 49.33  ? 5   G   A H22    1 
ATOM   165 P  P      . G   A 1 6  ? -8.310  0.019   -5.242  1.00 37.89  ? 6   G   A P      1 
ATOM   166 O  OP1    . G   A 1 6  ? -9.574  -0.312  -5.953  1.00 37.04  ? 6   G   A OP1    1 
ATOM   167 O  OP2    . G   A 1 6  ? -8.315  0.317   -3.789  1.00 54.99  ? 6   G   A OP2    1 
ATOM   168 O  "O5'"  . G   A 1 6  ? -7.281  -1.167  -5.502  1.00 35.16  ? 6   G   A "O5'"  1 
ATOM   169 C  "C5'"  . G   A 1 6  ? -7.212  -1.788  -6.777  1.00 34.83  ? 6   G   A "C5'"  1 
ATOM   170 C  "C4'"  . G   A 1 6  ? -6.105  -2.811  -6.874  1.00 32.86  ? 6   G   A "C4'"  1 
ATOM   171 O  "O4'"  . G   A 1 6  ? -4.825  -2.225  -6.515  1.00 34.31  ? 6   G   A "O4'"  1 
ATOM   172 C  "C3'"  . G   A 1 6  ? -6.204  -4.022  -5.962  1.00 39.35  ? 6   G   A "C3'"  1 
ATOM   173 O  "O3'"  . G   A 1 6  ? -7.145  -4.983  -6.382  1.00 39.12  ? 6   G   A "O3'"  1 
ATOM   174 C  "C2'"  . G   A 1 6  ? -4.774  -4.530  -5.967  1.00 40.37  ? 6   G   A "C2'"  1 
ATOM   175 O  "O2'"  . G   A 1 6  ? -4.474  -5.200  -7.181  1.00 34.89  ? 6   G   A "O2'"  1 
ATOM   176 C  "C1'"  . G   A 1 6  ? -4.008  -3.211  -5.909  1.00 35.87  ? 6   G   A "C1'"  1 
ATOM   177 N  N9     . G   A 1 6  ? -3.766  -2.844  -4.507  1.00 34.20  ? 6   G   A N9     1 
ATOM   178 C  C8     . G   A 1 6  ? -4.440  -1.945  -3.728  1.00 33.62  ? 6   G   A C8     1 
ATOM   179 N  N7     . G   A 1 6  ? -3.983  -1.892  -2.503  1.00 39.12  ? 6   G   A N7     1 
ATOM   180 C  C5     . G   A 1 6  ? -2.970  -2.833  -2.470  1.00 33.97  ? 6   G   A C5     1 
ATOM   181 C  C6     . G   A 1 6  ? -2.117  -3.239  -1.412  1.00 41.77  ? 6   G   A C6     1 
ATOM   182 O  O6     . G   A 1 6  ? -2.073  -2.828  -0.246  1.00 42.86  ? 6   G   A O6     1 
ATOM   183 N  N1     . G   A 1 6  ? -1.242  -4.234  -1.825  1.00 37.91  ? 6   G   A N1     1 
ATOM   184 C  C2     . G   A 1 6  ? -1.187  -4.769  -3.083  1.00 37.43  ? 6   G   A C2     1 
ATOM   185 N  N2     . G   A 1 6  ? -0.268  -5.719  -3.282  1.00 40.25  ? 6   G   A N2     1 
ATOM   186 N  N3     . G   A 1 6  ? -1.979  -4.404  -4.073  1.00 36.24  ? 6   G   A N3     1 
ATOM   187 C  C4     . G   A 1 6  ? -2.836  -3.439  -3.694  1.00 36.27  ? 6   G   A C4     1 
ATOM   188 H  "H5'"  . G   A 1 6  ? -7.066  -1.105  -7.450  1.00 41.79  ? 6   G   A "H5'"  1 
ATOM   189 H  "H5''" . G   A 1 6  ? -8.059  -2.227  -6.956  1.00 41.79  ? 6   G   A "H5''" 1 
ATOM   190 H  "H4'"  . G   A 1 6  ? -6.055  -3.122  -7.792  1.00 39.43  ? 6   G   A "H4'"  1 
ATOM   191 H  "H3'"  . G   A 1 6  ? -6.432  -3.726  -5.067  1.00 47.22  ? 6   G   A "H3'"  1 
ATOM   192 H  "H2'"  . G   A 1 6  ? -4.589  -5.084  -5.192  1.00 48.45  ? 6   G   A "H2'"  1 
ATOM   193 H  "HO2'" . G   A 1 6  ? -4.292  -4.630  -7.771  1.00 41.86  ? 6   G   A "HO2'" 1 
ATOM   194 H  "H1'"  . G   A 1 6  ? -3.167  -3.290  -6.387  1.00 43.05  ? 6   G   A "H1'"  1 
ATOM   195 H  H8     . G   A 1 6  ? -5.127  -1.404  -4.044  1.00 40.35  ? 6   G   A H8     1 
ATOM   196 H  H1     . G   A 1 6  ? -0.682  -4.533  -1.244  1.00 45.49  ? 6   G   A H1     1 
ATOM   197 H  H21    . G   A 1 6  ? 0.248   -5.959  -2.638  1.00 48.30  ? 6   G   A H21    1 
ATOM   198 H  H22    . G   A 1 6  ? -0.194  -6.090  -4.054  1.00 48.30  ? 6   G   A H22    1 
ATOM   199 P  P      . G   A 1 7  ? -7.823  -5.942  -5.290  1.00 38.72  ? 7   G   A P      1 
ATOM   200 O  OP1    . G   A 1 7  ? -8.805  -6.775  -6.017  1.00 39.69  ? 7   G   A OP1    1 
ATOM   201 O  OP2    . G   A 1 7  ? -8.220  -5.105  -4.132  1.00 39.12  ? 7   G   A OP2    1 
ATOM   202 O  "O5'"  . G   A 1 7  ? -6.636  -6.880  -4.802  1.00 38.11  ? 7   G   A "O5'"  1 
ATOM   203 C  "C5'"  . G   A 1 7  ? -6.061  -7.819  -5.694  1.00 41.44  ? 7   G   A "C5'"  1 
ATOM   204 C  "C4'"  . G   A 1 7  ? -4.907  -8.560  -5.071  1.00 46.64  ? 7   G   A "C4'"  1 
ATOM   205 O  "O4'"  . G   A 1 7  ? -3.922  -7.623  -4.564  1.00 48.62  ? 7   G   A "O4'"  1 
ATOM   206 C  "C3'"  . G   A 1 7  ? -5.221  -9.436  -3.868  1.00 40.87  ? 7   G   A "C3'"  1 
ATOM   207 O  "O3'"  . G   A 1 7  ? -5.812  -10.673 -4.228  1.00 39.87  ? 7   G   A "O3'"  1 
ATOM   208 C  "C2'"  . G   A 1 7  ? -3.855  -9.575  -3.213  1.00 40.29  ? 7   G   A "C2'"  1 
ATOM   209 O  "O2'"  . G   A 1 7  ? -3.053  -10.524 -3.900  1.00 40.98  ? 7   G   A "O2'"  1 
ATOM   210 C  "C1'"  . G   A 1 7  ? -3.269  -8.178  -3.442  1.00 39.33  ? 7   G   A "C1'"  1 
ATOM   211 N  N9     . G   A 1 7  ? -3.486  -7.309  -2.274  1.00 34.94  ? 7   G   A N9     1 
ATOM   212 C  C8     . G   A 1 7  ? -4.449  -6.351  -2.075  1.00 42.20  ? 7   G   A C8     1 
ATOM   213 N  N7     . G   A 1 7  ? -4.363  -5.785  -0.899  1.00 45.21  ? 7   G   A N7     1 
ATOM   214 C  C5     . G   A 1 7  ? -3.293  -6.417  -0.283  1.00 42.80  ? 7   G   A C5     1 
ATOM   215 C  C6     . G   A 1 7  ? -2.728  -6.234  1.004   1.00 36.11  ? 7   G   A C6     1 
ATOM   216 O  O6     . G   A 1 7  ? -3.078  -5.442  1.885   1.00 42.08  ? 7   G   A O6     1 
ATOM   217 N  N1     . G   A 1 7  ? -1.652  -7.089  1.219   1.00 54.54  ? 7   G   A N1     1 
ATOM   218 C  C2     . G   A 1 7  ? -1.181  -8.002  0.312   1.00 47.74  ? 7   G   A C2     1 
ATOM   219 N  N2     . G   A 1 7  ? -0.133  -8.739  0.701   1.00 53.19  ? 7   G   A N2     1 
ATOM   220 N  N3     . G   A 1 7  ? -1.701  -8.185  -0.891  1.00 47.41  ? 7   G   A N3     1 
ATOM   221 C  C4     . G   A 1 7  ? -2.747  -7.363  -1.116  1.00 47.15  ? 7   G   A C4     1 
ATOM   222 H  "H5'"  . G   A 1 7  ? -5.746  -7.352  -6.484  1.00 49.73  ? 7   G   A "H5'"  1 
ATOM   223 H  "H5''" . G   A 1 7  ? -6.741  -8.460  -5.958  1.00 49.73  ? 7   G   A "H5''" 1 
ATOM   224 H  "H4'"  . G   A 1 7  ? -4.489  -9.110  -5.752  1.00 55.97  ? 7   G   A "H4'"  1 
ATOM   225 H  "H3'"  . G   A 1 7  ? -5.817  -8.958  -3.270  1.00 49.05  ? 7   G   A "H3'"  1 
ATOM   226 H  "H2'"  . G   A 1 7  ? -3.930  -9.780  -2.268  1.00 48.35  ? 7   G   A "H2'"  1 
ATOM   227 H  "HO2'" . G   A 1 7  ? -3.432  -11.273 -3.872  1.00 49.18  ? 7   G   A "HO2'" 1 
ATOM   228 H  "H1'"  . G   A 1 7  ? -2.319  -8.249  -3.622  1.00 47.19  ? 7   G   A "H1'"  1 
ATOM   229 H  H8     . G   A 1 7  ? -5.086  -6.120  -2.713  1.00 50.63  ? 7   G   A H8     1 
ATOM   230 H  H1     . G   A 1 7  ? -1.250  -7.038  1.977   1.00 65.44  ? 7   G   A H1     1 
ATOM   231 H  H21    . G   A 1 7  ? 0.208   -8.624  1.482   1.00 63.83  ? 7   G   A H21    1 
ATOM   232 H  H22    . G   A 1 7  ? 0.199   -9.328  0.170   1.00 63.83  ? 7   G   A H22    1 
ATOM   233 P  P      . A   A 1 8  ? -6.488  -11.621 -3.119  1.00 50.05  ? 8   A   A P      1 
ATOM   234 O  OP1    . A   A 1 8  ? -5.958  -11.300 -1.772  1.00 48.68  ? 8   A   A OP1    1 
ATOM   235 O  OP2    . A   A 1 8  ? -6.416  -13.010 -3.637  1.00 68.72  ? 8   A   A OP2    1 
ATOM   236 O  "O5'"  . A   A 1 8  ? -8.021  -11.212 -3.159  1.00 69.83  ? 8   A   A "O5'"  1 
ATOM   237 C  "C5'"  . A   A 1 8  ? -8.456  -9.987  -2.604  1.00 37.26  ? 8   A   A "C5'"  1 
ATOM   238 C  "C4'"  . A   A 1 8  ? -9.740  -10.167 -1.835  1.00 54.70  ? 8   A   A "C4'"  1 
ATOM   239 O  "O4'"  . A   A 1 8  ? -10.044 -11.583 -1.712  1.00 51.78  ? 8   A   A "O4'"  1 
ATOM   240 C  "C3'"  . A   A 1 8  ? -9.708  -9.658  -0.404  1.00 57.63  ? 8   A   A "C3'"  1 
ATOM   241 O  "O3'"  . A   A 1 8  ? -9.979  -8.273  -0.317  1.00 56.86  ? 8   A   A "O3'"  1 
ATOM   242 C  "C2'"  . A   A 1 8  ? -10.734 -10.534 0.294   1.00 58.73  ? 8   A   A "C2'"  1 
ATOM   243 O  "O2'"  . A   A 1 8  ? -12.054 -10.078 0.038   1.00 66.06  ? 8   A   A "O2'"  1 
ATOM   244 C  "C1'"  . A   A 1 8  ? -10.519 -11.868 -0.415  1.00 53.71  ? 8   A   A "C1'"  1 
ATOM   245 N  N9     . A   A 1 8  ? -9.498  -12.692 0.253   1.00 49.84  ? 8   A   A N9     1 
ATOM   246 C  C8     . A   A 1 8  ? -8.383  -13.231 -0.343  1.00 52.20  ? 8   A   A C8     1 
ATOM   247 N  N7     . A   A 1 8  ? -7.626  -13.920 0.471   1.00 46.59  ? 8   A   A N7     1 
ATOM   248 C  C5     . A   A 1 8  ? -8.283  -13.828 1.686   1.00 46.36  ? 8   A   A C5     1 
ATOM   249 C  C6     . A   A 1 8  ? -7.983  -14.348 2.952   1.00 47.66  ? 8   A   A C6     1 
ATOM   250 N  N6     . A   A 1 8  ? -6.901  -15.085 3.201   1.00 52.93  ? 8   A   A N6     1 
ATOM   251 N  N1     . A   A 1 8  ? -8.841  -14.078 3.959   1.00 46.19  ? 8   A   A N1     1 
ATOM   252 C  C2     . A   A 1 8  ? -9.922  -13.333 3.698   1.00 47.72  ? 8   A   A C2     1 
ATOM   253 N  N3     . A   A 1 8  ? -10.310 -12.785 2.548   1.00 51.14  ? 8   A   A N3     1 
ATOM   254 C  C4     . A   A 1 8  ? -9.440  -13.075 1.570   1.00 47.11  ? 8   A   A C4     1 
ATOM   255 H  "H5'"  . A   A 1 8  ? -8.600  -9.347  -3.319  1.00 44.71  ? 8   A   A "H5'"  1 
ATOM   256 H  "H5''" . A   A 1 8  ? -7.772  -9.648  -2.006  1.00 44.71  ? 8   A   A "H5''" 1 
ATOM   257 H  "H4'"  . A   A 1 8  ? -10.461 -9.728  -2.313  1.00 65.65  ? 8   A   A "H4'"  1 
ATOM   258 H  "H3'"  . A   A 1 8  ? -8.832  -9.833  -0.025  1.00 69.15  ? 8   A   A "H3'"  1 
ATOM   259 H  "H2'"  . A   A 1 8  ? -10.556 -10.604 1.245   1.00 70.48  ? 8   A   A "H2'"  1 
ATOM   260 H  "HO2'" . A   A 1 8  ? -12.171 -9.344  0.428   1.00 79.28  ? 8   A   A "HO2'" 1 
ATOM   261 H  "H1'"  . A   A 1 8  ? -11.356 -12.355 -0.468  1.00 64.45  ? 8   A   A "H1'"  1 
ATOM   262 H  H8     . A   A 1 8  ? -8.185  -13.116 -1.245  1.00 62.65  ? 8   A   A H8     1 
ATOM   263 H  H61    . A   A 1 8  ? -6.756  -15.382 3.995   1.00 63.52  ? 8   A   A H61    1 
ATOM   264 H  H62    . A   A 1 8  ? -6.346  -15.263 2.568   1.00 63.52  ? 8   A   A H62    1 
ATOM   265 H  H2     . A   A 1 8  ? -10.482 -13.174 4.424   1.00 57.27  ? 8   A   A H2     1 
ATOM   266 P  P      . C   A 1 9  ? -8.957  -7.317  0.463   1.00 53.53  ? 9   C   A P      1 
ATOM   267 O  OP1    . C   A 1 9  ? -9.542  -5.954  0.527   1.00 78.30  ? 9   C   A OP1    1 
ATOM   268 O  OP2    . C   A 1 9  ? -7.605  -7.519  -0.113  1.00 46.09  ? 9   C   A OP2    1 
ATOM   269 O  "O5'"  . C   A 1 9  ? -8.934  -7.927  1.931   1.00 39.51  ? 9   C   A "O5'"  1 
ATOM   270 C  "C5'"  . C   A 1 9  ? -10.110 -7.991  2.718   1.00 54.05  ? 9   C   A "C5'"  1 
ATOM   271 C  "C4'"  . C   A 1 9  ? -9.797  -8.475  4.109   1.00 53.43  ? 9   C   A "C4'"  1 
ATOM   272 O  "O4'"  . C   A 1 9  ? -9.523  -9.898  4.081   1.00 50.01  ? 9   C   A "O4'"  1 
ATOM   273 C  "C3'"  . C   A 1 9  ? -8.561  -7.869  4.751   1.00 53.80  ? 9   C   A "C3'"  1 
ATOM   274 O  "O3'"  . C   A 1 9  ? -8.817  -6.599  5.325   1.00 53.88  ? 9   C   A "O3'"  1 
ATOM   275 C  "C2'"  . C   A 1 9  ? -8.145  -8.933  5.761   1.00 57.98  ? 9   C   A "C2'"  1 
ATOM   276 O  "O2'"  . C   A 1 9  ? -8.914  -8.848  6.949   1.00 61.10  ? 9   C   A "O2'"  1 
ATOM   277 C  "C1'"  . C   A 1 9  ? -8.529  -10.220 5.030   1.00 56.45  ? 9   C   A "C1'"  1 
ATOM   278 N  N1     . C   A 1 9  ? -7.394  -10.859 4.327   1.00 41.93  ? 9   C   A N1     1 
ATOM   279 C  C2     . C   A 1 9  ? -6.500  -11.629 5.071   1.00 48.84  ? 9   C   A C2     1 
ATOM   280 O  O2     . C   A 1 9  ? -6.676  -11.718 6.293   1.00 47.06  ? 9   C   A O2     1 
ATOM   281 N  N3     . C   A 1 9  ? -5.470  -12.245 4.446   1.00 41.78  ? 9   C   A N3     1 
ATOM   282 C  C4     . C   A 1 9  ? -5.322  -12.120 3.126   1.00 43.07  ? 9   C   A C4     1 
ATOM   283 N  N4     . C   A 1 9  ? -4.291  -12.746 2.552   1.00 49.14  ? 9   C   A N4     1 
ATOM   284 C  C5     . C   A 1 9  ? -6.226  -11.347 2.339   1.00 45.71  ? 9   C   A C5     1 
ATOM   285 C  C6     . C   A 1 9  ? -7.243  -10.746 2.973   1.00 43.04  ? 9   C   A C6     1 
ATOM   286 H  "H5'"  . C   A 1 9  ? -10.740 -8.601  2.302   1.00 64.85  ? 9   C   A "H5'"  1 
ATOM   287 H  "H5''" . C   A 1 9  ? -10.508 -7.108  2.769   1.00 64.85  ? 9   C   A "H5''" 1 
ATOM   288 H  "H4'"  . C   A 1 9  ? -10.564 -8.311  4.681   1.00 64.12  ? 9   C   A "H4'"  1 
ATOM   289 H  "H3'"  . C   A 1 9  ? -7.865  -7.779  4.080   1.00 64.56  ? 9   C   A "H3'"  1 
ATOM   290 H  "H2'"  . C   A 1 9  ? -7.193  -8.899  5.944   1.00 69.58  ? 9   C   A "H2'"  1 
ATOM   291 H  "HO2'" . C   A 1 9  ? -8.710  -8.143  7.358   1.00 73.32  ? 9   C   A "HO2'" 1 
ATOM   292 H  "H1'"  . C   A 1 9  ? -8.898  -10.847 5.671   1.00 67.74  ? 9   C   A "H1'"  1 
ATOM   293 H  H41    . C   A 1 9  ? -4.169  -12.685 1.703   1.00 58.96  ? 9   C   A H41    1 
ATOM   294 H  H42    . C   A 1 9  ? -3.748  -13.210 3.032   1.00 58.96  ? 9   C   A H42    1 
ATOM   295 H  H5     . C   A 1 9  ? -6.117  -11.266 1.419   1.00 54.86  ? 9   C   A H5     1 
ATOM   296 H  H6     . C   A 1 9  ? -7.851  -10.238 2.486   1.00 51.64  ? 9   C   A H6     1 
ATOM   297 P  P      . G   A 1 10 ? -7.718  -5.433  5.235   1.00 53.74  ? 10  G   A P      1 
ATOM   298 O  OP1    . G   A 1 10 ? -8.334  -4.203  5.794   1.00 76.53  ? 10  G   A OP1    1 
ATOM   299 O  OP2    . G   A 1 10 ? -7.130  -5.407  3.874   1.00 46.43  ? 10  G   A OP2    1 
ATOM   300 O  "O5'"  . G   A 1 10 ? -6.580  -5.920  6.233   1.00 52.59  ? 10  G   A "O5'"  1 
ATOM   301 C  "C5'"  . G   A 1 10 ? -6.847  -6.054  7.619   1.00 55.22  ? 10  G   A "C5'"  1 
ATOM   302 C  "C4'"  . G   A 1 10 ? -5.653  -6.598  8.352   1.00 54.27  ? 10  G   A "C4'"  1 
ATOM   303 O  "O4'"  . G   A 1 10 ? -5.463  -7.997  8.018   1.00 52.04  ? 10  G   A "O4'"  1 
ATOM   304 C  "C3'"  . G   A 1 10 ? -4.321  -5.955  8.008   1.00 68.92  ? 10  G   A "C3'"  1 
ATOM   305 O  "O3'"  . G   A 1 10 ? -4.111  -4.722  8.673   1.00 67.27  ? 10  G   A "O3'"  1 
ATOM   306 C  "C2'"  . G   A 1 10 ? -3.328  -7.037  8.396   1.00 67.14  ? 10  G   A "C2'"  1 
ATOM   307 O  "O2'"  . G   A 1 10 ? -3.129  -7.056  9.800   1.00 57.93  ? 10  G   A "O2'"  1 
ATOM   308 C  "C1'"  . G   A 1 10 ? -4.085  -8.299  7.987   1.00 52.45  ? 10  G   A "C1'"  1 
ATOM   309 N  N9     . G   A 1 10 ? -3.726  -8.742  6.626   1.00 49.20  ? 10  G   A N9     1 
ATOM   310 C  C8     . G   A 1 10 ? -4.406  -8.512  5.453   1.00 43.40  ? 10  G   A C8     1 
ATOM   311 N  N7     . G   A 1 10 ? -3.823  -9.038  4.411   1.00 41.94  ? 10  G   A N7     1 
ATOM   312 C  C5     . G   A 1 10 ? -2.688  -9.647  4.928   1.00 40.22  ? 10  G   A C5     1 
ATOM   313 C  C6     . G   A 1 10 ? -1.662  -10.382 4.281   1.00 48.25  ? 10  G   A C6     1 
ATOM   314 O  O6     . G   A 1 10 ? -1.544  -10.651 3.081   1.00 46.26  ? 10  G   A O6     1 
ATOM   315 N  N1     . G   A 1 10 ? -0.702  -10.824 5.184   1.00 44.27  ? 10  G   A N1     1 
ATOM   316 C  C2     . G   A 1 10 ? -0.725  -10.590 6.536   1.00 46.27  ? 10  G   A C2     1 
ATOM   317 N  N2     . G   A 1 10 ? 0.292   -11.099 7.239   1.00 48.97  ? 10  G   A N2     1 
ATOM   318 N  N3     . G   A 1 10 ? -1.673  -9.909  7.153   1.00 57.28  ? 10  G   A N3     1 
ATOM   319 C  C4     . G   A 1 10 ? -2.614  -9.472  6.291   1.00 49.45  ? 10  G   A C4     1 
ATOM   320 H  "H5'"  . G   A 1 10 ? -7.597  -6.656  7.740   1.00 66.26  ? 10  G   A "H5'"  1 
ATOM   321 H  "H5''" . G   A 1 10 ? -7.076  -5.184  7.982   1.00 66.26  ? 10  G   A "H5''" 1 
ATOM   322 H  "H4'"  . G   A 1 10 ? -5.806  -6.519  9.308   1.00 65.12  ? 10  G   A "H4'"  1 
ATOM   323 H  "H3'"  . G   A 1 10 ? -4.276  -5.811  7.050   1.00 82.71  ? 10  G   A "H3'"  1 
ATOM   324 H  "H2'"  . G   A 1 10 ? -2.492  -6.948  7.912   1.00 80.57  ? 10  G   A "H2'"  1 
ATOM   325 H  "HO2'" . G   A 1 10 ? -2.560  -7.645  9.987   1.00 69.52  ? 10  G   A "HO2'" 1 
ATOM   326 H  "H1'"  . G   A 1 10 ? -3.895  -9.010  8.619   1.00 62.94  ? 10  G   A "H1'"  1 
ATOM   327 H  H8     . G   A 1 10 ? -5.202  -8.033  5.407   1.00 52.08  ? 10  G   A H8     1 
ATOM   328 H  H1     . G   A 1 10 ? -0.042  -11.278 4.871   1.00 53.13  ? 10  G   A H1     1 
ATOM   329 H  H21    . G   A 1 10 ? 0.911   -11.542 6.840   1.00 58.76  ? 10  G   A H21    1 
ATOM   330 H  H22    . G   A 1 10 ? 0.327   -10.982 8.090   1.00 58.76  ? 10  G   A H22    1 
ATOM   331 P  P      . A   A 1 11 ? -2.876  -3.786  8.249   1.00 73.81  ? 11  A   A P      1 
ATOM   332 O  OP1    . A   A 1 11 ? -3.131  -2.424  8.782   1.00 104.30 ? 11  A   A OP1    1 
ATOM   333 O  OP2    . A   A 1 11 ? -2.634  -3.965  6.797   1.00 53.01  ? 11  A   A OP2    1 
ATOM   334 O  "O5'"  . A   A 1 11 ? -1.642  -4.401  9.047   1.00 76.19  ? 11  A   A "O5'"  1 
ATOM   335 C  "C5'"  . A   A 1 11 ? -1.163  -3.769  10.229  1.00 75.51  ? 11  A   A "C5'"  1 
ATOM   336 C  "C4'"  . A   A 1 11 ? -0.033  -4.534  10.876  1.00 94.02  ? 11  A   A "C4'"  1 
ATOM   337 O  "O4'"  . A   A 1 11 ? -0.568  -5.382  11.928  1.00 94.71  ? 11  A   A "O4'"  1 
ATOM   338 C  "C3'"  . A   A 1 11 ? 0.772   -5.444  9.949   1.00 124.37 ? 11  A   A "C3'"  1 
ATOM   339 O  "O3'"  . A   A 1 11 ? 2.162   -5.354  10.251  1.00 95.21  ? 11  A   A "O3'"  1 
ATOM   340 C  "C2'"  . A   A 1 11 ? 0.249   -6.842  10.278  1.00 142.18 ? 11  A   A "C2'"  1 
ATOM   341 O  "O2'"  . A   A 1 11 ? 1.181   -7.881  10.068  1.00 174.12 ? 11  A   A "O2'"  1 
ATOM   342 C  "C1'"  . A   A 1 11 ? -0.118  -6.708  11.755  1.00 119.24 ? 11  A   A "C1'"  1 
ATOM   343 N  N9     . A   A 1 11 ? -1.195  -7.609  12.172  1.00 132.80 ? 11  A   A N9     1 
ATOM   344 C  C8     . A   A 1 11 ? -1.694  -8.678  11.472  1.00 134.36 ? 11  A   A C8     1 
ATOM   345 N  N7     . A   A 1 11 ? -2.665  -9.308  12.081  1.00 145.67 ? 11  A   A N7     1 
ATOM   346 C  C5     . A   A 1 11 ? -2.805  -8.620  13.275  1.00 148.10 ? 11  A   A C5     1 
ATOM   347 C  C6     . A   A 1 11 ? -3.672  -8.807  14.362  1.00 179.68 ? 11  A   A C6     1 
ATOM   348 N  N6     . A   A 1 11 ? -4.581  -9.782  14.418  1.00 164.44 ? 11  A   A N6     1 
ATOM   349 N  N1     . A   A 1 11 ? -3.565  -7.949  15.398  1.00 140.04 ? 11  A   A N1     1 
ATOM   350 C  C2     . A   A 1 11 ? -2.648  -6.974  15.331  1.00 104.71 ? 11  A   A C2     1 
ATOM   351 N  N3     . A   A 1 11 ? -1.779  -6.697  14.361  1.00 90.66  ? 11  A   A N3     1 
ATOM   352 C  C4     . A   A 1 11 ? -1.908  -7.571  13.348  1.00 122.15 ? 11  A   A C4     1 
ATOM   353 H  "H5'"  . A   A 1 11 ? -1.894  -3.694  10.863  1.00 90.61  ? 11  A   A "H5'"  1 
ATOM   354 H  "H5''" . A   A 1 11 ? -0.850  -2.879  10.005  1.00 90.61  ? 11  A   A "H5''" 1 
ATOM   355 H  "H4'"  . A   A 1 11 ? 0.575   -3.895  11.279  1.00 112.83 ? 11  A   A "H4'"  1 
ATOM   356 H  "H3'"  . A   A 1 11 ? 0.604   -5.224  9.019   1.00 149.24 ? 11  A   A "H3'"  1 
ATOM   357 H  "H2'"  . A   A 1 11 ? -0.553  -7.015  9.761   1.00 170.62 ? 11  A   A "H2'"  1 
ATOM   358 H  "HO2'" . A   A 1 11 ? 1.363   -8.239  10.806  1.00 208.95 ? 11  A   A "HO2'" 1 
ATOM   359 H  "H1'"  . A   A 1 11 ? 0.668   -6.861  12.302  1.00 143.08 ? 11  A   A "H1'"  1 
ATOM   360 H  H8     . A   A 1 11 ? -1.382  -8.923  10.631  1.00 161.23 ? 11  A   A H8     1 
ATOM   361 H  H61    . A   A 1 11 ? -5.091  -9.856  15.107  1.00 197.33 ? 11  A   A H61    1 
ATOM   362 H  H62    . A   A 1 11 ? -4.658  -10.335 13.764  1.00 197.33 ? 11  A   A H62    1 
ATOM   363 H  H2     . A   A 1 11 ? -2.614  -6.410  16.069  1.00 125.65 ? 11  A   A H2     1 
ATOM   364 P  P      . C   A 1 12 ? 3.180   -4.806  9.134   1.00 69.13  ? 12  C   A P      1 
ATOM   365 O  OP1    . C   A 1 12 ? 4.519   -4.659  9.761   1.00 93.10  ? 12  C   A OP1    1 
ATOM   366 O  OP2    . C   A 1 12 ? 2.546   -3.647  8.454   1.00 61.88  ? 12  C   A OP2    1 
ATOM   367 O  "O5'"  . C   A 1 12 ? 3.257   -5.988  8.071   1.00 64.34  ? 12  C   A "O5'"  1 
ATOM   368 C  "C5'"  . C   A 1 12 ? 4.007   -7.163  8.340   1.00 69.46  ? 12  C   A "C5'"  1 
ATOM   369 C  "C4'"  . C   A 1 12 ? 4.051   -8.068  7.137   1.00 56.18  ? 12  C   A "C4'"  1 
ATOM   370 O  "O4'"  . C   A 1 12 ? 2.759   -8.706  6.966   1.00 51.89  ? 12  C   A "O4'"  1 
ATOM   371 C  "C3'"  . C   A 1 12 ? 4.312   -7.388  5.799   1.00 47.93  ? 12  C   A "C3'"  1 
ATOM   372 O  "O3'"  . C   A 1 12 ? 5.685   -7.145  5.558   1.00 46.66  ? 12  C   A "O3'"  1 
ATOM   373 C  "C2'"  . C   A 1 12 ? 3.678   -8.355  4.813   1.00 48.24  ? 12  C   A "C2'"  1 
ATOM   374 O  "O2'"  . C   A 1 12 ? 4.507   -9.489  4.600   1.00 47.20  ? 12  C   A "O2'"  1 
ATOM   375 C  "C1'"  . C   A 1 12 ? 2.447   -8.800  5.593   1.00 44.55  ? 12  C   A "C1'"  1 
ATOM   376 N  N1     . C   A 1 12 ? 1.278   -7.935  5.328   1.00 49.03  ? 12  C   A N1     1 
ATOM   377 C  C2     . C   A 1 12 ? 0.671   -7.986  4.077   1.00 39.94  ? 12  C   A C2     1 
ATOM   378 O  O2     . C   A 1 12 ? 1.146   -8.749  3.228   1.00 44.76  ? 12  C   A O2     1 
ATOM   379 N  N3     . C   A 1 12 ? -0.402  -7.203  3.832   1.00 43.16  ? 12  C   A N3     1 
ATOM   380 C  C4     . C   A 1 12 ? -0.869  -6.398  4.788   1.00 41.47  ? 12  C   A C4     1 
ATOM   381 N  N4     . C   A 1 12 ? -1.931  -5.640  4.509   1.00 44.32  ? 12  C   A N4     1 
ATOM   382 C  C5     . C   A 1 12 ? -0.268  -6.330  6.077   1.00 48.75  ? 12  C   A C5     1 
ATOM   383 C  C6     . C   A 1 12 ? 0.793   -7.111  6.303   1.00 45.84  ? 12  C   A C6     1 
ATOM   384 H  "H5'"  . C   A 1 12 ? 3.598   -7.637  9.081   1.00 83.35  ? 12  C   A "H5'"  1 
ATOM   385 H  "H5''" . C   A 1 12 ? 4.912   -6.912  8.582   1.00 83.35  ? 12  C   A "H5''" 1 
ATOM   386 H  "H4'"  . C   A 1 12 ? 4.725   -8.751  7.281   1.00 67.41  ? 12  C   A "H4'"  1 
ATOM   387 H  "H3'"  . C   A 1 12 ? 3.831   -6.546  5.772   1.00 57.52  ? 12  C   A "H3'"  1 
ATOM   388 H  "H2'"  . C   A 1 12 ? 3.437   -7.917  3.982   1.00 57.89  ? 12  C   A "H2'"  1 
ATOM   389 H  "HO2'" . C   A 1 12 ? 5.188   -9.252  4.170   1.00 56.63  ? 12  C   A "HO2'" 1 
ATOM   390 H  "H1'"  . C   A 1 12 ? 2.232   -9.719  5.369   1.00 53.46  ? 12  C   A "H1'"  1 
ATOM   391 H  H41    . C   A 1 12 ? -2.252  -5.114  5.109   1.00 53.19  ? 12  C   A H41    1 
ATOM   392 H  H42    . C   A 1 12 ? -2.294  -5.678  3.731   1.00 53.19  ? 12  C   A H42    1 
ATOM   393 H  H5     . C   A 1 12 ? -0.602  -5.765  6.737   1.00 58.50  ? 12  C   A H5     1 
ATOM   394 H  H6     . C   A 1 12 ? 1.207   -7.092  7.135   1.00 55.01  ? 12  C   A H6     1 
ATOM   395 P  P      . C   A 1 13 ? 6.142   -5.931  4.610   1.00 47.31  ? 13  C   A P      1 
ATOM   396 O  OP1    . C   A 1 13 ? 7.625   -5.858  4.685   1.00 50.40  ? 13  C   A OP1    1 
ATOM   397 O  OP2    . C   A 1 13 ? 5.319   -4.735  4.916   1.00 45.89  ? 13  C   A OP2    1 
ATOM   398 O  "O5'"  . C   A 1 13 ? 5.725   -6.401  3.152   1.00 42.06  ? 13  C   A "O5'"  1 
ATOM   399 C  "C5'"  . C   A 1 13 ? 6.196   -7.631  2.630   1.00 38.04  ? 13  C   A "C5'"  1 
ATOM   400 C  "C4'"  . C   A 1 13 ? 5.543   -7.952  1.311   1.00 44.64  ? 13  C   A "C4'"  1 
ATOM   401 O  "O4'"  . C   A 1 13 ? 4.112   -8.117  1.488   1.00 40.18  ? 13  C   A "O4'"  1 
ATOM   402 C  "C3'"  . C   A 1 13 ? 5.653   -6.888  0.234   1.00 42.28  ? 13  C   A "C3'"  1 
ATOM   403 O  "O3'"  . C   A 1 13 ? 6.907   -6.890  -0.413  1.00 41.57  ? 13  C   A "O3'"  1 
ATOM   404 C  "C2'"  . C   A 1 13 ? 4.492   -7.237  -0.680  1.00 37.55  ? 13  C   A "C2'"  1 
ATOM   405 O  "O2'"  . C   A 1 13 ? 4.812   -8.356  -1.491  1.00 38.69  ? 13  C   A "O2'"  1 
ATOM   406 C  "C1'"  . C   A 1 13 ? 3.435   -7.666  0.332   1.00 35.36  ? 13  C   A "C1'"  1 
ATOM   407 N  N1     . C   A 1 13 ? 2.517   -6.570  0.718   1.00 41.57  ? 13  C   A N1     1 
ATOM   408 C  C2     . C   A 1 13 ? 1.491   -6.179  -0.149  1.00 38.24  ? 13  C   A C2     1 
ATOM   409 O  O2     . C   A 1 13 ? 1.383   -6.737  -1.249  1.00 35.72  ? 13  C   A O2     1 
ATOM   410 N  N3     . C   A 1 13 ? 0.642   -5.195  0.226   1.00 37.00  ? 13  C   A N3     1 
ATOM   411 C  C4     . C   A 1 13 ? 0.784   -4.613  1.419   1.00 35.23  ? 13  C   A C4     1 
ATOM   412 N  N4     . C   A 1 13 ? -0.078  -3.652  1.763   1.00 34.11  ? 13  C   A N4     1 
ATOM   413 C  C5     . C   A 1 13 ? 1.815   -4.994  2.321   1.00 35.86  ? 13  C   A C5     1 
ATOM   414 C  C6     . C   A 1 13 ? 2.648   -5.968  1.937   1.00 33.41  ? 13  C   A C6     1 
ATOM   415 H  "H5'"  . C   A 1 13 ? 6.000   -8.339  3.263   1.00 45.65  ? 13  C   A "H5'"  1 
ATOM   416 H  "H5''" . C   A 1 13 ? 7.156   -7.575  2.503   1.00 45.65  ? 13  C   A "H5''" 1 
ATOM   417 H  "H4'"  . C   A 1 13 ? 5.914   -8.782  0.973   1.00 53.57  ? 13  C   A "H4'"  1 
ATOM   418 H  "H3'"  . C   A 1 13 ? 5.498   -6.016  0.629   1.00 50.73  ? 13  C   A "H3'"  1 
ATOM   419 H  "H2'"  . C   A 1 13 ? 4.202   -6.474  -1.205  1.00 45.06  ? 13  C   A "H2'"  1 
ATOM   420 H  "HO2'" . C   A 1 13 ? 4.352   -9.014  -1.242  1.00 46.43  ? 13  C   A "HO2'" 1 
ATOM   421 H  "H1'"  . C   A 1 13 ? 2.917   -8.399  -0.039  1.00 42.44  ? 13  C   A "H1'"  1 
ATOM   422 H  H41    . C   A 1 13 ? -0.006  -3.262  2.526   1.00 40.93  ? 13  C   A H41    1 
ATOM   423 H  H42    . C   A 1 13 ? -0.706  -3.423  1.220   1.00 40.93  ? 13  C   A H42    1 
ATOM   424 H  H5     . C   A 1 13 ? 1.902   -4.584  3.151   1.00 43.03  ? 13  C   A H5     1 
ATOM   425 H  H6     . C   A 1 13 ? 3.326   -6.242  2.512   1.00 40.09  ? 13  C   A H6     1 
ATOM   426 P  P      . C   A 1 14 ? 7.499   -5.527  -1.015  1.00 42.62  ? 14  C   A P      1 
ATOM   427 O  OP1    . C   A 1 14 ? 8.910   -5.814  -1.380  1.00 46.77  ? 14  C   A OP1    1 
ATOM   428 O  OP2    . C   A 1 14 ? 7.167   -4.400  -0.103  1.00 37.72  ? 14  C   A OP2    1 
ATOM   429 O  "O5'"  . C   A 1 14 ? 6.650   -5.297  -2.337  1.00 36.03  ? 14  C   A "O5'"  1 
ATOM   430 C  "C5'"  . C   A 1 14 ? 6.697   -6.236  -3.399  1.00 35.83  ? 14  C   A "C5'"  1 
ATOM   431 C  "C4'"  . C   A 1 14 ? 5.675   -5.919  -4.459  1.00 34.68  ? 14  C   A "C4'"  1 
ATOM   432 O  "O4'"  . C   A 1 14 ? 4.334   -6.000  -3.909  1.00 33.90  ? 14  C   A "O4'"  1 
ATOM   433 C  "C3'"  . C   A 1 14 ? 5.740   -4.520  -5.035  1.00 34.34  ? 14  C   A "C3'"  1 
ATOM   434 O  "O3'"  . C   A 1 14 ? 6.757   -4.371  -5.999  1.00 37.79  ? 14  C   A "O3'"  1 
ATOM   435 C  "C2'"  . C   A 1 14 ? 4.338   -4.329  -5.587  1.00 32.50  ? 14  C   A "C2'"  1 
ATOM   436 O  "O2'"  . C   A 1 14 ? 4.176   -5.024  -6.813  1.00 42.54  ? 14  C   A "O2'"  1 
ATOM   437 C  "C1'"  . C   A 1 14 ? 3.506   -5.037  -4.526  1.00 36.43  ? 14  C   A "C1'"  1 
ATOM   438 N  N1     . C   A 1 14 ? 2.996   -4.110  -3.489  1.00 33.83  ? 14  C   A N1     1 
ATOM   439 C  C2     . C   A 1 14 ? 1.861   -3.349  -3.775  1.00 33.89  ? 14  C   A C2     1 
ATOM   440 O  O2     . C   A 1 14 ? 1.337   -3.460  -4.888  1.00 37.28  ? 14  C   A O2     1 
ATOM   441 N  N3     . C   A 1 14 ? 1.369   -2.517  -2.837  1.00 35.16  ? 14  C   A N3     1 
ATOM   442 C  C4     . C   A 1 14 ? 1.967   -2.429  -1.650  1.00 37.28  ? 14  C   A C4     1 
ATOM   443 N  N4     . C   A 1 14 ? 1.438   -1.598  -0.750  1.00 33.55  ? 14  C   A N4     1 
ATOM   444 C  C5     . C   A 1 14 ? 3.126   -3.193  -1.333  1.00 32.51  ? 14  C   A C5     1 
ATOM   445 C  C6     . C   A 1 14 ? 3.601   -4.014  -2.274  1.00 36.46  ? 14  C   A C6     1 
ATOM   446 H  "H5'"  . C   A 1 14 ? 6.524   -7.123  -3.047  1.00 42.99  ? 14  C   A "H5'"  1 
ATOM   447 H  "H5''" . C   A 1 14 ? 7.582   -6.221  -3.797  1.00 42.99  ? 14  C   A "H5''" 1 
ATOM   448 H  "H4'"  . C   A 1 14 ? 5.759   -6.562  -5.179  1.00 41.62  ? 14  C   A "H4'"  1 
ATOM   449 H  "H3'"  . C   A 1 14 ? 5.887   -3.886  -4.316  1.00 41.21  ? 14  C   A "H3'"  1 
ATOM   450 H  "H2'"  . C   A 1 14 ? 4.103   -3.391  -5.663  1.00 39.00  ? 14  C   A "H2'"  1 
ATOM   451 H  "HO2'" . C   A 1 14 ? 4.632   -4.641  -7.407  1.00 51.04  ? 14  C   A "HO2'" 1 
ATOM   452 H  "H1'"  . C   A 1 14 ? 2.757   -5.484  -4.951  1.00 43.72  ? 14  C   A "H1'"  1 
ATOM   453 H  H41    . C   A 1 14 ? 1.799   -1.518  0.025   1.00 40.27  ? 14  C   A H41    1 
ATOM   454 H  H42    . C   A 1 14 ? 0.735   -1.143  -0.947  1.00 40.27  ? 14  C   A H42    1 
ATOM   455 H  H5     . C   A 1 14 ? 3.534   -3.127  -0.499  1.00 39.01  ? 14  C   A H5     1 
ATOM   456 H  H6     . C   A 1 14 ? 4.352   -4.533  -2.093  1.00 43.75  ? 14  C   A H6     1 
ATOM   457 P  P      . C   A 1 15 ? 7.516   -2.970  -6.120  1.00 38.04  ? 15  C   A P      1 
ATOM   458 O  OP1    . C   A 1 15 ? 8.624   -3.195  -7.084  1.00 41.43  ? 15  C   A OP1    1 
ATOM   459 O  OP2    . C   A 1 15 ? 7.797   -2.434  -4.766  1.00 36.60  ? 15  C   A OP2    1 
ATOM   460 O  "O5'"  . C   A 1 15 ? 6.429   -2.019  -6.777  1.00 32.96  ? 15  C   A "O5'"  1 
ATOM   461 C  "C5'"  . C   A 1 15 ? 5.959   -2.273  -8.087  1.00 36.09  ? 15  C   A "C5'"  1 
ATOM   462 C  "C4'"  . C   A 1 15 ? 4.874   -1.310  -8.481  1.00 33.11  ? 15  C   A "C4'"  1 
ATOM   463 O  "O4'"  . C   A 1 15 ? 3.689   -1.517  -7.671  1.00 34.43  ? 15  C   A "O4'"  1 
ATOM   464 C  "C3'"  . C   A 1 15 ? 5.178   0.161   -8.282  1.00 26.24  ? 15  C   A "C3'"  1 
ATOM   465 O  "O3'"  . C   A 1 15 ? 6.055   0.696   -9.255  1.00 34.87  ? 15  C   A "O3'"  1 
ATOM   466 C  "C2'"  . C   A 1 15 ? 3.785   0.769   -8.298  1.00 29.09  ? 15  C   A "C2'"  1 
ATOM   467 O  "O2'"  . C   A 1 15 ? 3.269   0.829   -9.619  1.00 30.99  ? 15  C   A "O2'"  1 
ATOM   468 C  "C1'"  . C   A 1 15 ? 2.999   -0.288  -7.527  1.00 33.54  ? 15  C   A "C1'"  1 
ATOM   469 N  N1     . C   A 1 15 ? 2.893   0.059   -6.093  1.00 31.19  ? 15  C   A N1     1 
ATOM   470 C  C2     . C   A 1 15 ? 1.904   0.972   -5.715  1.00 30.99  ? 15  C   A C2     1 
ATOM   471 O  O2     . C   A 1 15 ? 1.165   1.449   -6.588  1.00 33.69  ? 15  C   A O2     1 
ATOM   472 N  N3     . C   A 1 15 ? 1.777   1.310   -4.413  1.00 35.36  ? 15  C   A N3     1 
ATOM   473 C  C4     . C   A 1 15 ? 2.598   0.768   -3.508  1.00 32.73  ? 15  C   A C4     1 
ATOM   474 N  N4     . C   A 1 15 ? 2.450   1.131   -2.234  1.00 36.18  ? 15  C   A N4     1 
ATOM   475 C  C5     . C   A 1 15 ? 3.616   -0.160  -3.868  1.00 44.37  ? 15  C   A C5     1 
ATOM   476 C  C6     . C   A 1 15 ? 3.728   -0.483  -5.163  1.00 31.82  ? 15  C   A C6     1 
ATOM   477 H  "H5'"  . C   A 1 15 ? 5.611   -3.178  -8.129  1.00 43.31  ? 15  C   A "H5'"  1 
ATOM   478 H  "H5''" . C   A 1 15 ? 6.698   -2.190  -8.710  1.00 43.31  ? 15  C   A "H5''" 1 
ATOM   479 H  "H4'"  . C   A 1 15 ? 4.646   -1.460  -9.413  1.00 39.73  ? 15  C   A "H4'"  1 
ATOM   480 H  "H3'"  . C   A 1 15 ? 5.567   0.288   -7.403  1.00 31.49  ? 15  C   A "H3'"  1 
ATOM   481 H  "H2'"  . C   A 1 15 ? 3.760   1.632   -7.855  1.00 34.91  ? 15  C   A "H2'"  1 
ATOM   482 H  "HO2'" . C   A 1 15 ? 3.695   1.409   -10.053 1.00 37.19  ? 15  C   A "HO2'" 1 
ATOM   483 H  "H1'"  . C   A 1 15 ? 2.110   -0.370  -7.907  1.00 40.25  ? 15  C   A "H1'"  1 
ATOM   484 H  H41    . C   A 1 15 ? 2.963   0.799   -1.629  1.00 43.42  ? 15  C   A H41    1 
ATOM   485 H  H42    . C   A 1 15 ? 1.840   1.698   -2.016  1.00 43.42  ? 15  C   A H42    1 
ATOM   486 H  H5     . C   A 1 15 ? 4.182   -0.528  -3.228  1.00 53.24  ? 15  C   A H5     1 
ATOM   487 H  H6     . C   A 1 15 ? 4.380   -1.090  -5.430  1.00 38.18  ? 15  C   A H6     1 
ATOM   488 P  P      . A   A 1 16 ? 7.030   1.912   -8.867  1.00 35.41  ? 16  A   A P      1 
ATOM   489 O  OP1    . A   A 1 16 ? 7.978   2.098   -9.994  1.00 37.29  ? 16  A   A OP1    1 
ATOM   490 O  OP2    . A   A 1 16 ? 7.534   1.737   -7.485  1.00 33.16  ? 16  A   A OP2    1 
ATOM   491 O  "O5'"  . A   A 1 16 ? 6.047   3.156   -8.792  1.00 31.20  ? 16  A   A "O5'"  1 
ATOM   492 C  "C5'"  . A   A 1 16 ? 5.349   3.595   -9.943  1.00 38.81  ? 16  A   A "C5'"  1 
ATOM   493 C  "C4'"  . A   A 1 16 ? 4.306   4.616   -9.582  1.00 27.14  ? 16  A   A "C4'"  1 
ATOM   494 O  "O4'"  . A   A 1 16 ? 3.380   4.056   -8.620  1.00 26.58  ? 16  A   A "O4'"  1 
ATOM   495 C  "C3'"  . A   A 1 16 ? 4.823   5.871   -8.902  1.00 30.13  ? 16  A   A "C3'"  1 
ATOM   496 O  "O3'"  . A   A 1 16 ? 5.352   6.812   -9.832  1.00 49.67  ? 16  A   A "O3'"  1 
ATOM   497 C  "C2'"  . A   A 1 16 ? 3.591   6.375   -8.178  1.00 30.14  ? 16  A   A "C2'"  1 
ATOM   498 O  "O2'"  . A   A 1 16 ? 2.709   7.020   -9.089  1.00 29.86  ? 16  A   A "O2'"  1 
ATOM   499 C  "C1'"  . A   A 1 16 ? 2.961   5.063   -7.724  1.00 24.16  ? 16  A   A "C1'"  1 
ATOM   500 N  N9     . A   A 1 16 ? 3.363   4.679   -6.361  1.00 29.21  ? 16  A   A N9     1 
ATOM   501 C  C8     . A   A 1 16 ? 4.235   3.698   -5.953  1.00 33.65  ? 16  A   A C8     1 
ATOM   502 N  N7     . A   A 1 16 ? 4.338   3.599   -4.648  1.00 34.84  ? 16  A   A N7     1 
ATOM   503 C  C5     . A   A 1 16 ? 3.466   4.570   -4.172  1.00 33.56  ? 16  A   A C5     1 
ATOM   504 C  C6     . A   A 1 16 ? 3.111   4.978   -2.877  1.00 38.25  ? 16  A   A C6     1 
ATOM   505 N  N6     . A   A 1 16 ? 3.604   4.436   -1.767  1.00 32.46  ? 16  A   A N6     1 
ATOM   506 N  N1     . A   A 1 16 ? 2.216   5.976   -2.749  1.00 27.29  ? 16  A   A N1     1 
ATOM   507 C  C2     . A   A 1 16 ? 1.714   6.529   -3.858  1.00 31.30  ? 16  A   A C2     1 
ATOM   508 N  N3     . A   A 1 16 ? 1.963   6.233   -5.133  1.00 31.33  ? 16  A   A N3     1 
ATOM   509 C  C4     . A   A 1 16 ? 2.858   5.236   -5.214  1.00 34.73  ? 16  A   A C4     1 
ATOM   510 H  "H5'"  . A   A 1 16 ? 4.920   2.834   -10.364 1.00 46.57  ? 16  A   A "H5'"  1 
ATOM   511 H  "H5''" . A   A 1 16 ? 5.980   3.989   -10.566 1.00 46.57  ? 16  A   A "H5''" 1 
ATOM   512 H  "H4'"  . A   A 1 16 ? 3.819   4.868   -10.382 1.00 32.56  ? 16  A   A "H4'"  1 
ATOM   513 H  "H3'"  . A   A 1 16 ? 5.505   5.633   -8.254  1.00 36.15  ? 16  A   A "H3'"  1 
ATOM   514 H  "H2'"  . A   A 1 16 ? 3.819   6.943   -7.427  1.00 36.16  ? 16  A   A "H2'"  1 
ATOM   515 H  "HO2'" . A   A 1 16 ? 2.025   6.545   -9.189  1.00 35.83  ? 16  A   A "HO2'" 1 
ATOM   516 H  "H1'"  . A   A 1 16 ? 1.995   5.141   -7.762  1.00 28.99  ? 16  A   A "H1'"  1 
ATOM   517 H  H8     . A   A 1 16 ? 4.709   3.160   -6.544  1.00 40.38  ? 16  A   A H8     1 
ATOM   518 H  H61    . A   A 1 16 ? 3.349   4.724   -0.997  1.00 38.95  ? 16  A   A H61    1 
ATOM   519 H  H62    . A   A 1 16 ? 4.177   3.797   -1.819  1.00 38.95  ? 16  A   A H62    1 
ATOM   520 H  H2     . A   A 1 16 ? 1.097   7.210   -3.720  1.00 37.56  ? 16  A   A H2     1 
HETATM 521 O  O3P    . CBV A 1 17 ? 7.534   6.907   -8.668  1.00 30.77  ? 17  CBV A O3P    1 
HETATM 522 P  P      . CBV A 1 17 ? 6.579   7.781   -9.436  1.00 30.82  ? 17  CBV A P      1 
HETATM 523 O  O1P    . CBV A 1 17 ? 7.082   8.503   -10.652 1.00 29.39  ? 17  CBV A O1P    1 
HETATM 524 O  O2P    . CBV A 1 17 ? 5.493   7.001   -10.121 1.00 50.89  ? 17  CBV A O2P    1 
HETATM 525 O  "O5'"  . CBV A 1 17 ? 5.913   8.832   -8.445  1.00 28.62  ? 17  CBV A "O5'"  1 
HETATM 526 C  "C5'"  . CBV A 1 17 ? 5.087   9.862   -8.962  1.00 29.28  ? 17  CBV A "C5'"  1 
HETATM 527 C  "C4'"  . CBV A 1 17 ? 4.348   10.599  -7.878  1.00 36.63  ? 17  CBV A "C4'"  1 
HETATM 528 O  "O4'"  . CBV A 1 17 ? 3.598   9.673   -7.058  1.00 32.34  ? 17  CBV A "O4'"  1 
HETATM 529 C  "C3'"  . CBV A 1 17 ? 5.193   11.342  -6.865  1.00 27.45  ? 17  CBV A "C3'"  1 
HETATM 530 O  "O3'"  . CBV A 1 17 ? 5.708   12.549  -7.374  1.00 30.99  ? 17  CBV A "O3'"  1 
HETATM 531 C  "C2'"  . CBV A 1 17 ? 4.203   11.540  -5.735  1.00 29.26  ? 17  CBV A "C2'"  1 
HETATM 532 O  "O2'"  . CBV A 1 17 ? 3.259   12.545  -6.064  1.00 30.02  ? 17  CBV A "O2'"  1 
HETATM 533 C  "C1'"  . CBV A 1 17 ? 3.498   10.192  -5.746  1.00 33.16  ? 17  CBV A "C1'"  1 
HETATM 534 N  N1     . CBV A 1 17 ? 4.162   9.250   -4.836  1.00 32.44  ? 17  CBV A N1     1 
HETATM 535 C  C2     . CBV A 1 17 ? 3.849   9.324   -3.401  1.00 32.71  ? 17  CBV A C2     1 
HETATM 536 O  O2     . CBV A 1 17 ? 3.084   10.138  -3.021  1.00 32.66  ? 17  CBV A O2     1 
HETATM 537 N  N3     . CBV A 1 17 ? 4.500   8.383   -2.477  1.00 32.76  ? 17  CBV A N3     1 
HETATM 538 C  C4     . CBV A 1 17 ? 5.433   7.397   -2.952  1.00 30.19  ? 17  CBV A C4     1 
HETATM 539 N  N4     . CBV A 1 17 ? 6.066   6.476   -2.030  1.00 42.23  ? 17  CBV A N4     1 
HETATM 540 C  C5     . CBV A 1 17 ? 5.735   7.341   -4.403  1.00 32.06  ? 17  CBV A C5     1 
HETATM 541 C  C6     . CBV A 1 17 ? 5.097   8.283   -5.348  1.00 30.99  ? 17  CBV A C6     1 
HETATM 542 BR BR     . CBV A 1 17 ? 6.981   6.048   -5.063  1.00 38.19  ? 17  CBV A BR     1 
HETATM 543 H  "H5'1" . CBV A 1 17 ? 5.639   10.493  -9.450  1.00 35.14  ? 17  CBV A "H5'1" 1 
HETATM 544 H  "H5'2" . CBV A 1 17 ? 4.442   9.471   -9.571  1.00 35.14  ? 17  CBV A "H5'2" 1 
HETATM 545 H  "H4'"  . CBV A 1 17 ? 3.730   11.225  -8.287  1.00 43.95  ? 17  CBV A "H4'"  1 
HETATM 546 H  "H3'"  . CBV A 1 17 ? 5.919   10.773  -6.566  1.00 32.94  ? 17  CBV A "H3'"  1 
HETATM 547 H  "HO3'" . CBV A 1 17 ? 6.502   12.661  -7.089  1.00 37.19  ? 17  CBV A "HO3'" 1 
HETATM 548 H  "H2'"  . CBV A 1 17 ? 4.647   11.709  -4.890  1.00 35.11  ? 17  CBV A "H2'"  1 
HETATM 549 H  "HO2'" . CBV A 1 17 ? 2.474   12.226  -6.004  1.00 36.02  ? 17  CBV A "HO2'" 1 
HETATM 550 H  "H1'"  . CBV A 1 17 ? 2.565   10.300  -5.501  1.00 39.79  ? 17  CBV A "H1'"  1 
HETATM 551 H  HN41   . CBV A 1 17 ? 5.888   6.518   -1.190  1.00 50.67  ? 17  CBV A HN41   1 
HETATM 552 H  HN42   . CBV A 1 17 ? 6.627   5.894   -2.322  1.00 50.67  ? 17  CBV A HN42   1 
HETATM 553 H  H6     . CBV A 1 17 ? 5.286   8.240   -6.258  1.00 37.19  ? 17  CBV A H6     1 
ATOM   554 P  P      . C   A 1 18 ? 6.997   13.228  -6.704  1.00 31.93  ? 18  C   A P      1 
ATOM   555 O  OP1    . C   A 1 18 ? 7.225   14.436  -7.540  1.00 34.91  ? 18  C   A OP1    1 
ATOM   556 O  OP2    . C   A 1 18 ? 8.079   12.235  -6.521  1.00 30.37  ? 18  C   A OP2    1 
ATOM   557 O  "O5'"  . C   A 1 18 ? 6.493   13.661  -5.260  1.00 33.24  ? 18  C   A "O5'"  1 
ATOM   558 C  "C5'"  . C   A 1 18 ? 5.486   14.651  -5.118  1.00 34.34  ? 18  C   A "C5'"  1 
ATOM   559 C  "C4'"  . C   A 1 18 ? 5.214   14.944  -3.669  1.00 39.61  ? 18  C   A "C4'"  1 
ATOM   560 O  "O4'"  . C   A 1 18 ? 4.646   13.770  -3.034  1.00 35.19  ? 18  C   A "O4'"  1 
ATOM   561 C  "C3'"  . C   A 1 18 ? 6.428   15.266  -2.815  1.00 36.43  ? 18  C   A "C3'"  1 
ATOM   562 O  "O3'"  . C   A 1 18 ? 6.873   16.603  -2.948  1.00 38.17  ? 18  C   A "O3'"  1 
ATOM   563 C  "C2'"  . C   A 1 18 ? 5.936   14.929  -1.418  1.00 42.49  ? 18  C   A "C2'"  1 
ATOM   564 O  "O2'"  . C   A 1 18 ? 5.100   15.961  -0.915  1.00 38.65  ? 18  C   A "O2'"  1 
ATOM   565 C  "C1'"  . C   A 1 18 ? 5.077   13.699  -1.692  1.00 35.31  ? 18  C   A "C1'"  1 
ATOM   566 N  N1     . C   A 1 18 ? 5.825   12.438  -1.498  1.00 33.52  ? 18  C   A N1     1 
ATOM   567 C  C2     . C   A 1 18 ? 5.945   11.959  -0.195  1.00 40.99  ? 18  C   A C2     1 
ATOM   568 O  O2     . C   A 1 18 ? 5.432   12.615  0.721   1.00 34.40  ? 18  C   A O2     1 
ATOM   569 N  N3     . C   A 1 18 ? 6.611   10.809  0.034   1.00 36.93  ? 18  C   A N3     1 
ATOM   570 C  C4     . C   A 1 18 ? 7.144   10.139  -0.985  1.00 33.40  ? 18  C   A C4     1 
ATOM   571 N  N4     . C   A 1 18 ? 7.787   9.006   -0.706  1.00 34.06  ? 18  C   A N4     1 
ATOM   572 C  C5     . C   A 1 18 ? 7.040   10.601  -2.329  1.00 36.38  ? 18  C   A C5     1 
ATOM   573 C  C6     . C   A 1 18 ? 6.376   11.744  -2.540  1.00 36.15  ? 18  C   A C6     1 
ATOM   574 H  "H5'"  . C   A 1 18 ? 4.670   14.336  -5.538  1.00 41.20  ? 18  C   A "H5'"  1 
ATOM   575 H  "H5''" . C   A 1 18 ? 5.776   15.465  -5.558  1.00 41.20  ? 18  C   A "H5''" 1 
ATOM   576 H  "H4'"  . C   A 1 18 ? 4.580   15.676  -3.607  1.00 47.53  ? 18  C   A "H4'"  1 
ATOM   577 H  "H3'"  . C   A 1 18 ? 7.152   14.663  -3.052  1.00 43.72  ? 18  C   A "H3'"  1 
ATOM   578 H  "HO3'" . C   A 1 18 ? 7.651   16.760  -3.223  1.00 45.80  ? 18  C   A "HO3'" 1 
ATOM   579 H  "H2'"  . C   A 1 18 ? 6.669   14.729  -0.817  1.00 50.98  ? 18  C   A "H2'"  1 
ATOM   580 H  "HO2'" . C   A 1 18 ? 5.568   16.642  -0.763  1.00 46.38  ? 18  C   A "HO2'" 1 
ATOM   581 H  "H1'"  . C   A 1 18 ? 4.305   13.708  -1.106  1.00 42.37  ? 18  C   A "H1'"  1 
ATOM   582 H  H41    . C   A 1 18 ? 8.144   8.547   -1.339  1.00 40.87  ? 18  C   A H41    1 
ATOM   583 H  H42    . C   A 1 18 ? 7.845   8.735   0.108   1.00 40.87  ? 18  C   A H42    1 
ATOM   584 H  H5     . C   A 1 18 ? 7.416   10.123  -3.034  1.00 43.65  ? 18  C   A H5     1 
ATOM   585 H  H6     . C   A 1 18 ? 6.287   12.070  -3.407  1.00 43.38  ? 18  C   A H6     1 
HETATM 586 S  S      . SO4 B 2 .  ? 0.461   13.744  -0.551  1.00 79.79  ? 101 SO4 A S      1 
HETATM 587 O  O1     . SO4 B 2 .  ? -0.232  13.835  0.730   1.00 89.89  ? 101 SO4 A O1     1 
HETATM 588 O  O2     . SO4 B 2 .  ? -0.324  12.929  -1.473  1.00 92.43  ? 101 SO4 A O2     1 
HETATM 589 O  O3     . SO4 B 2 .  ? 0.630   15.080  -1.115  1.00 86.12  ? 101 SO4 A O3     1 
HETATM 590 O  O4     . SO4 B 2 .  ? 1.770   13.134  -0.347  1.00 113.78 ? 101 SO4 A O4     1 
HETATM 591 NA NA     . NA  C 3 .  ? 8.343   4.129   -1.523  1.00 63.95  ? 102 NA  A NA     1 
HETATM 592 NA NA     . NA  D 3 .  ? 3.993   14.300  5.398   1.00 68.95  ? 103 NA  A NA     1 
HETATM 593 N  N      . NH4 E 4 .  ? -3.519  -10.151 0.942   1.00 173.45 ? 104 NH4 A N      1 
HETATM 594 H  HN1    . NH4 E 4 .  ? -4.010  -9.479  1.459   1.00 208.14 ? 104 NH4 A HN1    1 
HETATM 595 H  HN2    . NH4 E 4 .  ? -4.081  -10.945 0.821   1.00 208.14 ? 104 NH4 A HN2    1 
HETATM 596 H  HN3    . NH4 E 4 .  ? -3.285  -9.781  0.065   1.00 208.14 ? 104 NH4 A HN3    1 
HETATM 597 H  HN4    . NH4 E 4 .  ? -2.701  -10.400 1.421   1.00 208.14 ? 104 NH4 A HN4    1 
HETATM 598 O  O      . HOH F 5 .  ? -6.039  -11.265 14.702  1.00 64.53  ? 201 HOH A O      1 
HETATM 599 O  O      . HOH F 5 .  ? 3.062   -3.710  5.423   1.00 50.14  ? 202 HOH A O      1 
HETATM 600 O  O      . HOH F 5 .  ? -5.691  -9.212  -0.233  1.00 49.00  ? 203 HOH A O      1 
HETATM 601 O  O      . HOH F 5 .  ? 8.517   9.944   -5.322  1.00 41.71  ? 204 HOH A O      1 
HETATM 602 O  O      . HOH F 5 .  ? 9.332   8.049   -7.078  1.00 37.21  ? 205 HOH A O      1 
HETATM 603 O  O      . HOH F 5 .  ? 3.107   14.551  -7.812  1.00 34.07  ? 206 HOH A O      1 
HETATM 604 O  O      . HOH F 5 .  ? 9.653   8.794   -11.333 1.00 33.06  ? 207 HOH A O      1 
HETATM 605 O  O      . HOH F 5 .  ? -3.606  -12.420 -0.591  1.00 102.35 ? 208 HOH A O      1 
HETATM 606 O  O      . HOH F 5 .  ? 2.710   -9.192  -3.050  1.00 56.09  ? 209 HOH A O      1 
HETATM 607 O  O      . HOH F 5 .  ? -6.243  -6.090  -9.088  1.00 39.14  ? 210 HOH A O      1 
HETATM 608 O  O      . HOH F 5 .  ? -4.934  -7.967  2.123   1.00 52.88  ? 211 HOH A O      1 
HETATM 609 O  O      . HOH F 5 .  ? 2.912   8.332   -11.577 0.33 31.34  ? 212 HOH A O      1 
HETATM 610 O  O      . HOH F 5 .  ? 5.958   10.527  -12.269 0.33 40.95  ? 213 HOH A O      1 
HETATM 611 O  O      . HOH F 5 .  ? 0.751   7.779   -7.177  1.00 34.77  ? 214 HOH A O      1 
HETATM 612 O  O      . HOH F 5 .  ? 5.391   4.841   4.281   1.00 47.69  ? 215 HOH A O      1 
HETATM 613 O  O      . HOH F 5 .  ? 0.106   9.819   -4.150  1.00 42.62  ? 216 HOH A O      1 
HETATM 614 O  O      . HOH F 5 .  ? -10.274 -1.167  -8.583  0.33 32.18  ? 217 HOH A O      1 
HETATM 615 O  O      . HOH F 5 .  ? -7.669  0.709   -9.175  0.33 50.55  ? 218 HOH A O      1 
HETATM 616 O  O      . HOH F 5 .  ? -0.877  13.206  6.873   1.00 51.97  ? 219 HOH A O      1 
HETATM 617 O  O      . HOH F 5 .  ? 3.814   10.184  11.641  1.00 55.83  ? 220 HOH A O      1 
HETATM 618 O  O      . HOH F 5 .  ? -5.305  -15.808 0.448   1.00 41.12  ? 221 HOH A O      1 
HETATM 619 O  O      . HOH F 5 .  ? 0.035   -2.541  4.565   1.00 74.31  ? 222 HOH A O      1 
HETATM 620 O  O      . HOH F 5 .  ? 2.620   -1.155  2.008   1.00 43.99  ? 223 HOH A O      1 
HETATM 621 O  O      . HOH F 5 .  ? 8.244   12.256  -11.115 1.00 48.16  ? 224 HOH A O      1 
HETATM 622 O  O      . HOH F 5 .  ? 11.311  9.224   -8.763  1.00 55.72  ? 225 HOH A O      1 
# 
loop_
_atom_site_anisotrop.id 
_atom_site_anisotrop.type_symbol 
_atom_site_anisotrop.pdbx_label_atom_id 
_atom_site_anisotrop.pdbx_label_alt_id 
_atom_site_anisotrop.pdbx_label_comp_id 
_atom_site_anisotrop.pdbx_label_asym_id 
_atom_site_anisotrop.pdbx_label_seq_id 
_atom_site_anisotrop.pdbx_PDB_ins_code 
_atom_site_anisotrop.U[1][1] 
_atom_site_anisotrop.U[2][2] 
_atom_site_anisotrop.U[3][3] 
_atom_site_anisotrop.U[1][2] 
_atom_site_anisotrop.U[1][3] 
_atom_site_anisotrop.U[2][3] 
_atom_site_anisotrop.pdbx_auth_seq_id 
_atom_site_anisotrop.pdbx_auth_comp_id 
_atom_site_anisotrop.pdbx_auth_asym_id 
_atom_site_anisotrop.pdbx_auth_atom_id 
1   O  "O5'" . G   A 1  ? 0.5645 0.5936 0.4454 -0.0349 -0.0833 0.1024  1  G   A "O5'" 
2   C  "C5'" . G   A 1  ? 0.5941 0.6591 0.4431 -0.0321 -0.0817 0.0966  1  G   A "C5'" 
3   C  "C4'" . G   A 1  ? 0.5297 0.6412 0.4040 -0.0230 -0.0609 0.0677  1  G   A "C4'" 
4   O  "O4'" . G   A 1  ? 0.4648 0.5618 0.3873 -0.0050 -0.0664 0.0446  1  G   A "O4'" 
5   C  "C3'" . G   A 1  ? 0.5309 0.6609 0.4174 -0.0359 -0.0374 0.0667  1  G   A "C3'" 
6   O  "O3'" . G   A 1  ? 0.5026 0.6765 0.3555 -0.0555 -0.0229 0.0747  1  G   A "O3'" 
7   C  "C2'" . G   A 1  ? 0.4425 0.5838 0.3635 -0.0169 -0.0343 0.0352  1  G   A "C2'" 
8   O  "O2'" . G   A 1  ? 0.4500 0.6358 0.3598 -0.0056 -0.0367 0.0122  1  G   A "O2'" 
9   C  "C1'" . G   A 1  ? 0.4052 0.5120 0.3510 -0.0054 -0.0493 0.0310  1  G   A "C1'" 
10  N  N9    . G   A 1  ? 0.3858 0.4613 0.3585 -0.0101 -0.0438 0.0365  1  G   A N9    
11  C  C8    . G   A 1  ? 0.4541 0.5031 0.4347 -0.0120 -0.0538 0.0482  1  G   A C8    
12  N  N7    . G   A 1  ? 0.3845 0.4203 0.3909 -0.0133 -0.0451 0.0437  1  G   A N7    
13  C  C5    . G   A 1  ? 0.3927 0.4385 0.4007 -0.0151 -0.0290 0.0340  1  G   A C5    
14  C  C6    . G   A 1  ? 0.4429 0.4771 0.4618 -0.0181 -0.0159 0.0283  1  G   A C6    
15  O  O6    . G   A 1  ? 0.3879 0.4118 0.4212 -0.0199 -0.0108 0.0276  1  G   A O6    
16  N  N1    . G   A 1  ? 0.4007 0.4353 0.4080 -0.0169 -0.0121 0.0201  1  G   A N1    
17  C  C2    . G   A 1  ? 0.4176 0.4706 0.4139 -0.0101 -0.0203 0.0113  1  G   A C2    
18  N  N2    . G   A 1  ? 0.4644 0.5087 0.4542 -0.0046 -0.0245 -0.0021 1  G   A N2    
19  N  N3    . G   A 1  ? 0.4049 0.4813 0.3934 -0.0068 -0.0278 0.0130  1  G   A N3    
20  C  C4    . G   A 1  ? 0.4253 0.4930 0.4161 -0.0113 -0.0313 0.0277  1  G   A C4    
33  P  P     . G   A 2  ? 0.5782 0.7612 0.4377 -0.0802 -0.0043 0.0866  2  G   A P     
34  O  OP1   . G   A 2  ? 0.5429 0.7841 0.3646 -0.1067 0.0118  0.0941  2  G   A OP1   
35  O  OP2   . G   A 2  ? 0.5694 0.6892 0.4399 -0.0873 -0.0162 0.1104  2  G   A OP2   
36  O  "O5'" . G   A 2  ? 0.5005 0.7042 0.4014 -0.0609 0.0042  0.0516  2  G   A "O5'" 
37  C  "C5'" . G   A 2  ? 0.5568 0.8109 0.4622 -0.0434 0.0054  0.0168  2  G   A "C5'" 
38  C  "C4'" . G   A 2  ? 0.4300 0.6687 0.3685 -0.0227 -0.0001 -0.0101 2  G   A "C4'" 
39  O  "O4'" . G   A 2  ? 0.4119 0.5887 0.3623 -0.0131 -0.0113 -0.0017 2  G   A "O4'" 
40  C  "C3'" . G   A 2  ? 0.3389 0.5755 0.2939 -0.0308 0.0092  -0.0108 2  G   A "C3'" 
41  O  "O3'" . G   A 2  ? 0.3691 0.6757 0.3309 -0.0348 0.0190  -0.0358 2  G   A "O3'" 
42  C  "C2'" . G   A 2  ? 0.5228 0.7086 0.4931 -0.0102 -0.0042 -0.0234 2  G   A "C2'" 
43  O  "O2'" . G   A 2  ? 0.4021 0.6066 0.3787 0.0122  -0.0189 -0.0594 2  G   A "O2'" 
44  C  "C1'" . G   A 2  ? 0.3630 0.5083 0.3289 -0.0095 -0.0104 -0.0061 2  G   A "C1'" 
45  N  N9    . G   A 2  ? 0.4098 0.5171 0.3799 -0.0210 -0.0054 0.0189  2  G   A N9    
46  C  C8    . G   A 2  ? 0.4435 0.5424 0.4072 -0.0333 -0.0060 0.0421  2  G   A C8    
47  N  N7    . G   A 2  ? 0.3848 0.4500 0.3613 -0.0355 -0.0073 0.0518  2  G   A N7    
48  C  C5    . G   A 2  ? 0.4402 0.4941 0.4259 -0.0272 -0.0022 0.0373  2  G   A C5    
49  C  C6    . G   A 2  ? 0.4937 0.5201 0.4889 -0.0251 0.0007  0.0368  2  G   A C6    
50  O  O6    . G   A 2  ? 0.4850 0.4971 0.4919 -0.0266 -0.0015 0.0434  2  G   A O6    
51  N  N1    . G   A 2  ? 0.4421 0.4567 0.4283 -0.0182 0.0024  0.0241  2  G   A N1    
52  C  C2    . G   A 2  ? 0.4679 0.4899 0.4442 -0.0105 -0.0044 0.0100  2  G   A C2    
53  N  N2    . G   A 2  ? 0.5050 0.4963 0.4664 -0.0034 -0.0109 0.0008  2  G   A N2    
54  N  N3    . G   A 2  ? 0.4425 0.4979 0.4196 -0.0084 -0.0083 0.0033  2  G   A N3    
55  C  C4    . G   A 2  ? 0.4600 0.5322 0.4394 -0.0187 -0.0038 0.0192  2  G   A C4    
67  P  P     . U   A 3  ? 0.3762 0.7040 0.3534 -0.0580 0.0342  -0.0303 3  U   A P     
68  O  OP1   . U   A 3  ? 0.3567 0.7805 0.3447 -0.0627 0.0463  -0.0654 3  U   A OP1   
69  O  OP2   . U   A 3  ? 0.4620 0.7503 0.4225 -0.0875 0.0400  0.0155  3  U   A OP2   
70  O  "O5'" . U   A 3  ? 0.3384 0.6163 0.3385 -0.0350 0.0199  -0.0453 3  U   A "O5'" 
71  C  "C5'" . U   A 3  ? 0.4373 0.7164 0.4473 -0.0034 0.0013  -0.0840 3  U   A "C5'" 
72  C  "C4'" . U   A 3  ? 0.3848 0.5961 0.3964 0.0113  -0.0134 -0.0839 3  U   A "C4'" 
73  O  "O4'" . U   A 3  ? 0.3873 0.5331 0.3809 0.0068  -0.0134 -0.0518 3  U   A "O4'" 
74  C  "C3'" . U   A 3  ? 0.3625 0.5739 0.3901 0.0008  -0.0061 -0.0799 3  U   A "C3'" 
75  O  "O3'" . U   A 3  ? 0.3581 0.6226 0.4122 0.0113  -0.0122 -0.1205 3  U   A "O3'" 
76  C  "C2'" . U   A 3  ? 0.4345 0.5659 0.4455 0.0118  -0.0174 -0.0656 3  U   A "C2'" 
77  O  "O2'" . U   A 3  ? 0.3996 0.5014 0.4009 0.0386  -0.0421 -0.0927 3  U   A "O2'" 
78  C  "C1'" . U   A 3  ? 0.3881 0.4902 0.3806 0.0055  -0.0132 -0.0404 3  U   A "C1'" 
79  N  N1    . U   A 3  ? 0.4114 0.5033 0.4063 -0.0144 0.0002  -0.0094 3  U   A N1    
80  C  C2    . U   A 3  ? 0.3554 0.4042 0.3486 -0.0127 -0.0006 0.0007  3  U   A C2    
81  O  O2    . U   A 3  ? 0.4891 0.5085 0.4709 0.0004  -0.0081 -0.0103 3  U   A O2    
82  N  N3    . U   A 3  ? 0.3642 0.4043 0.3651 -0.0255 0.0037  0.0217  3  U   A N3    
83  C  C4    . U   A 3  ? 0.4395 0.4962 0.4414 -0.0413 0.0053  0.0390  3  U   A C4    
84  O  O4    . U   A 3  ? 0.4120 0.4460 0.4194 -0.0481 -0.0007 0.0552  3  U   A O4    
85  C  C5    . U   A 3  ? 0.4043 0.5040 0.3977 -0.0466 0.0100  0.0333  3  U   A C5    
86  C  C6    . U   A 3  ? 0.3691 0.4903 0.3632 -0.0319 0.0086  0.0067  3  U   A C6    
97  P  P     . G   A 4  ? 0.3725 0.6800 0.4575 -0.0120 0.0032  -0.1220 4  G   A P     
98  O  OP1   . G   A 4  ? 0.4125 0.7914 0.5325 0.0041  -0.0054 -0.1773 4  G   A OP1   
99  O  OP2   . G   A 4  ? 0.4693 0.7947 0.5461 -0.0522 0.0275  -0.0824 4  G   A OP2   
100 O  "O5'" . G   A 4  ? 0.3419 0.5726 0.4218 -0.0015 -0.0099 -0.1090 4  G   A "O5'" 
101 C  "C5'" . G   A 4  ? 0.5930 0.7916 0.6708 0.0318  -0.0364 -0.1399 4  G   A "C5'" 
102 C  "C4'" . G   A 4  ? 0.5043 0.6372 0.5684 0.0366  -0.0437 -0.1230 4  G   A "C4'" 
103 O  "O4'" . G   A 4  ? 0.4568 0.5334 0.4859 0.0302  -0.0366 -0.0860 4  G   A "O4'" 
104 C  "C3'" . G   A 4  ? 0.3321 0.4839 0.4277 0.0151  -0.0322 -0.1135 4  G   A "C3'" 
105 O  "O3'" . G   A 4  ? 0.4593 0.6559 0.5948 0.0212  -0.0411 -0.1515 4  G   A "O3'" 
106 C  "C2'" . G   A 4  ? 0.3575 0.4369 0.4256 0.0237  -0.0387 -0.0917 4  G   A "C2'" 
107 O  "O2'" . G   A 4  ? 0.4705 0.5132 0.5210 0.0537  -0.0622 -0.1159 4  G   A "O2'" 
108 C  "C1'" . G   A 4  ? 0.4538 0.5033 0.4857 0.0225  -0.0319 -0.0680 4  G   A "C1'" 
109 N  N9    . G   A 4  ? 0.3711 0.4290 0.4105 -0.0027 -0.0151 -0.0371 4  G   A N9    
110 C  C8    . G   A 4  ? 0.4266 0.5235 0.4718 -0.0221 -0.0032 -0.0262 4  G   A C8    
111 N  N7    . G   A 4  ? 0.3921 0.4743 0.4355 -0.0398 0.0020  0.0025  4  G   A N7    
112 C  C5    . G   A 4  ? 0.3790 0.4182 0.4238 -0.0296 -0.0062 0.0056  4  G   A C5    
113 C  C6    . G   A 4  ? 0.5254 0.5352 0.5752 -0.0346 -0.0117 0.0234  4  G   A C6    
114 O  O6    . G   A 4  ? 0.4526 0.4579 0.5029 -0.0497 -0.0141 0.0441  4  G   A O6    
115 N  N1    . G   A 4  ? 0.4285 0.4116 0.4802 -0.0169 -0.0194 0.0113  4  G   A N1    
116 C  C2    . G   A 4  ? 0.4716 0.4481 0.5111 0.0011  -0.0218 -0.0091 4  G   A C2    
117 N  N2    . G   A 4  ? 0.5364 0.4893 0.5706 0.0163  -0.0287 -0.0184 4  G   A N2    
118 N  N3    . G   A 4  ? 0.4656 0.4571 0.4966 0.0067  -0.0221 -0.0231 4  G   A N3    
119 C  C4    . G   A 4  ? 0.4655 0.4919 0.5046 -0.0083 -0.0140 -0.0173 4  G   A C4    
131 P  P     . G   A 5  ? 0.4581 0.7073 0.6419 -0.0159 -0.0241 -0.1466 5  G   A P     
132 O  OP1   . G   A 5  ? 0.5591 0.8598 0.7904 -0.0033 -0.0368 -0.1974 5  G   A OP1   
133 O  OP2   . G   A 5  ? 0.3611 0.6520 0.5408 -0.0535 0.0022  -0.1188 5  G   A OP2   
134 O  "O5'" . G   A 5  ? 0.3999 0.5797 0.5737 -0.0203 -0.0300 -0.1148 5  G   A "O5'" 
135 C  "C5'" . G   A 5  ? 0.5241 0.6625 0.6981 0.0086  -0.0527 -0.1342 5  G   A "C5'" 
136 C  "C4'" . G   A 5  ? 0.4905 0.5730 0.6527 0.0065  -0.0570 -0.1074 5  G   A "C4'" 
137 O  "O4'" . G   A 5  ? 0.4802 0.5279 0.6012 0.0058  -0.0473 -0.0768 5  G   A "O4'" 
138 C  "C3'" . G   A 5  ? 0.3627 0.4537 0.5637 -0.0274 -0.0541 -0.0886 5  G   A "C3'" 
139 O  "O3'" . G   A 5  ? 0.3304 0.4439 0.5800 -0.0309 -0.0664 -0.1150 5  G   A "O3'" 
140 C  "C2'" . G   A 5  ? 0.3450 0.3762 0.5212 -0.0170 -0.0623 -0.0664 5  G   A "C2'" 
141 O  "O2'" . G   A 5  ? 0.4251 0.4259 0.5974 0.0150  -0.0815 -0.0893 5  G   A "O2'" 
142 C  "C1'" . G   A 5  ? 0.4230 0.4441 0.5526 -0.0065 -0.0492 -0.0542 5  G   A "C1'" 
143 N  N9    . G   A 5  ? 0.4054 0.4354 0.5317 -0.0346 -0.0364 -0.0230 5  G   A N9    
144 C  C8    . G   A 5  ? 0.4489 0.5195 0.5711 -0.0547 -0.0207 -0.0151 5  G   A C8    
145 N  N7    . G   A 5  ? 0.4991 0.5601 0.6104 -0.0766 -0.0164 0.0157  5  G   A N7    
146 C  C5    . G   A 5  ? 0.3817 0.3930 0.4972 -0.0690 -0.0334 0.0254  5  G   A C5    
147 C  C6    . G   A 5  ? 0.4968 0.4723 0.6068 -0.0790 -0.0460 0.0509  5  G   A C6    
148 O  O6    . G   A 5  ? 0.5022 0.4759 0.5946 -0.0995 -0.0443 0.0758  5  G   A O6    
149 N  N1    . G   A 5  ? 0.4273 0.3654 0.5527 -0.0592 -0.0671 0.0409  5  G   A N1    
150 C  C2    . G   A 5  ? 0.4409 0.3773 0.5778 -0.0348 -0.0719 0.0133  5  G   A C2    
151 N  N2    . G   A 5  ? 0.5012 0.4085 0.6522 -0.0157 -0.0933 0.0018  5  G   A N2    
152 N  N3    . G   A 5  ? 0.4059 0.3677 0.5398 -0.0264 -0.0609 -0.0058 5  G   A N3    
153 C  C4    . G   A 5  ? 0.4174 0.4148 0.5435 -0.0435 -0.0436 0.0005  5  G   A C4    
165 P  P     . G   A 6  ? 0.3969 0.3670 0.6757 -0.0887 0.0245  -0.0210 6  G   A P     
166 O  OP1   . G   A 6  ? 0.3776 0.3611 0.6687 -0.0932 0.0259  -0.0139 6  G   A OP1   
167 O  OP2   . G   A 6  ? 0.6176 0.5820 0.8898 -0.0923 0.0336  -0.0398 6  G   A OP2   
168 O  "O5'" . G   A 6  ? 0.3830 0.3384 0.6146 -0.0869 0.0181  -0.0125 6  G   A "O5'" 
169 C  "C5'" . G   A 6  ? 0.3829 0.3372 0.6032 -0.0839 0.0110  0.0020  6  G   A "C5'" 
170 C  "C4'" . G   A 6  ? 0.3796 0.3156 0.5534 -0.0768 0.0082  0.0086  6  G   A "C4'" 
171 O  "O4'" . G   A 6  ? 0.3936 0.3380 0.5720 -0.0683 0.0047  0.0123  6  G   A "O4'" 
172 C  "C3'" . G   A 6  ? 0.4850 0.3969 0.6132 -0.0815 0.0156  0.0020  6  G   A "C3'" 
173 O  "O3'" . G   A 6  ? 0.4952 0.3904 0.6009 -0.0913 0.0175  0.0018  6  G   A "O3'" 
174 C  "C2'" . G   A 6  ? 0.5114 0.4144 0.6083 -0.0671 0.0137  0.0120  6  G   A "C2'" 
175 O  "O2'" . G   A 6  ? 0.4536 0.3437 0.5282 -0.0581 0.0098  0.0232  6  G   A "O2'" 
176 C  "C1'" . G   A 6  ? 0.4329 0.3632 0.5668 -0.0628 0.0078  0.0147  6  G   A "C1'" 
177 N  N9    . G   A 6  ? 0.4096 0.3458 0.5439 -0.0691 0.0124  0.0037  6  G   A N9    
178 C  C8    . G   A 6  ? 0.3905 0.3343 0.5527 -0.0797 0.0164  -0.0123 6  G   A C8    
179 N  N7    . G   A 6  ? 0.4633 0.4114 0.6117 -0.0844 0.0202  -0.0208 6  G   A N7    
180 C  C5    . G   A 6  ? 0.4108 0.3572 0.5228 -0.0759 0.0185  -0.0068 6  G   A C5    
181 C  C6    . G   A 6  ? 0.5156 0.4714 0.6002 -0.0759 0.0210  -0.0042 6  G   A C6    
182 O  O6    . G   A 6  ? 0.5250 0.4935 0.6099 -0.0866 0.0242  -0.0165 6  G   A O6    
183 N  N1    . G   A 6  ? 0.4786 0.4303 0.5315 -0.0607 0.0202  0.0157  6  G   A N1    
184 C  C2    . G   A 6  ? 0.4807 0.4164 0.5252 -0.0476 0.0178  0.0280  6  G   A C2    
185 N  N2    . G   A 6  ? 0.5297 0.4601 0.5395 -0.0301 0.0201  0.0459  6  G   A N2    
186 N  N3    . G   A 6  ? 0.4606 0.3884 0.5280 -0.0505 0.0145  0.0236  6  G   A N3    
187 C  C4    . G   A 6  ? 0.4467 0.3826 0.5488 -0.0648 0.0147  0.0078  6  G   A C4    
199 P  P     . G   A 7  ? 0.5066 0.3830 0.5817 -0.1040 0.0261  -0.0064 7  G   A P     
200 O  OP1   . G   A 7  ? 0.5299 0.3915 0.5867 -0.1182 0.0247  -0.0043 7  G   A OP1   
201 O  OP2   . G   A 7  ? 0.4946 0.3936 0.5984 -0.1084 0.0319  -0.0176 7  G   A OP2   
202 O  "O5'" . G   A 7  ? 0.5234 0.3730 0.5518 -0.0923 0.0291  -0.0011 7  G   A "O5'" 
203 C  "C5'" . G   A 7  ? 0.5882 0.4078 0.5786 -0.0826 0.0273  0.0084  7  G   A "C5'" 
204 C  "C4'" . G   A 7  ? 0.6727 0.4739 0.6254 -0.0667 0.0328  0.0163  7  G   A "C4'" 
205 O  "O4'" . G   A 7  ? 0.6781 0.5136 0.6558 -0.0562 0.0304  0.0199  7  G   A "O4'" 
206 C  "C3'" . G   A 7  ? 0.6160 0.3972 0.5398 -0.0748 0.0415  0.0140  7  G   A "C3'" 
207 O  "O3'" . G   A 7  ? 0.6323 0.3675 0.5152 -0.0830 0.0450  0.0148  7  G   A "O3'" 
208 C  "C2'" . G   A 7  ? 0.6113 0.4000 0.5195 -0.0554 0.0450  0.0253  7  G   A "C2'" 
209 O  "O2'" . G   A 7  ? 0.6445 0.4002 0.5125 -0.0354 0.0481  0.0386  7  G   A "O2'" 
210 C  "C1'" . G   A 7  ? 0.5700 0.4024 0.5218 -0.0505 0.0370  0.0247  7  G   A "C1'" 
211 N  N9    . G   A 7  ? 0.4948 0.3584 0.4745 -0.0627 0.0377  0.0138  7  G   A N9    
212 C  C8    . G   A 7  ? 0.5683 0.4492 0.5857 -0.0777 0.0366  -0.0016 7  G   A C8    
213 N  N7    . G   A 7  ? 0.5957 0.4983 0.6238 -0.0845 0.0395  -0.0110 7  G   A N7    
214 C  C5    . G   A 7  ? 0.5746 0.4794 0.5721 -0.0757 0.0417  0.0006  7  G   A C5    
215 C  C6    . G   A 7  ? 0.4837 0.4135 0.4749 -0.0797 0.0445  -0.0014 7  G   A C6    
216 O  O6    . G   A 7  ? 0.5466 0.4966 0.5555 -0.0927 0.0463  -0.0178 7  G   A O6    
217 N  N1    . G   A 7  ? 0.7275 0.6583 0.6863 -0.0661 0.0463  0.0185  7  G   A N1    
218 C  C2    . G   A 7  ? 0.6585 0.5632 0.5921 -0.0478 0.0470  0.0362  7  G   A C2    
219 N  N2    . G   A 7  ? 0.7351 0.6460 0.6399 -0.0321 0.0511  0.0564  7  G   A N2    
220 N  N3    . G   A 7  ? 0.6634 0.5395 0.5986 -0.0445 0.0448  0.0347  7  G   A N3    
221 C  C4    . G   A 7  ? 0.6474 0.5281 0.6159 -0.0604 0.0413  0.0173  7  G   A C4    
233 P  P     . A   A 8  ? 0.7779 0.4901 0.6337 -0.0986 0.0530  0.0137  8  A   A P     
234 O  OP1   . A   A 8  ? 0.7475 0.4887 0.6134 -0.0929 0.0577  0.0159  8  A   A OP1   
235 O  OP2   . A   A 8  ? 1.0532 0.7038 0.8540 -0.0967 0.0571  0.0198  8  A   A OP2   
236 O  "O5'" . A   A 8  ? 1.0122 0.7443 0.8966 -0.1261 0.0494  0.0030  8  A   A "O5'" 
237 C  "C5'" . A   A 8  ? 0.5664 0.3490 0.5003 -0.1308 0.0484  -0.0052 8  A   A "C5'" 
238 C  "C4'" . A   A 8  ? 0.7807 0.5763 0.7215 -0.1532 0.0524  -0.0101 8  A   A "C4'" 
239 O  "O4'" . A   A 8  ? 0.7738 0.5263 0.6671 -0.1659 0.0554  -0.0033 8  A   A "O4'" 
240 C  "C3'" . A   A 8  ? 0.8015 0.6293 0.7587 -0.1523 0.0592  -0.0160 8  A   A "C3'" 
241 O  "O3'" . A   A 8  ? 0.7624 0.6307 0.7674 -0.1492 0.0586  -0.0266 8  A   A "O3'" 
242 C  "C2'" . A   A 8  ? 0.8234 0.6461 0.7619 -0.1731 0.0642  -0.0135 8  A   A "C2'" 
243 O  "O2'" . A   A 8  ? 0.8967 0.7480 0.8654 -0.1893 0.0630  -0.0177 8  A   A "O2'" 
244 C  "C1'" . A   A 8  ? 0.7947 0.5607 0.6850 -0.1770 0.0621  -0.0029 8  A   A "C1'" 
245 N  N9    . A   A 8  ? 0.7680 0.5050 0.6206 -0.1637 0.0680  0.0064  8  A   A N9    
246 C  C8    . A   A 8  ? 0.8210 0.5195 0.6430 -0.1436 0.0682  0.0146  8  A   A C8    
247 N  N7    . A   A 8  ? 0.7643 0.4475 0.5582 -0.1320 0.0754  0.0260  8  A   A N7    
248 C  C5    . A   A 8  ? 0.7468 0.4614 0.5533 -0.1476 0.0792  0.0242  8  A   A C5    
249 C  C6    . A   A 8  ? 0.7660 0.4886 0.5563 -0.1462 0.0868  0.0344  8  A   A C6    
250 N  N6    . A   A 8  ? 0.8515 0.5496 0.6102 -0.1265 0.0923  0.0508  8  A   A N6    
251 N  N1    . A   A 8  ? 0.7283 0.4897 0.5371 -0.1642 0.0893  0.0292  8  A   A N1    
252 C  C2    . A   A 8  ? 0.7276 0.5165 0.5692 -0.1799 0.0856  0.0152  8  A   A C2    
253 N  N3    . A   A 8  ? 0.7654 0.5510 0.6268 -0.1819 0.0787  0.0066  8  A   A N3    
254 C  C4    . A   A 8  ? 0.7336 0.4810 0.5754 -0.1663 0.0752  0.0115  8  A   A C4    
266 P  P     . C   A 9  ? 0.7077 0.5977 0.7285 -0.1353 0.0604  -0.0340 9  C   A P     
267 O  OP1   . C   A 9  ? 0.9956 0.9166 1.0630 -0.1356 0.0617  -0.0470 9  C   A OP1   
268 O  OP2   . C   A 9  ? 0.6254 0.4974 0.6284 -0.1195 0.0550  -0.0240 9  C   A OP2   
269 O  "O5'" . C   A 9  ? 0.5362 0.4327 0.5324 -0.1413 0.0687  -0.0348 9  C   A "O5'" 
270 C  "C5'" . C   A 9  ? 0.7111 0.6277 0.7148 -0.1558 0.0756  -0.0412 9  C   A "C5'" 
271 C  "C4'" . C   A 9  ? 0.7072 0.6352 0.6876 -0.1587 0.0826  -0.0402 9  C   A "C4'" 
272 O  "O4'" . C   A 9  ? 0.6891 0.5831 0.6278 -0.1612 0.0826  -0.0226 9  C   A "O4'" 
273 C  "C3'" . C   A 9  ? 0.7069 0.6505 0.6866 -0.1475 0.0825  -0.0451 9  C   A "C3'" 
274 O  "O3'" . C   A 9  ? 0.6875 0.6624 0.6973 -0.1488 0.0859  -0.0652 9  C   A "O3'" 
275 C  "C2'" . C   A 9  ? 0.7720 0.7156 0.7154 -0.1499 0.0874  -0.0325 9  C   A "C2'" 
276 O  "O2'" . C   A 9  ? 0.7998 0.7752 0.7465 -0.1618 0.0954  -0.0411 9  C   A "O2'" 
277 C  "C1'" . C   A 9  ? 0.7757 0.6767 0.6926 -0.1534 0.0862  -0.0159 9  C   A "C1'" 
278 N  N1    . C   A 9  ? 0.6122 0.4780 0.5028 -0.1373 0.0827  -0.0006 9  C   A N1    
279 C  C2    . C   A 9  ? 0.7109 0.5737 0.5711 -0.1284 0.0873  0.0155  9  C   A C2    
280 O  O2    . C   A 9  ? 0.6796 0.5714 0.5369 -0.1365 0.0929  0.0156  9  C   A O2    
281 N  N3    . C   A 9  ? 0.6398 0.4721 0.4753 -0.1095 0.0865  0.0317  9  C   A N3    
282 C  C4    . C   A 9  ? 0.6644 0.4696 0.5026 -0.1011 0.0808  0.0303  9  C   A C4    
283 N  N4    . C   A 9  ? 0.7593 0.5369 0.5708 -0.0796 0.0820  0.0465  9  C   A N4    
284 C  C5    . C   A 9  ? 0.6862 0.4958 0.5549 -0.1126 0.0749  0.0140  9  C   A C5    
285 C  C6    . C   A 9  ? 0.6335 0.4733 0.5284 -0.1298 0.0762  0.0001  9  C   A C6    
297 P  P     . G   A 10 ? 0.6778 0.6607 0.7035 -0.1401 0.0807  -0.0748 10 G   A P     
298 O  OP1   . G   A 10 ? 0.9501 0.9536 1.0041 -0.1436 0.0870  -0.0982 10 G   A OP1   
299 O  OP2   . G   A 10 ? 0.5907 0.5508 0.6228 -0.1301 0.0711  -0.0631 10 G   A OP2   
300 O  "O5'" . G   A 10 ? 0.6690 0.6657 0.6635 -0.1399 0.0811  -0.0672 10 G   A "O5'" 
301 C  "C5'" . G   A 10 ? 0.6973 0.7215 0.6791 -0.1493 0.0893  -0.0749 10 G   A "C5'" 
302 C  "C4'" . G   A 10 ? 0.6896 0.7299 0.6425 -0.1477 0.0880  -0.0609 10 G   A "C4'" 
303 O  "O4'" . G   A 10 ? 0.6782 0.6949 0.6042 -0.1407 0.0882  -0.0347 10 G   A "O4'" 
304 C  "C3'" . G   A 10 ? 0.8718 0.9187 0.8282 -0.1417 0.0790  -0.0578 10 G   A "C3'" 
305 O  "O3'" . G   A 10 ? 0.8382 0.9098 0.8078 -0.1520 0.0784  -0.0808 10 G   A "O3'" 
306 C  "C2'" . G   A 10 ? 0.8568 0.9135 0.7808 -0.1345 0.0788  -0.0310 10 G   A "C2'" 
307 O  "O2'" . G   A 10 ? 0.7316 0.8284 0.6411 -0.1452 0.0835  -0.0342 10 G   A "O2'" 
308 C  "C1'" . G   A 10 ? 0.6876 0.7095 0.5958 -0.1294 0.0840  -0.0163 10 G   A "C1'" 
309 N  N9    . G   A 10 ? 0.6606 0.6438 0.5649 -0.1145 0.0789  -0.0017 10 G   A N9    
310 C  C8    . G   A 10 ? 0.5914 0.5448 0.5129 -0.1136 0.0753  -0.0090 10 G   A C8    
311 N  N7    . G   A 10 ? 0.5866 0.5114 0.4955 -0.0988 0.0718  0.0066  10 G   A N7    
312 C  C5    . G   A 10 ? 0.5698 0.5053 0.4530 -0.0868 0.0740  0.0264  10 G   A C5    
313 C  C6    . G   A 10 ? 0.6855 0.6025 0.5452 -0.0648 0.0740  0.0498  10 G   A C6    
314 O  O6    . G   A 10 ? 0.6731 0.5571 0.5274 -0.0524 0.0718  0.0551  10 G   A O6    
315 N  N1    . G   A 10 ? 0.6325 0.5768 0.4728 -0.0562 0.0782  0.0691  10 G   A N1    
316 C  C2    . G   A 10 ? 0.6432 0.6294 0.4853 -0.0700 0.0806  0.0652  10 G   A C2    
317 N  N2    . G   A 10 ? 0.6743 0.6894 0.4968 -0.0594 0.0841  0.0891  10 G   A N2    
318 N  N3    . G   A 10 ? 0.7712 0.7729 0.6321 -0.0915 0.0806  0.0406  10 G   A N3    
319 C  C4    . G   A 10 ? 0.6746 0.6484 0.5558 -0.0972 0.0778  0.0228  10 G   A C4    
331 P  P     . A   A 11 ? 1.1056 0.9594 0.7393 -0.1213 0.2248  0.1313  11 A   A P     
332 O  OP1   . A   A 11 ? 1.5242 1.3408 1.0978 -0.1060 0.2654  0.1130  11 A   A OP1   
333 O  OP2   . A   A 11 ? 0.7748 0.7092 0.5303 -0.1169 0.1774  0.1256  11 A   A OP2   
334 O  "O5'" . A   A 11 ? 1.2036 0.9777 0.7135 -0.1357 0.1741  0.1380  11 A   A "O5'" 
335 C  "C5'" . A   A 11 ? 1.2807 0.9518 0.6363 -0.1367 0.1765  0.1313  11 A   A "C5'" 
336 C  "C4'" . A   A 11 ? 1.5712 1.1692 0.8320 -0.1535 0.1135  0.1431  11 A   A "C4'" 
337 O  "O4'" . A   A 11 ? 1.6214 1.1628 0.8143 -0.1628 0.1458  0.1593  11 A   A "O4'" 
338 C  "C3'" . A   A 11 ? 1.9006 1.5614 1.2634 -0.1583 0.0489  0.1504  11 A   A "C3'" 
339 O  "O3'" . A   A 11 ? 1.5654 1.1759 0.8762 -0.1630 -0.0244 0.1486  11 A   A "O3'" 
340 C  "C2'" . A   A 11 ? 2.1308 1.7813 1.4902 -0.1743 0.0652  0.1761  11 A   A "C2'" 
341 O  "O2'" . A   A 11 ? 2.5288 2.1780 1.9092 -0.1836 0.0008  0.1879  11 A   A "O2'" 
342 C  "C1'" . A   A 11 ? 1.9205 1.4706 1.1393 -0.1788 0.1028  0.1798  11 A   A "C1'" 
343 N  N9    . A   A 11 ? 2.0861 1.6404 1.3196 -0.1858 0.1586  0.1994  11 A   A N9    
344 C  C8    . A   A 11 ? 2.0532 1.6680 1.3839 -0.1979 0.1651  0.2211  11 A   A C8    
345 N  N7    . A   A 11 ? 2.1977 1.8051 1.5322 -0.2026 0.2176  0.2383  11 A   A N7    
346 C  C5    . A   A 11 ? 2.2897 1.8236 1.5139 -0.1926 0.2506  0.2262  11 A   A C5    
347 C  C6    . A   A 11 ? 2.7228 2.2106 1.8938 -0.1923 0.3121  0.2349  11 A   A C6    
348 N  N6    . A   A 11 ? 2.4971 2.0179 1.7330 -0.2029 0.3509  0.2613  11 A   A N6    
349 N  N1    . A   A 11 ? 2.2910 1.6911 1.3390 -0.1816 0.3313  0.2159  11 A   A N1    
350 C  C2    . A   A 11 ? 1.8733 1.2398 0.8654 -0.1733 0.2858  0.1913  11 A   A C2    
351 N  N3    . A   A 11 ? 1.6627 1.0754 0.7065 -0.1732 0.2252  0.1830  11 A   A N3    
352 C  C4    . A   A 11 ? 1.9957 1.4917 1.1536 -0.1827 0.2127  0.2011  11 A   A C4    
364 P  P     . C   A 12 ? 1.1769 0.8541 0.5953 -0.1507 -0.0753 0.1345  12 C   A P     
365 O  OP1   . C   A 12 ? 1.5228 1.1319 0.8826 -0.1587 -0.1467 0.1383  12 C   A OP1   
366 O  OP2   . C   A 12 ? 1.0501 0.7810 0.5202 -0.1344 -0.0348 0.1141  12 C   A OP2   
367 O  "O5'" . C   A 12 ? 1.0512 0.8040 0.5896 -0.1496 -0.0883 0.1447  12 C   A "O5'" 
368 C  "C5'" . C   A 12 ? 1.1271 0.8521 0.6600 -0.1604 -0.1345 0.1628  12 C   A "C5'" 
369 C  "C4'" . C   A 12 ? 0.8966 0.6924 0.5456 -0.1532 -0.1403 0.1661  12 C   A "C4'" 
370 O  "O4'" . C   A 12 ? 0.8291 0.6485 0.4940 -0.1585 -0.0950 0.1734  12 C   A "O4'" 
371 C  "C3'" . C   A 12 ? 0.7363 0.6016 0.4832 -0.1343 -0.1369 0.1484  12 C   A "C3'" 
372 O  "O3'" . C   A 12 ? 0.7079 0.5726 0.4923 -0.1275 -0.1812 0.1470  12 C   A "O3'" 
373 C  "C2'" . C   A 12 ? 0.7026 0.6120 0.5184 -0.1309 -0.1213 0.1522  12 C   A "C2'" 
374 O  "O2'" . C   A 12 ? 0.6830 0.5825 0.5277 -0.1308 -0.1577 0.1635  12 C   A "O2'" 
375 C  "C1'" . C   A 12 ? 0.6786 0.5678 0.4465 -0.1460 -0.0867 0.1644  12 C   A "C1'" 
376 N  N1    . C   A 12 ? 0.7170 0.6398 0.5061 -0.1410 -0.0382 0.1543  12 C   A N1    
377 C  C2    . C   A 12 ? 0.5544 0.5319 0.4311 -0.1325 -0.0305 0.1479  12 C   A C2    
378 O  O2    . C   A 12 ? 0.5983 0.5865 0.5160 -0.1284 -0.0597 0.1490  12 C   A O2    
379 N  N3    . C   A 12 ? 0.5740 0.5819 0.4842 -0.1281 0.0062  0.1410  12 C   A N3    
380 C  C4    . C   A 12 ? 0.5757 0.5635 0.4364 -0.1292 0.0444  0.1392  12 C   A C4    
381 N  N4    . C   A 12 ? 0.5842 0.6053 0.4946 -0.1221 0.0822  0.1332  12 C   A N4    
382 C  C5    . C   A 12 ? 0.7259 0.6481 0.4784 -0.1368 0.0431  0.1435  12 C   A C5    
383 C  C6    . C   A 12 ? 0.7106 0.6010 0.4302 -0.1439 -0.0035 0.1517  12 C   A C6    
395 P  P     . C   A 13 ? 0.6804 0.5892 0.5279 -0.1111 -0.1757 0.1295  13 C   A P     
396 O  OP1   . C   A 13 ? 0.7094 0.6068 0.5990 -0.1093 -0.2237 0.1368  13 C   A OP1   
397 O  OP2   . C   A 13 ? 0.6805 0.5849 0.4783 -0.1109 -0.1439 0.1153  13 C   A OP2   
398 O  "O5'" . C   A 13 ? 0.5702 0.5335 0.4945 -0.0975 -0.1495 0.1234  13 C   A "O5'" 
399 C  "C5'" . C   A 13 ? 0.5035 0.4701 0.4719 -0.0932 -0.1643 0.1331  13 C   A "C5'" 
400 C  "C4'" . C   A 13 ? 0.5650 0.5599 0.5712 -0.0818 -0.1385 0.1245  13 C   A "C4'" 
401 O  "O4'" . C   A 13 ? 0.5161 0.5155 0.4951 -0.0922 -0.1169 0.1250  13 C   A "O4'" 
402 C  "C3'" . C   A 13 ? 0.5162 0.5364 0.5538 -0.0665 -0.1195 0.1082  13 C   A "C3'" 
403 O  "O3'" . C   A 13 ? 0.4901 0.5123 0.5769 -0.0520 -0.1255 0.1087  13 C   A "O3'" 
404 C  "C2'" . C   A 13 ? 0.4537 0.4808 0.4923 -0.0641 -0.1017 0.1022  13 C   A "C2'" 
405 O  "O2'" . C   A 13 ? 0.4686 0.4777 0.5237 -0.0558 -0.1089 0.1054  13 C   A "O2'" 
406 C  "C1'" . C   A 13 ? 0.4372 0.4608 0.4456 -0.0824 -0.0982 0.1123  13 C   A "C1'" 
407 N  N1    . C   A 13 ? 0.5152 0.5548 0.5097 -0.0863 -0.0743 0.1051  13 C   A N1    
408 C  C2    . C   A 13 ? 0.4556 0.5164 0.4810 -0.0821 -0.0599 0.0973  13 C   A C2    
409 O  O2    . C   A 13 ? 0.4175 0.4736 0.4660 -0.0764 -0.0717 0.0958  13 C   A O2    
410 N  N3    . C   A 13 ? 0.4342 0.5109 0.4606 -0.0833 -0.0360 0.0919  13 C   A N3    
411 C  C4    . C   A 13 ? 0.4312 0.4949 0.4125 -0.0876 -0.0215 0.0920  13 C   A C4    
412 N  N4    . C   A 13 ? 0.4139 0.4874 0.3947 -0.0853 0.0088  0.0855  13 C   A N4    
413 C  C5    . C   A 13 ? 0.4671 0.4973 0.3979 -0.0940 -0.0405 0.0993  13 C   A C5    
414 C  C6    . C   A 13 ? 0.4327 0.4564 0.3804 -0.0937 -0.0688 0.1067  13 C   A C6    
426 P  P     . C   A 14 ? 0.4877 0.5276 0.6041 -0.0412 -0.1119 0.0986  14 C   A P     
427 O  OP1   . C   A 14 ? 0.5180 0.5579 0.7012 -0.0290 -0.1168 0.1079  14 C   A OP1   
428 O  OP2   . C   A 14 ? 0.4365 0.4788 0.5178 -0.0526 -0.1184 0.0940  14 C   A OP2   
429 O  "O5'" . C   A 14 ? 0.4077 0.4497 0.5117 -0.0308 -0.0830 0.0847  14 C   A "O5'" 
430 C  "C5'" . C   A 14 ? 0.4115 0.4313 0.5185 -0.0185 -0.0730 0.0839  14 C   A "C5'" 
431 C  "C4'" . C   A 14 ? 0.4131 0.4182 0.4864 -0.0146 -0.0604 0.0715  14 C   A "C4'" 
432 O  "O4'" . C   A 14 ? 0.4050 0.4221 0.4608 -0.0302 -0.0717 0.0720  14 C   A "O4'" 
433 C  "C3'" . C   A 14 ? 0.4071 0.4192 0.4786 -0.0083 -0.0444 0.0612  14 C   A "C3'" 
434 O  "O3'" . C   A 14 ? 0.4548 0.4445 0.5367 0.0087  -0.0216 0.0601  14 C   A "O3'" 
435 C  "C2'" . C   A 14 ? 0.3981 0.3990 0.4378 -0.0128 -0.0501 0.0529  14 C   A "C2'" 
436 O  "O2'" . C   A 14 ? 0.5540 0.5027 0.5593 -0.0034 -0.0506 0.0493  14 C   A "O2'" 
437 C  "C1'" . C   A 14 ? 0.4390 0.4596 0.4856 -0.0289 -0.0653 0.0613  14 C   A "C1'" 
438 N  N1    . C   A 14 ? 0.3927 0.4467 0.4459 -0.0388 -0.0608 0.0603  14 C   A N1    
439 C  C2    . C   A 14 ? 0.3881 0.4527 0.4470 -0.0404 -0.0567 0.0534  14 C   A C2    
440 O  O2    . C   A 14 ? 0.4385 0.4821 0.4957 -0.0361 -0.0658 0.0495  14 C   A O2    
441 N  N3    . C   A 14 ? 0.3950 0.4832 0.4578 -0.0458 -0.0446 0.0515  14 C   A N3    
442 C  C4    . C   A 14 ? 0.4281 0.5179 0.4704 -0.0512 -0.0409 0.0554  14 C   A C4    
443 N  N4    . C   A 14 ? 0.3839 0.4800 0.4111 -0.0545 -0.0251 0.0515  14 C   A N4    
444 C  C5    . C   A 14 ? 0.3751 0.4509 0.4092 -0.0527 -0.0554 0.0639  14 C   A C5    
445 C  C6    . C   A 14 ? 0.4238 0.4882 0.4734 -0.0456 -0.0629 0.0665  14 C   A C6    
457 P  P     . C   A 15 ? 0.4423 0.4504 0.5528 0.0128  -0.0053 0.0588  15 C   A P     
458 O  OP1   . C   A 15 ? 0.4873 0.4680 0.6189 0.0312  0.0281  0.0634  15 C   A OP1   
459 O  OP2   . C   A 15 ? 0.4003 0.4470 0.5435 -0.0008 -0.0274 0.0646  15 C   A OP2   
460 O  "O5'" . C   A 15 ? 0.3977 0.3935 0.4611 0.0109  -0.0039 0.0455  15 C   A "O5'" 
461 C  "C5'" . C   A 15 ? 0.4734 0.4151 0.4829 0.0202  0.0051  0.0386  15 C   A "C5'" 
462 C  "C4'" . C   A 15 ? 0.4481 0.3829 0.4271 0.0149  -0.0077 0.0289  15 C   A "C4'" 
463 O  "O4'" . C   A 15 ? 0.4493 0.4155 0.4434 0.0013  -0.0336 0.0286  15 C   A "O4'" 
464 C  "C3'" . C   A 15 ? 0.3454 0.3067 0.3450 0.0137  0.0008  0.0259  15 C   A "C3'" 
465 O  "O3'" . C   A 15 ? 0.4715 0.3982 0.4553 0.0249  0.0291  0.0270  15 C   A "O3'" 
466 C  "C2'" . C   A 15 ? 0.3849 0.3501 0.3703 0.0066  -0.0215 0.0176  15 C   A "C2'" 
467 O  "O2'" . C   A 15 ? 0.4474 0.3513 0.3788 0.0120  -0.0289 0.0128  15 C   A "O2'" 
468 C  "C1'" . C   A 15 ? 0.4283 0.4151 0.4309 -0.0027 -0.0388 0.0220  15 C   A "C1'" 
469 N  N1    . C   A 15 ? 0.3700 0.4081 0.4070 -0.0117 -0.0382 0.0240  15 C   A N1    
470 C  C2    . C   A 15 ? 0.3564 0.4150 0.4060 -0.0153 -0.0409 0.0177  15 C   A C2    
471 O  O2    . C   A 15 ? 0.3979 0.4387 0.4436 -0.0120 -0.0503 0.0125  15 C   A O2    
472 N  N3    . C   A 15 ? 0.3987 0.4858 0.4590 -0.0213 -0.0337 0.0180  15 C   A N3    
473 C  C4    . C   A 15 ? 0.3663 0.4576 0.4196 -0.0265 -0.0332 0.0252  15 C   A C4    
474 N  N4    . C   A 15 ? 0.4122 0.5108 0.4517 -0.0328 -0.0285 0.0249  15 C   A N4    
475 C  C5    . C   A 15 ? 0.5172 0.5957 0.5729 -0.0243 -0.0382 0.0333  15 C   A C5    
476 C  C6    . C   A 15 ? 0.3680 0.4224 0.4185 -0.0155 -0.0358 0.0318  15 C   A C6    
488 P  P     . A   A 16 ? 0.4503 0.4108 0.4843 0.0235  0.0436  0.0321  16 A   A P     
489 O  OP1   . A   A 16 ? 0.4922 0.4096 0.5149 0.0364  0.0841  0.0382  16 A   A OP1   
490 O  OP2   . A   A 16 ? 0.3839 0.3969 0.4790 0.0146  0.0276  0.0393  16 A   A OP2   
491 O  "O5'" . A   A 16 ? 0.4010 0.3691 0.4153 0.0164  0.0242  0.0213  16 A   A "O5'" 
492 C  "C5'" . A   A 16 ? 0.5340 0.4509 0.4897 0.0207  0.0226  0.0143  16 A   A "C5'" 
493 C  "C4'" . A   A 16 ? 0.3778 0.3148 0.3385 0.0141  -0.0025 0.0053  16 A   A "C4'" 
494 O  "O4'" . A   A 16 ? 0.3491 0.3244 0.3363 0.0074  -0.0224 0.0028  16 A   A "O4'" 
495 C  "C3'" . A   A 16 ? 0.3922 0.3633 0.3890 0.0104  0.0008  0.0045  16 A   A "C3'" 
496 O  "O3'" . A   A 16 ? 0.6585 0.5946 0.6341 0.0141  0.0156  0.0067  16 A   A "O3'" 
497 C  "C2'" . A   A 16 ? 0.3800 0.3773 0.3878 0.0063  -0.0215 -0.0056 16 A   A "C2'" 
498 O  "O2'" . A   A 16 ? 0.3961 0.3603 0.3781 0.0096  -0.0353 -0.0117 16 A   A "O2'" 
499 C  "C1'" . A   A 16 ? 0.2970 0.3089 0.3121 0.0034  -0.0286 -0.0032 16 A   A "C1'" 
500 N  N9    . A   A 16 ? 0.3401 0.3895 0.3803 -0.0028 -0.0255 0.0003  16 A   A N9    
501 C  C8    . A   A 16 ? 0.3909 0.4466 0.4409 -0.0052 -0.0215 0.0099  16 A   A C8    
502 N  N7    . A   A 16 ? 0.3960 0.4731 0.4546 -0.0126 -0.0278 0.0118  16 A   A N7    
503 C  C5    . A   A 16 ? 0.3804 0.4643 0.4305 -0.0133 -0.0285 0.0016  16 A   A C5    
504 C  C6    . A   A 16 ? 0.4434 0.5320 0.4780 -0.0178 -0.0279 -0.0029 16 A   A C6    
505 N  N6    . A   A 16 ? 0.3782 0.4609 0.3942 -0.0257 -0.0342 0.0036  16 A   A N6    
506 N  N1    . A   A 16 ? 0.3057 0.3945 0.3367 -0.0128 -0.0201 -0.0142 16 A   A N1    
507 C  C2    . A   A 16 ? 0.3506 0.4389 0.3997 -0.0058 -0.0219 -0.0191 16 A   A C2    
508 N  N3    . A   A 16 ? 0.3539 0.4298 0.4067 -0.0035 -0.0288 -0.0150 16 A   A N3    
509 C  C4    . A   A 16 ? 0.3992 0.4720 0.4484 -0.0066 -0.0278 -0.0052 16 A   A C4    
521 O  O3P   . CBV A 17 ? 0.3668 0.3590 0.4433 0.0084  0.0363  0.0258  17 CBV A O3P   
522 P  P     . CBV A 17 ? 0.3965 0.3552 0.4195 0.0104  0.0296  0.0150  17 CBV A P     
523 O  O1P   . CBV A 17 ? 0.4043 0.3144 0.3978 0.0144  0.0545  0.0213  17 CBV A O1P   
524 O  O2P   . CBV A 17 ? 0.6807 0.6046 0.6482 0.0152  0.0206  0.0078  17 CBV A O2P   
525 O  "O5'" . CBV A 17 ? 0.3540 0.3424 0.3912 0.0038  0.0015  0.0039  17 CBV A "O5'" 
526 C  "C5'" . CBV A 17 ? 0.3796 0.3449 0.3882 0.0059  -0.0098 -0.0055 17 CBV A "C5'" 
527 C  "C4'" . CBV A 17 ? 0.4584 0.4509 0.4824 0.0040  -0.0296 -0.0179 17 CBV A "C4'" 
528 O  "O4'" . CBV A 17 ? 0.3929 0.4115 0.4244 0.0041  -0.0338 -0.0221 17 CBV A "O4'" 
529 C  "C3'" . CBV A 17 ? 0.3286 0.3373 0.3769 -0.0026 -0.0355 -0.0168 17 CBV A "C3'" 
530 O  "O3'" . CBV A 17 ? 0.3794 0.3677 0.4304 -0.0047 -0.0369 -0.0142 17 CBV A "O3'" 
531 C  "C2'" . CBV A 17 ? 0.3501 0.3721 0.3894 -0.0005 -0.0462 -0.0311 17 CBV A "C2'" 
532 O  "O2'" . CBV A 17 ? 0.3670 0.3756 0.3979 0.0067  -0.0516 -0.0428 17 CBV A "O2'" 
533 C  "C1'" . CBV A 17 ? 0.3945 0.4316 0.4336 0.0017  -0.0389 -0.0294 17 CBV A "C1'" 
534 N  N1    . CBV A 17 ? 0.3788 0.4309 0.4229 -0.0051 -0.0381 -0.0218 17 CBV A N1    
535 C  C2    . CBV A 17 ? 0.3878 0.4418 0.4131 -0.0080 -0.0421 -0.0282 17 CBV A C2    
536 O  O2    . CBV A 17 ? 0.3946 0.4408 0.4053 -0.0028 -0.0387 -0.0403 17 CBV A O2    
537 N  N3    . CBV A 17 ? 0.3906 0.4458 0.4085 -0.0166 -0.0493 -0.0191 17 CBV A N3    
538 C  C4    . CBV A 17 ? 0.3446 0.4100 0.3925 -0.0201 -0.0518 -0.0041 17 CBV A C4    
539 N  N4    . CBV A 17 ? 0.4980 0.5615 0.5450 -0.0284 -0.0657 0.0063  17 CBV A N4    
540 C  C5    . CBV A 17 ? 0.3598 0.4262 0.4321 -0.0139 -0.0384 0.0010  17 CBV A C5    
541 C  C6    . CBV A 17 ? 0.3545 0.4083 0.4148 -0.0073 -0.0320 -0.0078 17 CBV A C6    
542 BR BR    . CBV A 17 ? 0.4235 0.4928 0.5348 -0.0122 -0.0266 0.0197  17 CBV A BR    
554 P  P     . C   A 18 ? 0.3765 0.3711 0.4657 -0.0154 -0.0465 -0.0044 18 C   A P     
555 O  OP1   . C   A 18 ? 0.4239 0.3918 0.5106 -0.0167 -0.0440 -0.0010 18 C   A OP1   
556 O  OP2   . C   A 18 ? 0.3359 0.3495 0.4685 -0.0203 -0.0379 0.0126  18 C   A OP2   
557 O  "O5'" . C   A 18 ? 0.3985 0.3956 0.4691 -0.0170 -0.0719 -0.0195 18 C   A "O5'" 
558 C  "C5'" . C   A 18 ? 0.4281 0.4084 0.4681 -0.0098 -0.0786 -0.0372 18 C   A "C5'" 
559 C  "C4'" . C   A 18 ? 0.5092 0.4770 0.5188 -0.0098 -0.0925 -0.0502 18 C   A "C4'" 
560 O  "O4'" . C   A 18 ? 0.4526 0.4365 0.4477 -0.0071 -0.0800 -0.0523 18 C   A "O4'" 
561 C  "C3'" . C   A 18 ? 0.4747 0.4230 0.4866 -0.0237 -0.1211 -0.0423 18 C   A "C3'" 
562 O  "O3'" . C   A 18 ? 0.5042 0.4255 0.5204 -0.0284 -0.1409 -0.0432 18 C   A "O3'" 
563 C  "C2'" . C   A 18 ? 0.5786 0.5036 0.5320 -0.0219 -0.1266 -0.0545 18 C   A "C2'" 
564 O  "O2'" . C   A 18 ? 0.5587 0.4476 0.4622 -0.0115 -0.1237 -0.0751 18 C   A "O2'" 
565 C  "C1'" . C   A 18 ? 0.4739 0.4340 0.4336 -0.0140 -0.0958 -0.0542 18 C   A "C1'" 
566 N  N1    . C   A 18 ? 0.4389 0.4164 0.4180 -0.0234 -0.1012 -0.0380 18 C   A N1    
567 C  C2    . C   A 18 ? 0.5584 0.5088 0.4903 -0.0297 -0.1150 -0.0387 18 C   A C2    
568 O  O2    . C   A 18 ? 0.5111 0.4183 0.3776 -0.0263 -0.1166 -0.0535 18 C   A O2    
569 N  N3    . C   A 18 ? 0.4967 0.4590 0.4477 -0.0383 -0.1254 -0.0232 18 C   A N3    
570 C  C4    . C   A 18 ? 0.4166 0.4181 0.4345 -0.0383 -0.1162 -0.0089 18 C   A C4    
571 N  N4    . C   A 18 ? 0.4143 0.4248 0.4548 -0.0446 -0.1262 0.0057  18 C   A N4    
572 C  C5    . C   A 18 ? 0.4351 0.4570 0.4900 -0.0309 -0.0956 -0.0089 18 C   A C5    
573 C  C6    . C   A 18 ? 0.4445 0.4527 0.4765 -0.0249 -0.0918 -0.0228 18 C   A C6    
# 
